data_4KTT
#
_entry.id   4KTT
#
_cell.length_a   72.442
_cell.length_b   115.723
_cell.length_c   298.455
_cell.angle_alpha   90.00
_cell.angle_beta   90.00
_cell.angle_gamma   90.00
#
_symmetry.space_group_name_H-M   'P 21 21 21'
#
loop_
_entity.id
_entity.type
_entity.pdbx_description
1 polymer 'S-adenosylmethionine synthase isoform type-2'
2 polymer 'Methionine adenosyltransferase 2 subunit beta'
3 non-polymer 1,2-ETHANEDIOL
4 non-polymer S-ADENOSYLMETHIONINE
5 non-polymer 'PHOSPHATE ION'
6 non-polymer 'MAGNESIUM ION'
7 water water
#
loop_
_entity_poly.entity_id
_entity_poly.type
_entity_poly.pdbx_seq_one_letter_code
_entity_poly.pdbx_strand_id
1 'polypeptide(L)'
;SMNGQLNGFHEAFIEEGTFLFTSESVGEGHPDKICDQISDAVLDAHLQQDPDAKVACETVAKTGMILLAGEITSRAAVDY
QKVVREAVKHIGYDDSSKGFDYKTCNVLVALEQQSPDIAQGVHLDRNEEDIGAGDQGLMFGYATDETEECMPLTIVLAHK
LNAKLAELRRNGTLPWLRPDSKTQVTVQYMQDRGAVLPIRVHTIVISVQHDEEVCLDEMRDALKEKVIKAVVPAKYLDED
TIYHLQPSGRFVIGGPQGDAGLTGRKIIVDTYGGWGAHGGGAFSGKDYTKVDRSAAYAARWVAKSLVKGGLCRRVLVQVS
YAIGVSHPLSISIFHYGTSQKSERELLEIVKKNFDLRPGVIVRDLDLKKPIYQRTAAYGHFGRDSFPWEVPKKLKY
;
A,B,C,D
2 'polypeptide(L)'
;GSHMMPEMPEDMEQEEVNIPNRRVLVTGATGLLGRAVHKEFQQNNWHAVGCGFRRARPKFEQVNLLDSNAVHHIIHDFQP
HVIVHCAAERRPDVVENQPDAASQLNVDASGNLAKEAAAVGAFLIYISSDYVFDGTNPPYREEDIPAPLNLYGKTKLDGE
KAVLENNLGAAVLRIPILYGEVEKLEESAVTVMFDKVQFSNKSANMDHWQQRFPTHVKDVATVCRQLAEKRMLDPSIKGT
FHWSGNEQMTKYEMACAIADAFNLPSSHLRPITDSPVLGAQRPRNAQLDCSKLETLGIGQRTPFRIGIKESLWPFLIDKR
WRQTVFH
;
E,F
#
# COMPACT_ATOMS: atom_id res chain seq x y z
N GLU A 16 41.99 -34.07 -19.26
CA GLU A 16 41.01 -34.39 -20.35
C GLU A 16 40.56 -33.11 -21.06
N GLY A 17 39.74 -33.28 -22.11
CA GLY A 17 39.03 -32.16 -22.76
C GLY A 17 37.62 -32.00 -22.20
N THR A 18 37.50 -32.06 -20.87
CA THR A 18 36.21 -31.98 -20.16
C THR A 18 35.95 -30.56 -19.68
N PHE A 19 34.73 -30.35 -19.18
CA PHE A 19 34.31 -29.05 -18.68
C PHE A 19 33.13 -29.19 -17.73
N LEU A 20 32.87 -28.12 -16.97
CA LEU A 20 31.74 -28.08 -16.05
C LEU A 20 30.68 -27.11 -16.55
N PHE A 21 29.43 -27.39 -16.18
CA PHE A 21 28.35 -26.49 -16.49
C PHE A 21 27.32 -26.62 -15.40
N THR A 22 26.77 -25.48 -14.98
CA THR A 22 25.83 -25.43 -13.89
C THR A 22 24.45 -24.94 -14.37
N SER A 23 23.39 -25.45 -13.76
CA SER A 23 22.05 -24.92 -13.95
C SER A 23 21.35 -25.04 -12.62
N GLU A 24 20.35 -24.20 -12.38
CA GLU A 24 19.64 -24.24 -11.11
C GLU A 24 18.13 -24.47 -11.32
N SER A 25 17.44 -24.79 -10.24
CA SER A 25 15.98 -24.78 -10.21
C SER A 25 15.52 -24.27 -8.85
N VAL A 26 14.22 -24.03 -8.73
CA VAL A 26 13.63 -23.63 -7.47
C VAL A 26 12.35 -24.42 -7.18
N GLY A 27 11.96 -24.43 -5.92
CA GLY A 27 10.75 -25.09 -5.48
C GLY A 27 9.50 -24.25 -5.72
N GLU A 28 8.35 -24.81 -5.37
CA GLU A 28 7.05 -24.16 -5.58
C GLU A 28 6.83 -23.03 -4.59
N GLY A 29 7.48 -23.12 -3.43
CA GLY A 29 7.37 -22.10 -2.41
C GLY A 29 8.31 -20.92 -2.57
N HIS A 30 9.29 -21.00 -3.49
CA HIS A 30 10.07 -19.84 -3.88
C HIS A 30 9.14 -18.72 -4.37
N PRO A 31 9.31 -17.49 -3.84
CA PRO A 31 8.36 -16.37 -4.05
C PRO A 31 8.08 -16.00 -5.51
N ASP A 32 9.13 -15.95 -6.32
CA ASP A 32 8.99 -15.75 -7.76
C ASP A 32 8.15 -16.82 -8.40
N LYS A 33 8.33 -18.07 -7.96
CA LYS A 33 7.61 -19.18 -8.56
C LYS A 33 6.18 -19.21 -8.04
N ILE A 34 5.99 -18.82 -6.79
CA ILE A 34 4.64 -18.57 -6.32
C ILE A 34 3.94 -17.64 -7.31
N CYS A 35 4.60 -16.54 -7.62
CA CYS A 35 4.03 -15.53 -8.49
C CYS A 35 3.71 -16.06 -9.88
N ASP A 36 4.56 -16.95 -10.38
CA ASP A 36 4.30 -17.57 -11.68
C ASP A 36 3.09 -18.51 -11.65
N GLN A 37 2.94 -19.26 -10.56
CA GLN A 37 1.86 -20.23 -10.43
C GLN A 37 0.50 -19.53 -10.33
N ILE A 38 0.45 -18.45 -9.55
CA ILE A 38 -0.78 -17.68 -9.42
C ILE A 38 -1.10 -17.03 -10.73
N SER A 39 -0.08 -16.48 -11.38
CA SER A 39 -0.30 -15.82 -12.65
C SER A 39 -0.97 -16.77 -13.64
N ASP A 40 -0.59 -18.06 -13.62
CA ASP A 40 -1.12 -19.07 -14.54
C ASP A 40 -2.40 -19.74 -14.01
N ALA A 41 -2.56 -19.81 -12.70
CA ALA A 41 -3.84 -20.16 -12.11
C ALA A 41 -4.90 -19.13 -12.50
N VAL A 42 -4.54 -17.84 -12.51
CA VAL A 42 -5.46 -16.80 -12.94
C VAL A 42 -5.87 -17.03 -14.39
N LEU A 43 -4.86 -17.13 -15.26
CA LEU A 43 -5.06 -17.51 -16.66
C LEU A 43 -6.02 -18.69 -16.83
N ASP A 44 -5.75 -19.79 -16.15
CA ASP A 44 -6.61 -20.96 -16.21
C ASP A 44 -8.06 -20.64 -15.85
N ALA A 45 -8.27 -20.09 -14.66
CA ALA A 45 -9.61 -19.67 -14.24
C ALA A 45 -10.35 -18.86 -15.34
N HIS A 46 -9.63 -18.03 -16.09
CA HIS A 46 -10.27 -17.25 -17.17
C HIS A 46 -10.60 -18.07 -18.41
N LEU A 47 -9.64 -18.89 -18.83
CA LEU A 47 -9.81 -19.68 -20.05
C LEU A 47 -10.92 -20.73 -19.89
N GLN A 48 -10.98 -21.35 -18.71
CA GLN A 48 -11.98 -22.37 -18.39
C GLN A 48 -13.39 -21.84 -18.55
N GLN A 49 -13.57 -20.54 -18.35
CA GLN A 49 -14.84 -19.87 -18.61
C GLN A 49 -14.85 -19.32 -20.04
N ASP A 50 -13.74 -18.69 -20.44
CA ASP A 50 -13.66 -18.01 -21.74
C ASP A 50 -12.45 -18.46 -22.54
N PRO A 51 -12.65 -19.36 -23.53
CA PRO A 51 -11.56 -19.81 -24.39
C PRO A 51 -10.72 -18.70 -25.04
N ASP A 52 -11.33 -17.55 -25.36
CA ASP A 52 -10.60 -16.48 -26.05
C ASP A 52 -10.16 -15.33 -25.14
N ALA A 53 -10.08 -15.58 -23.83
CA ALA A 53 -9.69 -14.53 -22.88
C ALA A 53 -8.25 -14.10 -23.10
N LYS A 54 -8.04 -12.79 -23.18
CA LYS A 54 -6.72 -12.21 -23.32
C LYS A 54 -6.23 -11.84 -21.93
N VAL A 55 -4.96 -12.15 -21.64
CA VAL A 55 -4.43 -12.06 -20.28
C VAL A 55 -2.96 -11.67 -20.26
N ALA A 56 -2.67 -10.62 -19.50
CA ALA A 56 -1.29 -10.27 -19.13
C ALA A 56 -1.29 -10.02 -17.62
N CYS A 57 -1.22 -11.11 -16.85
CA CYS A 57 -1.37 -11.04 -15.40
C CYS A 57 -0.04 -11.15 -14.65
N GLU A 58 0.39 -10.04 -14.07
CA GLU A 58 1.58 -10.00 -13.22
C GLU A 58 1.14 -10.26 -11.79
N THR A 59 1.93 -11.05 -11.07
CA THR A 59 1.71 -11.31 -9.65
C THR A 59 2.94 -10.86 -8.87
N VAL A 60 2.71 -10.18 -7.76
CA VAL A 60 3.80 -9.75 -6.87
C VAL A 60 3.53 -10.30 -5.47
N ALA A 61 4.56 -10.86 -4.84
CA ALA A 61 4.40 -11.47 -3.52
C ALA A 61 5.41 -10.94 -2.52
N LYS A 62 4.92 -10.60 -1.32
CA LYS A 62 5.74 -10.13 -0.22
C LYS A 62 4.98 -10.36 1.08
N THR A 63 5.67 -10.26 2.22
CA THR A 63 5.07 -10.61 3.51
C THR A 63 3.59 -10.30 3.58
N GLY A 64 2.79 -11.37 3.63
CA GLY A 64 1.33 -11.29 3.80
C GLY A 64 0.57 -10.67 2.65
N MET A 65 1.19 -10.55 1.49
CA MET A 65 0.55 -9.90 0.37
C MET A 65 0.72 -10.67 -0.92
N ILE A 66 -0.39 -10.83 -1.65
CA ILE A 66 -0.40 -11.21 -3.05
C ILE A 66 -1.07 -10.06 -3.76
N LEU A 67 -0.32 -9.41 -4.64
CA LEU A 67 -0.87 -8.37 -5.50
C LEU A 67 -0.95 -8.93 -6.92
N LEU A 68 -2.14 -8.88 -7.51
CA LEU A 68 -2.35 -9.20 -8.93
C LEU A 68 -2.42 -7.90 -9.73
N ALA A 69 -1.69 -7.81 -10.83
CA ALA A 69 -1.69 -6.61 -11.67
C ALA A 69 -1.56 -6.94 -13.16
N GLY A 70 -2.14 -6.09 -14.01
CA GLY A 70 -2.05 -6.29 -15.43
C GLY A 70 -3.34 -6.03 -16.18
N GLU A 71 -3.36 -6.49 -17.43
CA GLU A 71 -4.40 -6.18 -18.39
C GLU A 71 -5.14 -7.47 -18.71
N ILE A 72 -6.47 -7.41 -18.70
CA ILE A 72 -7.27 -8.57 -19.01
C ILE A 72 -8.49 -8.21 -19.85
N THR A 73 -8.66 -8.92 -20.97
CA THR A 73 -9.87 -8.80 -21.78
C THR A 73 -10.55 -10.17 -21.80
N SER A 74 -11.67 -10.28 -21.10
CA SER A 74 -12.33 -11.56 -20.91
C SER A 74 -13.83 -11.38 -20.69
N ARG A 75 -14.59 -12.43 -21.00
CA ARG A 75 -16.02 -12.48 -20.70
C ARG A 75 -16.26 -13.21 -19.39
N ALA A 76 -15.18 -13.69 -18.77
CA ALA A 76 -15.30 -14.46 -17.54
C ALA A 76 -15.32 -13.56 -16.32
N ALA A 77 -16.04 -14.00 -15.30
CA ALA A 77 -16.00 -13.36 -13.99
C ALA A 77 -15.31 -14.37 -13.08
N VAL A 78 -14.15 -13.97 -12.56
CA VAL A 78 -13.30 -14.87 -11.78
C VAL A 78 -13.21 -14.42 -10.32
N ASP A 79 -13.35 -15.39 -9.43
CA ASP A 79 -13.20 -15.13 -8.02
C ASP A 79 -11.71 -15.15 -7.73
N TYR A 80 -11.08 -13.98 -7.84
CA TYR A 80 -9.62 -13.88 -7.71
C TYR A 80 -9.15 -14.37 -6.34
N GLN A 81 -9.97 -14.13 -5.33
CA GLN A 81 -9.66 -14.53 -3.98
C GLN A 81 -9.57 -16.06 -3.79
N LYS A 82 -10.46 -16.80 -4.45
CA LYS A 82 -10.40 -18.28 -4.40
C LYS A 82 -9.21 -18.81 -5.19
N VAL A 83 -8.93 -18.18 -6.32
CA VAL A 83 -7.82 -18.59 -7.16
C VAL A 83 -6.52 -18.47 -6.40
N VAL A 84 -6.29 -17.30 -5.81
CA VAL A 84 -5.06 -17.00 -5.10
C VAL A 84 -4.90 -17.90 -3.89
N ARG A 85 -5.89 -17.92 -3.01
CA ARG A 85 -5.80 -18.74 -1.78
C ARG A 85 -5.65 -20.24 -2.06
N GLU A 86 -6.30 -20.74 -3.11
CA GLU A 86 -6.17 -22.15 -3.48
C GLU A 86 -4.74 -22.50 -3.92
N ALA A 87 -4.13 -21.62 -4.72
CA ALA A 87 -2.74 -21.80 -5.16
C ALA A 87 -1.78 -21.84 -3.99
N VAL A 88 -2.02 -20.97 -3.02
CA VAL A 88 -1.11 -20.80 -1.91
C VAL A 88 -1.30 -21.96 -0.96
N LYS A 89 -2.54 -22.43 -0.83
CA LYS A 89 -2.83 -23.68 -0.10
C LYS A 89 -2.08 -24.85 -0.73
N HIS A 90 -2.28 -25.05 -2.02
CA HIS A 90 -1.60 -26.09 -2.78
C HIS A 90 -0.07 -26.07 -2.58
N ILE A 91 0.52 -24.88 -2.68
CA ILE A 91 1.96 -24.72 -2.56
C ILE A 91 2.45 -25.18 -1.19
N GLY A 92 1.63 -24.94 -0.16
CA GLY A 92 1.89 -25.38 1.22
C GLY A 92 1.93 -24.30 2.29
N TYR A 93 1.62 -23.05 1.93
CA TYR A 93 1.70 -21.94 2.89
C TYR A 93 0.36 -21.77 3.60
N ASP A 94 0.22 -22.54 4.69
CA ASP A 94 -1.03 -22.68 5.41
C ASP A 94 -0.94 -22.29 6.90
N ASP A 95 0.19 -21.72 7.32
CA ASP A 95 0.32 -21.23 8.70
C ASP A 95 1.33 -20.09 8.82
N SER A 96 1.08 -19.19 9.78
CA SER A 96 1.95 -18.04 10.05
C SER A 96 3.33 -18.45 10.53
N SER A 97 3.40 -19.59 11.22
CA SER A 97 4.68 -20.16 11.67
C SER A 97 5.59 -20.53 10.49
N LYS A 98 5.01 -20.66 9.29
CA LYS A 98 5.77 -20.91 8.07
C LYS A 98 5.98 -19.64 7.25
N GLY A 99 5.55 -18.50 7.77
CA GLY A 99 5.84 -17.20 7.14
C GLY A 99 4.70 -16.69 6.30
N PHE A 100 3.72 -17.55 6.05
CA PHE A 100 2.66 -17.24 5.09
C PHE A 100 1.45 -18.17 5.25
N ASP A 101 0.26 -17.62 5.06
CA ASP A 101 -0.96 -18.40 5.21
C ASP A 101 -2.02 -17.94 4.23
N TYR A 102 -2.48 -18.87 3.38
CA TYR A 102 -3.56 -18.61 2.42
C TYR A 102 -4.86 -18.20 3.12
N LYS A 103 -5.03 -18.65 4.36
CA LYS A 103 -6.23 -18.32 5.12
C LYS A 103 -6.31 -16.83 5.49
N THR A 104 -5.16 -16.22 5.82
CA THR A 104 -5.13 -14.87 6.39
C THR A 104 -4.42 -13.82 5.54
N CYS A 105 -3.80 -14.21 4.43
CA CYS A 105 -3.04 -13.25 3.63
C CYS A 105 -3.94 -12.20 2.96
N ASN A 106 -3.31 -11.15 2.42
CA ASN A 106 -4.01 -10.02 1.78
C ASN A 106 -3.95 -10.18 0.27
N VAL A 107 -5.10 -10.16 -0.37
CA VAL A 107 -5.18 -10.25 -1.81
C VAL A 107 -5.64 -8.90 -2.33
N LEU A 108 -4.76 -8.26 -3.10
CA LEU A 108 -5.01 -6.95 -3.69
C LEU A 108 -5.09 -7.14 -5.18
N VAL A 109 -6.09 -6.53 -5.81
CA VAL A 109 -6.28 -6.65 -7.23
C VAL A 109 -6.24 -5.26 -7.86
N ALA A 110 -5.39 -5.09 -8.86
CA ALA A 110 -5.31 -3.85 -9.61
C ALA A 110 -5.48 -4.09 -11.11
N LEU A 111 -6.03 -5.26 -11.46
CA LEU A 111 -6.19 -5.66 -12.85
C LEU A 111 -7.14 -4.73 -13.60
N GLU A 112 -6.85 -4.54 -14.89
CA GLU A 112 -7.71 -3.73 -15.74
C GLU A 112 -8.46 -4.59 -16.77
N GLN A 113 -9.55 -5.20 -16.31
CA GLN A 113 -10.45 -5.99 -17.15
C GLN A 113 -11.26 -5.10 -18.11
N GLN A 114 -11.61 -5.69 -19.25
CA GLN A 114 -12.68 -5.19 -20.12
C GLN A 114 -13.42 -6.41 -20.62
N SER A 115 -14.61 -6.22 -21.17
CA SER A 115 -15.28 -7.27 -21.91
C SER A 115 -15.27 -6.85 -23.38
N PRO A 116 -15.31 -7.83 -24.30
CA PRO A 116 -15.39 -7.53 -25.73
C PRO A 116 -16.84 -7.39 -26.21
N GLN A 136 8.92 -8.89 -35.73
CA GLN A 136 8.46 -8.93 -34.35
C GLN A 136 8.90 -10.21 -33.63
N GLY A 137 10.16 -10.22 -33.16
CA GLY A 137 10.61 -11.17 -32.13
C GLY A 137 11.32 -12.45 -32.57
N LEU A 138 12.38 -12.79 -31.81
CA LEU A 138 13.08 -14.07 -31.92
C LEU A 138 12.59 -15.03 -30.84
N MET A 139 12.52 -16.32 -31.17
CA MET A 139 12.18 -17.36 -30.20
C MET A 139 12.99 -18.62 -30.46
N PHE A 140 13.34 -19.33 -29.40
CA PHE A 140 14.34 -20.39 -29.47
C PHE A 140 13.83 -21.70 -28.91
N GLY A 141 14.07 -22.79 -29.63
CA GLY A 141 13.86 -24.12 -29.09
C GLY A 141 15.18 -24.85 -28.98
N TYR A 142 15.32 -25.71 -27.97
CA TYR A 142 16.55 -26.48 -27.81
C TYR A 142 16.26 -27.88 -27.31
N ALA A 143 17.05 -28.83 -27.80
CA ALA A 143 16.94 -30.21 -27.37
C ALA A 143 18.33 -30.85 -27.36
N THR A 144 18.52 -31.83 -26.48
CA THR A 144 19.80 -32.54 -26.34
C THR A 144 19.58 -34.00 -25.93
N ASP A 145 20.31 -34.92 -26.57
CA ASP A 145 20.11 -36.34 -26.31
C ASP A 145 20.79 -36.85 -25.02
N GLU A 146 21.31 -35.94 -24.21
CA GLU A 146 22.02 -36.33 -23.01
C GLU A 146 21.12 -36.82 -21.87
N THR A 147 19.81 -36.57 -21.98
CA THR A 147 18.81 -37.19 -21.07
C THR A 147 17.62 -37.73 -21.85
N GLU A 148 16.85 -38.61 -21.20
CA GLU A 148 15.64 -39.16 -21.81
C GLU A 148 14.63 -38.05 -22.08
N GLU A 149 14.63 -37.02 -21.24
CA GLU A 149 13.68 -35.92 -21.38
C GLU A 149 14.16 -34.92 -22.42
N CYS A 150 15.34 -35.17 -22.98
CA CYS A 150 15.95 -34.34 -24.03
C CYS A 150 16.34 -32.94 -23.52
N MET A 151 16.62 -32.85 -22.23
CA MET A 151 17.00 -31.61 -21.60
C MET A 151 18.40 -31.71 -21.04
N PRO A 152 19.07 -30.55 -20.86
CA PRO A 152 20.39 -30.65 -20.24
C PRO A 152 20.28 -31.36 -18.92
N LEU A 153 21.21 -32.27 -18.63
CA LEU A 153 21.18 -33.00 -17.37
C LEU A 153 21.20 -32.05 -16.18
N THR A 154 21.94 -30.95 -16.30
CA THR A 154 22.06 -30.01 -15.18
C THR A 154 20.68 -29.61 -14.68
N ILE A 155 19.86 -29.03 -15.55
CA ILE A 155 18.56 -28.53 -15.11
C ILE A 155 17.61 -29.67 -14.71
N VAL A 156 17.64 -30.75 -15.48
CA VAL A 156 16.82 -31.92 -15.17
C VAL A 156 17.01 -32.39 -13.72
N LEU A 157 18.26 -32.55 -13.29
CA LEU A 157 18.52 -32.96 -11.90
C LEU A 157 18.10 -31.88 -10.89
N ALA A 158 18.36 -30.62 -11.22
CA ALA A 158 17.97 -29.51 -10.35
C ALA A 158 16.45 -29.51 -10.15
N HIS A 159 15.72 -29.60 -11.25
CA HIS A 159 14.26 -29.68 -11.20
C HIS A 159 13.80 -30.82 -10.32
N LYS A 160 14.31 -32.00 -10.61
CA LYS A 160 13.89 -33.21 -9.91
C LYS A 160 14.21 -33.16 -8.43
N LEU A 161 15.31 -32.52 -8.07
CA LEU A 161 15.66 -32.39 -6.66
C LEU A 161 14.60 -31.61 -5.89
N ASN A 162 14.13 -30.50 -6.45
CA ASN A 162 13.03 -29.71 -5.87
C ASN A 162 11.72 -30.50 -5.77
N ALA A 163 11.50 -31.42 -6.71
CA ALA A 163 10.28 -32.24 -6.74
C ALA A 163 10.29 -33.32 -5.68
N LYS A 164 11.44 -33.95 -5.46
CA LYS A 164 11.53 -34.90 -4.36
C LYS A 164 11.33 -34.21 -3.02
N LEU A 165 11.72 -32.93 -2.91
CA LEU A 165 11.51 -32.19 -1.67
C LEU A 165 10.02 -31.95 -1.43
N ALA A 166 9.32 -31.47 -2.45
CA ALA A 166 7.87 -31.24 -2.31
C ALA A 166 7.13 -32.55 -2.02
N GLU A 167 7.54 -33.63 -2.70
CA GLU A 167 6.93 -34.93 -2.55
C GLU A 167 7.09 -35.41 -1.10
N LEU A 168 8.34 -35.38 -0.62
CA LEU A 168 8.66 -35.84 0.73
C LEU A 168 8.07 -34.94 1.83
N ARG A 169 7.87 -33.66 1.52
CA ARG A 169 7.19 -32.74 2.43
C ARG A 169 5.71 -33.15 2.57
N ARG A 170 5.08 -33.43 1.44
CA ARG A 170 3.66 -33.78 1.40
C ARG A 170 3.40 -35.21 1.88
N ASN A 171 4.32 -36.12 1.57
CA ASN A 171 4.42 -37.43 2.23
C ASN A 171 4.32 -37.35 3.73
N GLY A 172 5.02 -36.38 4.30
CA GLY A 172 5.26 -36.35 5.74
C GLY A 172 6.45 -37.24 6.08
N THR A 173 7.26 -37.54 5.06
CA THR A 173 8.48 -38.31 5.25
C THR A 173 9.52 -37.42 5.90
N LEU A 174 9.58 -36.18 5.42
CA LEU A 174 10.42 -35.16 6.00
C LEU A 174 9.51 -34.01 6.44
N PRO A 175 8.87 -34.16 7.60
CA PRO A 175 7.80 -33.25 8.00
C PRO A 175 8.30 -31.85 8.35
N TRP A 176 9.61 -31.74 8.60
CA TRP A 176 10.26 -30.46 8.90
C TRP A 176 10.51 -29.60 7.66
N LEU A 177 10.22 -30.15 6.47
CA LEU A 177 10.33 -29.38 5.24
C LEU A 177 9.30 -28.28 5.20
N ARG A 178 9.66 -27.22 4.47
CA ARG A 178 8.74 -26.14 4.14
C ARG A 178 8.82 -25.82 2.65
N PRO A 179 7.84 -25.07 2.11
CA PRO A 179 7.69 -24.96 0.66
C PRO A 179 8.82 -24.28 -0.13
N ASP A 180 9.52 -23.32 0.48
CA ASP A 180 10.55 -22.57 -0.25
C ASP A 180 11.85 -23.37 -0.30
N SER A 181 12.40 -23.55 -1.49
CA SER A 181 13.64 -24.28 -1.69
C SER A 181 14.33 -23.87 -2.97
N LYS A 182 15.63 -24.15 -3.06
CA LYS A 182 16.39 -23.95 -4.29
C LYS A 182 17.45 -25.04 -4.46
N THR A 183 17.71 -25.41 -5.71
CA THR A 183 18.70 -26.41 -6.02
C THR A 183 19.65 -25.96 -7.11
N GLN A 184 20.82 -26.56 -7.13
CA GLN A 184 21.82 -26.25 -8.15
C GLN A 184 22.67 -27.48 -8.43
N VAL A 185 22.82 -27.82 -9.70
CA VAL A 185 23.60 -28.97 -10.10
C VAL A 185 24.70 -28.51 -11.05
N THR A 186 25.93 -28.89 -10.74
CA THR A 186 27.03 -28.70 -11.68
C THR A 186 27.43 -30.07 -12.18
N VAL A 187 27.36 -30.26 -13.50
CA VAL A 187 27.75 -31.52 -14.13
C VAL A 187 29.08 -31.33 -14.85
N GLN A 188 29.93 -32.35 -14.75
CA GLN A 188 31.16 -32.45 -15.52
C GLN A 188 30.85 -33.16 -16.86
N TYR A 189 31.17 -32.47 -17.95
CA TYR A 189 30.82 -32.91 -19.30
C TYR A 189 32.05 -33.21 -20.13
N MET A 190 31.84 -33.97 -21.20
CA MET A 190 32.83 -34.19 -22.22
C MET A 190 32.29 -33.63 -23.52
N GLN A 191 33.16 -32.98 -24.30
CA GLN A 191 32.86 -32.65 -25.68
C GLN A 191 32.93 -33.93 -26.50
N ASP A 192 31.87 -34.24 -27.27
CA ASP A 192 31.90 -35.41 -28.17
C ASP A 192 31.26 -35.12 -29.53
N ARG A 193 32.04 -34.50 -30.41
CA ARG A 193 31.64 -34.28 -31.81
C ARG A 193 30.39 -33.40 -31.93
N GLY A 194 30.40 -32.26 -31.24
CA GLY A 194 29.26 -31.36 -31.23
C GLY A 194 28.29 -31.62 -30.08
N ALA A 195 28.12 -32.89 -29.72
CA ALA A 195 27.27 -33.27 -28.60
C ALA A 195 28.01 -33.05 -27.27
N VAL A 196 27.26 -33.15 -26.17
CA VAL A 196 27.81 -33.05 -24.83
C VAL A 196 27.51 -34.32 -24.03
N LEU A 197 28.55 -34.87 -23.40
CA LEU A 197 28.49 -36.19 -22.76
C LEU A 197 28.66 -36.04 -21.25
N PRO A 198 27.56 -36.17 -20.48
CA PRO A 198 27.70 -36.07 -19.02
C PRO A 198 28.58 -37.18 -18.47
N ILE A 199 29.48 -36.87 -17.55
CA ILE A 199 30.36 -37.87 -16.96
C ILE A 199 30.02 -38.15 -15.51
N ARG A 200 29.94 -37.10 -14.71
CA ARG A 200 29.62 -37.21 -13.30
C ARG A 200 29.02 -35.92 -12.77
N VAL A 201 28.37 -36.01 -11.61
CA VAL A 201 27.92 -34.84 -10.91
C VAL A 201 29.06 -34.37 -10.00
N HIS A 202 29.54 -33.17 -10.33
CA HIS A 202 30.63 -32.50 -9.65
C HIS A 202 30.17 -31.83 -8.35
N THR A 203 29.10 -31.04 -8.43
CA THR A 203 28.62 -30.28 -7.28
C THR A 203 27.10 -30.14 -7.25
N ILE A 204 26.54 -30.27 -6.05
CA ILE A 204 25.12 -30.11 -5.83
C ILE A 204 24.89 -29.15 -4.67
N VAL A 205 23.99 -28.19 -4.89
CA VAL A 205 23.55 -27.30 -3.83
C VAL A 205 22.07 -27.51 -3.56
N ILE A 206 21.71 -27.66 -2.29
CA ILE A 206 20.32 -27.61 -1.87
C ILE A 206 20.14 -26.72 -0.66
N SER A 207 19.31 -25.69 -0.84
CA SER A 207 18.81 -24.88 0.27
C SER A 207 17.29 -25.04 0.36
N VAL A 208 16.78 -25.43 1.52
CA VAL A 208 15.35 -25.59 1.69
C VAL A 208 14.92 -25.00 3.03
N GLN A 209 13.76 -24.35 3.02
CA GLN A 209 13.21 -23.75 4.23
C GLN A 209 12.81 -24.88 5.16
N HIS A 210 13.03 -24.70 6.44
CA HIS A 210 12.72 -25.75 7.41
C HIS A 210 12.13 -25.17 8.68
N ASP A 211 11.54 -26.04 9.51
CA ASP A 211 11.03 -25.63 10.82
C ASP A 211 12.17 -25.41 11.82
N GLU A 212 11.83 -25.04 13.05
CA GLU A 212 12.82 -24.73 14.08
C GLU A 212 13.19 -25.95 14.94
N GLU A 213 12.54 -27.09 14.70
CA GLU A 213 12.81 -28.29 15.48
C GLU A 213 14.08 -28.98 15.00
N VAL A 214 14.07 -29.43 13.76
CA VAL A 214 15.14 -30.26 13.24
C VAL A 214 16.52 -29.59 13.28
N CYS A 215 17.56 -30.40 13.51
CA CYS A 215 18.93 -29.89 13.59
C CYS A 215 19.61 -29.95 12.22
N LEU A 216 20.79 -29.34 12.13
CA LEU A 216 21.48 -29.19 10.86
C LEU A 216 22.01 -30.52 10.30
N ASP A 217 22.68 -31.29 11.16
CA ASP A 217 23.23 -32.57 10.74
C ASP A 217 22.14 -33.50 10.21
N GLU A 218 21.03 -33.60 10.93
CA GLU A 218 19.92 -34.45 10.48
C GLU A 218 19.44 -34.03 9.09
N MET A 219 19.23 -32.73 8.92
CA MET A 219 18.77 -32.18 7.64
C MET A 219 19.74 -32.58 6.53
N ARG A 220 21.01 -32.28 6.75
CA ARG A 220 22.04 -32.60 5.76
C ARG A 220 22.12 -34.10 5.45
N ASP A 221 22.08 -34.93 6.49
CA ASP A 221 22.04 -36.39 6.33
C ASP A 221 20.81 -36.84 5.52
N ALA A 222 19.70 -36.11 5.64
CA ALA A 222 18.47 -36.45 4.96
C ALA A 222 18.49 -36.04 3.49
N LEU A 223 19.02 -34.85 3.21
CA LEU A 223 19.03 -34.32 1.85
C LEU A 223 19.89 -35.18 0.95
N LYS A 224 21.05 -35.59 1.46
CA LYS A 224 21.95 -36.47 0.71
C LYS A 224 21.33 -37.85 0.49
N GLU A 225 20.92 -38.51 1.57
CA GLU A 225 20.43 -39.90 1.52
C GLU A 225 19.01 -40.10 0.97
N LYS A 226 18.07 -39.22 1.32
CA LYS A 226 16.67 -39.37 0.88
C LYS A 226 16.31 -38.61 -0.39
N VAL A 227 17.00 -37.51 -0.68
CA VAL A 227 16.66 -36.66 -1.83
C VAL A 227 17.65 -36.87 -2.99
N ILE A 228 18.93 -36.63 -2.71
CA ILE A 228 19.95 -36.70 -3.74
C ILE A 228 20.11 -38.12 -4.30
N LYS A 229 20.29 -39.10 -3.40
CA LYS A 229 20.51 -40.47 -3.84
C LYS A 229 19.28 -41.12 -4.48
N ALA A 230 18.10 -40.55 -4.25
CA ALA A 230 16.87 -41.00 -4.89
C ALA A 230 16.60 -40.33 -6.22
N VAL A 231 17.30 -39.25 -6.54
CA VAL A 231 17.07 -38.51 -7.78
C VAL A 231 18.22 -38.71 -8.78
N VAL A 232 19.46 -38.63 -8.30
CA VAL A 232 20.63 -38.70 -9.17
C VAL A 232 21.03 -40.16 -9.38
N PRO A 233 21.13 -40.59 -10.64
CA PRO A 233 21.60 -41.96 -10.90
C PRO A 233 22.95 -42.21 -10.25
N ALA A 234 23.08 -43.38 -9.62
CA ALA A 234 24.28 -43.77 -8.90
C ALA A 234 25.56 -43.54 -9.70
N LYS A 235 25.53 -43.92 -10.97
CA LYS A 235 26.72 -43.80 -11.82
C LYS A 235 27.35 -42.39 -11.83
N TYR A 236 26.53 -41.35 -11.66
CA TYR A 236 27.02 -39.97 -11.63
C TYR A 236 27.52 -39.50 -10.27
N LEU A 237 27.24 -40.24 -9.20
CA LEU A 237 27.70 -39.88 -7.86
C LEU A 237 28.93 -40.68 -7.45
N ASP A 238 29.98 -39.96 -7.08
CA ASP A 238 31.21 -40.57 -6.55
C ASP A 238 31.63 -39.86 -5.27
N GLU A 239 32.68 -40.37 -4.65
CA GLU A 239 33.21 -39.78 -3.40
C GLU A 239 33.77 -38.35 -3.55
N ASP A 240 34.12 -37.93 -4.75
CA ASP A 240 34.61 -36.56 -4.96
C ASP A 240 33.49 -35.56 -5.27
N THR A 241 32.26 -36.04 -5.35
CA THR A 241 31.12 -35.16 -5.53
C THR A 241 30.93 -34.24 -4.32
N ILE A 242 31.03 -32.93 -4.55
CA ILE A 242 30.87 -31.91 -3.49
C ILE A 242 29.40 -31.62 -3.20
N TYR A 243 29.07 -31.50 -1.91
CA TYR A 243 27.70 -31.29 -1.46
C TYR A 243 27.60 -30.06 -0.58
N HIS A 244 26.96 -29.01 -1.09
CA HIS A 244 26.64 -27.82 -0.31
C HIS A 244 25.18 -27.92 0.13
N LEU A 245 24.96 -28.47 1.31
CA LEU A 245 23.62 -28.75 1.80
C LEU A 245 23.32 -27.88 3.00
N GLN A 246 22.21 -27.16 2.94
CA GLN A 246 21.90 -26.10 3.89
C GLN A 246 23.14 -25.25 4.15
N PRO A 247 23.79 -24.78 3.07
CA PRO A 247 25.01 -23.97 3.16
C PRO A 247 24.83 -22.64 3.88
N SER A 248 23.60 -22.10 3.87
CA SER A 248 23.28 -20.89 4.64
C SER A 248 23.37 -21.13 6.14
N GLY A 249 23.12 -22.37 6.57
CA GLY A 249 23.15 -22.73 7.99
C GLY A 249 21.80 -22.59 8.69
N ARG A 250 20.96 -21.71 8.17
CA ARG A 250 19.63 -21.49 8.71
C ARG A 250 18.72 -20.93 7.62
N PHE A 251 17.59 -21.58 7.42
CA PHE A 251 16.59 -21.22 6.42
C PHE A 251 15.23 -21.48 7.04
N VAL A 252 14.90 -20.72 8.08
CA VAL A 252 13.62 -20.82 8.78
C VAL A 252 12.68 -19.76 8.25
N ILE A 253 13.17 -18.52 8.15
CA ILE A 253 12.47 -17.45 7.44
C ILE A 253 12.61 -17.72 5.95
N GLY A 254 11.49 -17.72 5.24
CA GLY A 254 11.47 -17.96 3.80
C GLY A 254 10.15 -17.61 3.13
N GLY A 255 9.96 -18.06 1.90
CA GLY A 255 8.80 -17.67 1.14
C GLY A 255 8.80 -16.15 0.94
N PRO A 256 7.62 -15.57 0.66
CA PRO A 256 7.56 -14.12 0.43
C PRO A 256 8.15 -13.31 1.59
N GLN A 257 8.04 -13.81 2.81
CA GLN A 257 8.64 -13.16 3.98
C GLN A 257 10.16 -12.98 3.81
N GLY A 258 10.84 -14.05 3.37
CA GLY A 258 12.28 -13.97 3.12
C GLY A 258 12.74 -13.09 1.97
N ASP A 259 11.91 -12.96 0.94
CA ASP A 259 12.34 -12.38 -0.34
C ASP A 259 11.11 -12.05 -1.19
N ALA A 260 11.04 -10.82 -1.70
CA ALA A 260 9.93 -10.43 -2.54
C ALA A 260 9.89 -11.35 -3.75
N GLY A 261 8.70 -11.73 -4.19
CA GLY A 261 8.55 -12.51 -5.42
C GLY A 261 7.85 -11.73 -6.53
N LEU A 262 8.28 -11.95 -7.77
CA LEU A 262 7.59 -11.41 -8.93
C LEU A 262 7.42 -12.45 -10.04
N THR A 263 6.34 -12.29 -10.82
CA THR A 263 6.09 -13.10 -12.01
C THR A 263 7.17 -12.80 -13.04
N GLY A 264 7.66 -13.84 -13.72
CA GLY A 264 8.60 -13.64 -14.84
C GLY A 264 10.08 -13.46 -14.52
N ARG A 265 10.48 -13.88 -13.31
CA ARG A 265 11.83 -13.70 -12.79
C ARG A 265 12.60 -15.01 -12.67
N LYS A 266 12.14 -16.03 -13.39
CA LYS A 266 12.78 -17.33 -13.36
C LYS A 266 12.70 -17.94 -14.75
N ILE A 267 12.95 -17.10 -15.75
CA ILE A 267 12.79 -17.48 -17.13
C ILE A 267 13.81 -18.52 -17.59
N ILE A 268 14.96 -18.57 -16.92
CA ILE A 268 16.01 -19.52 -17.30
C ILE A 268 15.76 -20.86 -16.61
N VAL A 269 15.19 -20.80 -15.42
CA VAL A 269 14.70 -22.00 -14.74
C VAL A 269 13.50 -22.60 -15.49
N ASP A 270 12.67 -21.73 -16.07
CA ASP A 270 11.54 -22.19 -16.88
C ASP A 270 11.97 -22.88 -18.16
N THR A 271 13.17 -22.58 -18.63
CA THR A 271 13.60 -23.04 -19.94
C THR A 271 14.80 -24.00 -19.87
N TYR A 272 15.99 -23.51 -20.23
CA TYR A 272 17.12 -24.40 -20.50
C TYR A 272 18.33 -24.30 -19.54
N GLY A 273 18.17 -23.57 -18.44
CA GLY A 273 19.22 -23.50 -17.44
C GLY A 273 20.58 -23.03 -17.91
N GLY A 274 20.60 -22.01 -18.77
CA GLY A 274 21.85 -21.46 -19.31
C GLY A 274 22.27 -22.11 -20.62
N TRP A 275 21.62 -23.22 -20.96
CA TRP A 275 21.86 -23.85 -22.25
C TRP A 275 20.98 -23.22 -23.33
N GLY A 276 21.25 -23.58 -24.58
CA GLY A 276 20.48 -23.03 -25.70
C GLY A 276 20.54 -21.52 -25.73
N ALA A 277 19.38 -20.88 -25.72
CA ALA A 277 19.28 -19.43 -25.87
C ALA A 277 17.94 -18.92 -25.41
N HIS A 278 17.84 -17.61 -25.22
CA HIS A 278 16.60 -17.00 -24.79
C HIS A 278 16.50 -15.54 -25.25
N GLY A 279 15.34 -15.16 -25.80
CA GLY A 279 15.09 -13.82 -26.34
C GLY A 279 14.60 -12.79 -25.34
N GLY A 280 13.80 -13.21 -24.37
CA GLY A 280 13.55 -12.41 -23.19
C GLY A 280 12.19 -12.43 -22.54
N GLY A 281 11.21 -13.11 -23.12
CA GLY A 281 9.82 -13.01 -22.61
C GLY A 281 9.46 -14.04 -21.55
N ALA A 282 8.71 -13.62 -20.54
CA ALA A 282 8.26 -14.54 -19.52
C ALA A 282 7.08 -15.35 -20.06
N PHE A 283 6.85 -16.54 -19.52
CA PHE A 283 5.73 -17.35 -19.98
C PHE A 283 4.51 -17.08 -19.14
N SER A 284 4.64 -17.30 -17.83
CA SER A 284 3.50 -17.28 -16.93
C SER A 284 2.72 -15.97 -16.93
N GLY A 285 1.40 -16.11 -16.93
CA GLY A 285 0.45 -14.98 -16.89
C GLY A 285 0.04 -14.45 -18.25
N LYS A 286 0.61 -15.01 -19.31
CA LYS A 286 0.21 -14.66 -20.67
C LYS A 286 -0.65 -15.75 -21.28
N ASP A 287 -1.62 -15.35 -22.10
CA ASP A 287 -2.40 -16.29 -22.90
C ASP A 287 -1.68 -16.66 -24.20
N TYR A 288 -2.13 -17.75 -24.81
CA TYR A 288 -1.59 -18.25 -26.07
C TYR A 288 -1.37 -17.21 -27.18
N THR A 289 -2.18 -16.15 -27.24
CA THR A 289 -2.01 -15.12 -28.30
C THR A 289 -0.71 -14.36 -28.14
N LYS A 290 -0.08 -14.45 -26.96
CA LYS A 290 1.28 -13.95 -26.78
C LYS A 290 2.23 -14.97 -27.38
N VAL A 291 2.91 -14.57 -28.44
CA VAL A 291 3.81 -15.45 -29.18
C VAL A 291 5.10 -15.80 -28.40
N ASP A 292 5.49 -14.93 -27.46
CA ASP A 292 6.57 -15.22 -26.50
C ASP A 292 6.43 -16.59 -25.88
N ARG A 293 5.18 -17.00 -25.63
CA ARG A 293 4.92 -18.30 -25.01
C ARG A 293 4.65 -19.37 -26.07
N SER A 294 3.63 -19.18 -26.87
CA SER A 294 3.13 -20.24 -27.76
C SER A 294 4.15 -20.66 -28.83
N ALA A 295 4.89 -19.70 -29.37
CA ALA A 295 5.95 -20.01 -30.35
C ALA A 295 7.21 -20.60 -29.70
N ALA A 296 7.42 -20.32 -28.41
CA ALA A 296 8.55 -20.88 -27.67
C ALA A 296 8.28 -22.34 -27.42
N TYR A 297 7.05 -22.67 -27.08
CA TYR A 297 6.63 -24.07 -26.91
C TYR A 297 6.76 -24.85 -28.23
N ALA A 298 6.36 -24.23 -29.33
CA ALA A 298 6.49 -24.85 -30.65
C ALA A 298 7.95 -25.09 -31.00
N ALA A 299 8.79 -24.09 -30.77
CA ALA A 299 10.21 -24.20 -31.10
C ALA A 299 10.86 -25.37 -30.38
N ARG A 300 10.51 -25.58 -29.11
CA ARG A 300 10.96 -26.75 -28.35
C ARG A 300 10.42 -28.02 -28.99
N TRP A 301 9.14 -28.02 -29.29
CA TRP A 301 8.46 -29.17 -29.91
C TRP A 301 9.22 -29.63 -31.15
N VAL A 302 9.63 -28.67 -31.96
CA VAL A 302 10.39 -28.98 -33.15
C VAL A 302 11.75 -29.54 -32.73
N ALA A 303 12.46 -28.79 -31.90
CA ALA A 303 13.81 -29.21 -31.46
C ALA A 303 13.80 -30.64 -30.91
N LYS A 304 12.80 -30.94 -30.07
CA LYS A 304 12.68 -32.28 -29.48
C LYS A 304 12.26 -33.32 -30.50
N SER A 305 11.59 -32.90 -31.57
CA SER A 305 11.22 -33.86 -32.62
C SER A 305 12.46 -34.29 -33.40
N LEU A 306 13.31 -33.34 -33.72
CA LEU A 306 14.53 -33.62 -34.48
C LEU A 306 15.44 -34.59 -33.74
N VAL A 307 15.63 -34.37 -32.44
CA VAL A 307 16.51 -35.23 -31.67
C VAL A 307 15.91 -36.63 -31.55
N LYS A 308 14.64 -36.70 -31.18
CA LYS A 308 13.97 -37.99 -31.00
C LYS A 308 13.73 -38.69 -32.34
N GLY A 309 13.78 -37.95 -33.43
CA GLY A 309 13.80 -38.53 -34.76
C GLY A 309 15.16 -39.01 -35.21
N GLY A 310 16.17 -38.89 -34.35
CA GLY A 310 17.53 -39.35 -34.66
C GLY A 310 18.21 -38.53 -35.73
N LEU A 311 17.62 -37.39 -36.08
CA LEU A 311 18.13 -36.53 -37.14
C LEU A 311 19.32 -35.69 -36.67
N CYS A 312 19.47 -35.59 -35.35
CA CYS A 312 20.54 -34.81 -34.77
C CYS A 312 20.68 -35.17 -33.31
N ARG A 313 21.90 -35.13 -32.82
CA ARG A 313 22.20 -35.54 -31.47
C ARG A 313 21.79 -34.41 -30.53
N ARG A 314 21.74 -33.20 -31.08
CA ARG A 314 21.52 -31.98 -30.31
C ARG A 314 21.28 -30.83 -31.27
N VAL A 315 20.40 -29.90 -30.93
CA VAL A 315 20.04 -28.84 -31.86
C VAL A 315 19.42 -27.64 -31.16
N LEU A 316 19.61 -26.47 -31.76
CA LEU A 316 18.98 -25.22 -31.36
C LEU A 316 18.18 -24.67 -32.54
N VAL A 317 16.90 -24.41 -32.33
CA VAL A 317 16.05 -23.86 -33.40
C VAL A 317 15.70 -22.39 -33.14
N GLN A 318 16.03 -21.53 -34.12
CA GLN A 318 15.69 -20.08 -34.11
C GLN A 318 14.45 -19.78 -34.98
N VAL A 319 13.62 -18.83 -34.54
CA VAL A 319 12.46 -18.42 -35.33
C VAL A 319 12.24 -16.91 -35.26
N SER A 320 12.64 -16.21 -36.32
CA SER A 320 12.29 -14.80 -36.47
C SER A 320 10.87 -14.76 -37.02
N TYR A 321 9.93 -14.19 -36.26
CA TYR A 321 8.63 -13.82 -36.79
C TYR A 321 8.71 -12.37 -37.29
N ALA A 322 7.93 -12.04 -38.32
CA ALA A 322 7.96 -10.71 -38.92
C ALA A 322 6.60 -10.02 -38.90
N ILE A 323 6.64 -8.69 -39.02
CA ILE A 323 5.44 -7.83 -38.93
C ILE A 323 4.46 -8.08 -40.08
N SER A 326 0.85 -14.75 -40.43
CA SER A 326 1.89 -15.08 -41.38
C SER A 326 2.89 -16.09 -40.81
N HIS A 327 3.61 -16.75 -41.71
CA HIS A 327 4.67 -17.69 -41.34
C HIS A 327 5.87 -16.93 -40.77
N PRO A 328 6.78 -17.64 -40.08
CA PRO A 328 8.00 -17.00 -39.58
C PRO A 328 8.96 -16.65 -40.72
N LEU A 329 9.43 -15.40 -40.78
CA LEU A 329 10.25 -14.95 -41.91
C LEU A 329 11.49 -15.82 -42.06
N SER A 330 12.39 -15.80 -41.08
CA SER A 330 13.62 -16.61 -41.11
C SER A 330 13.60 -17.73 -40.09
N ILE A 331 14.18 -18.87 -40.46
CA ILE A 331 14.44 -19.96 -39.53
C ILE A 331 15.87 -20.44 -39.72
N SER A 332 16.64 -20.43 -38.64
CA SER A 332 17.95 -21.06 -38.61
C SER A 332 17.90 -22.32 -37.72
N ILE A 333 18.64 -23.34 -38.12
CA ILE A 333 18.81 -24.54 -37.31
C ILE A 333 20.29 -24.78 -37.09
N PHE A 334 20.74 -24.73 -35.83
CA PHE A 334 22.11 -25.07 -35.48
C PHE A 334 22.20 -26.50 -34.92
N HIS A 335 22.59 -27.46 -35.77
CA HIS A 335 22.69 -28.87 -35.35
C HIS A 335 24.04 -29.20 -34.70
N TYR A 336 24.88 -28.19 -34.50
CA TYR A 336 26.18 -28.32 -33.81
C TYR A 336 27.12 -29.36 -34.44
N GLY A 337 26.92 -29.67 -35.72
CA GLY A 337 27.70 -30.69 -36.41
C GLY A 337 27.31 -32.10 -36.04
N THR A 338 26.18 -32.25 -35.33
CA THR A 338 25.75 -33.54 -34.80
C THR A 338 24.72 -34.21 -35.72
N SER A 339 24.59 -33.70 -36.93
CA SER A 339 23.64 -34.24 -37.91
C SER A 339 24.33 -34.54 -39.23
N GLN A 340 24.12 -35.74 -39.74
CA GLN A 340 24.61 -36.12 -41.07
C GLN A 340 24.01 -35.27 -42.18
N LYS A 341 22.84 -34.68 -41.94
CA LYS A 341 22.16 -33.86 -42.92
C LYS A 341 22.49 -32.37 -42.77
N SER A 342 22.41 -31.65 -43.88
CA SER A 342 22.64 -30.21 -43.89
C SER A 342 21.54 -29.43 -43.17
N GLU A 343 21.82 -28.16 -42.83
CA GLU A 343 20.84 -27.28 -42.18
C GLU A 343 19.64 -27.05 -43.09
N ARG A 344 19.90 -26.89 -44.38
CA ARG A 344 18.84 -26.70 -45.35
C ARG A 344 17.96 -27.95 -45.41
N GLU A 345 18.59 -29.12 -45.32
CA GLU A 345 17.87 -30.39 -45.33
C GLU A 345 16.97 -30.52 -44.10
N LEU A 346 17.48 -30.10 -42.95
CA LEU A 346 16.71 -30.15 -41.70
C LEU A 346 15.56 -29.15 -41.71
N LEU A 347 15.79 -28.01 -42.37
CA LEU A 347 14.77 -27.00 -42.54
C LEU A 347 13.62 -27.57 -43.34
N GLU A 348 13.92 -28.14 -44.50
CA GLU A 348 12.89 -28.71 -45.34
C GLU A 348 12.11 -29.75 -44.54
N ILE A 349 12.83 -30.59 -43.82
CA ILE A 349 12.20 -31.59 -42.96
C ILE A 349 11.25 -30.91 -41.97
N VAL A 350 11.67 -29.77 -41.45
CA VAL A 350 10.81 -28.98 -40.57
C VAL A 350 9.58 -28.45 -41.32
N LYS A 351 9.79 -27.85 -42.49
CA LYS A 351 8.68 -27.24 -43.25
C LYS A 351 7.53 -28.19 -43.57
N LYS A 352 7.84 -29.44 -43.90
CA LYS A 352 6.79 -30.39 -44.28
C LYS A 352 6.26 -31.22 -43.13
N ASN A 353 6.68 -30.91 -41.90
CA ASN A 353 6.12 -31.55 -40.73
C ASN A 353 5.49 -30.59 -39.72
N PHE A 354 5.70 -29.30 -39.90
CA PHE A 354 5.28 -28.33 -38.89
C PHE A 354 4.65 -27.09 -39.50
N ASP A 355 3.46 -26.76 -39.00
CA ASP A 355 2.80 -25.49 -39.25
C ASP A 355 3.18 -24.53 -38.12
N LEU A 356 3.94 -23.49 -38.42
CA LEU A 356 4.38 -22.55 -37.39
C LEU A 356 3.73 -21.18 -37.54
N ARG A 357 2.44 -21.19 -37.81
CA ARG A 357 1.65 -19.97 -37.79
C ARG A 357 0.92 -19.96 -36.45
N PRO A 358 1.07 -18.89 -35.65
CA PRO A 358 0.47 -18.82 -34.32
C PRO A 358 -0.90 -19.49 -34.23
N GLY A 359 -1.77 -19.16 -35.18
CA GLY A 359 -3.11 -19.72 -35.21
C GLY A 359 -3.12 -21.24 -35.18
N VAL A 360 -2.24 -21.83 -35.99
CA VAL A 360 -2.23 -23.29 -36.17
C VAL A 360 -1.57 -23.95 -34.96
N ILE A 361 -0.54 -23.29 -34.44
CA ILE A 361 0.16 -23.75 -33.25
C ILE A 361 -0.79 -24.03 -32.08
N VAL A 362 -1.74 -23.12 -31.83
CA VAL A 362 -2.66 -23.31 -30.67
C VAL A 362 -3.59 -24.51 -30.88
N ARG A 363 -3.99 -24.77 -32.13
CA ARG A 363 -4.78 -25.94 -32.47
C ARG A 363 -3.96 -27.19 -32.22
N ASP A 364 -2.79 -27.25 -32.87
CA ASP A 364 -1.89 -28.41 -32.76
C ASP A 364 -1.47 -28.74 -31.33
N LEU A 365 -1.22 -27.71 -30.51
CA LEU A 365 -0.76 -27.93 -29.13
C LEU A 365 -1.89 -27.84 -28.09
N ASP A 366 -3.10 -27.53 -28.56
CA ASP A 366 -4.29 -27.41 -27.71
C ASP A 366 -4.06 -26.37 -26.60
N LEU A 367 -3.72 -25.17 -27.01
CA LEU A 367 -3.29 -24.13 -26.09
C LEU A 367 -4.45 -23.36 -25.46
N LYS A 368 -5.67 -23.58 -25.96
CA LYS A 368 -6.85 -22.93 -25.41
C LYS A 368 -7.30 -23.59 -24.12
N LYS A 369 -6.73 -24.75 -23.81
CA LYS A 369 -7.14 -25.51 -22.62
C LYS A 369 -6.44 -25.00 -21.38
N PRO A 370 -7.15 -24.99 -20.24
CA PRO A 370 -6.73 -24.24 -19.08
C PRO A 370 -5.90 -25.05 -18.10
N ILE A 371 -4.72 -25.48 -18.51
CA ILE A 371 -3.80 -26.16 -17.56
C ILE A 371 -2.35 -25.64 -17.68
N TYR A 372 -2.22 -24.32 -17.72
CA TYR A 372 -0.92 -23.66 -17.68
C TYR A 372 -0.29 -23.64 -16.27
N GLN A 373 -1.10 -23.72 -15.22
CA GLN A 373 -0.58 -23.69 -13.85
C GLN A 373 0.39 -24.84 -13.52
N ARG A 374 0.29 -25.95 -14.24
CA ARG A 374 1.23 -27.06 -14.03
C ARG A 374 2.60 -26.78 -14.67
N THR A 375 2.65 -25.82 -15.59
CA THR A 375 3.92 -25.42 -16.21
C THR A 375 4.75 -24.51 -15.31
N ALA A 376 4.08 -23.67 -14.53
CA ALA A 376 4.75 -22.61 -13.77
C ALA A 376 5.69 -23.08 -12.64
N ALA A 377 5.86 -24.40 -12.46
CA ALA A 377 6.89 -24.91 -11.56
C ALA A 377 7.54 -26.13 -12.17
N TYR A 378 8.83 -26.32 -11.87
CA TYR A 378 9.65 -27.43 -12.41
C TYR A 378 9.96 -27.34 -13.90
N GLY A 379 9.85 -26.13 -14.45
CA GLY A 379 10.28 -25.89 -15.82
C GLY A 379 9.22 -26.27 -16.82
N HIS A 380 9.16 -25.53 -17.93
CA HIS A 380 8.14 -25.75 -18.94
C HIS A 380 8.52 -26.86 -19.91
N PHE A 381 9.80 -27.24 -19.90
CA PHE A 381 10.33 -28.20 -20.87
C PHE A 381 10.96 -29.38 -20.15
N GLY A 382 10.80 -30.56 -20.74
CA GLY A 382 11.32 -31.80 -20.18
C GLY A 382 10.34 -32.65 -19.43
N ARG A 383 9.04 -32.46 -19.67
CA ARG A 383 8.02 -33.28 -19.01
C ARG A 383 6.99 -33.81 -20.01
N ASP A 384 6.82 -35.13 -20.04
CA ASP A 384 6.06 -35.82 -21.10
C ASP A 384 4.60 -35.35 -21.19
N SER A 385 4.07 -34.86 -20.07
CA SER A 385 2.67 -34.46 -19.97
C SER A 385 2.24 -33.37 -20.97
N PHE A 386 3.18 -32.56 -21.45
CA PHE A 386 2.82 -31.41 -22.27
C PHE A 386 2.82 -31.75 -23.76
N PRO A 387 1.81 -31.27 -24.51
CA PRO A 387 1.73 -31.47 -25.96
C PRO A 387 3.03 -31.18 -26.70
N TRP A 388 3.68 -30.07 -26.34
CA TRP A 388 4.96 -29.69 -26.97
C TRP A 388 6.10 -30.64 -26.61
N GLU A 389 5.90 -31.50 -25.60
CA GLU A 389 6.91 -32.47 -25.20
C GLU A 389 6.72 -33.87 -25.80
N VAL A 390 5.63 -34.04 -26.56
CA VAL A 390 5.37 -35.30 -27.27
C VAL A 390 5.91 -35.13 -28.69
N PRO A 391 6.98 -35.88 -29.04
CA PRO A 391 7.62 -35.68 -30.35
C PRO A 391 6.74 -36.14 -31.50
N LYS A 392 6.62 -35.28 -32.51
CA LYS A 392 5.91 -35.58 -33.74
C LYS A 392 6.79 -36.48 -34.60
N LYS A 393 6.27 -37.64 -34.99
CA LYS A 393 6.98 -38.52 -35.91
C LYS A 393 7.10 -37.80 -37.23
N LEU A 394 8.29 -37.81 -37.80
CA LEU A 394 8.59 -37.00 -38.97
C LEU A 394 8.61 -37.84 -40.25
N LYS A 395 7.97 -37.34 -41.30
CA LYS A 395 7.92 -38.01 -42.58
C LYS A 395 8.62 -37.10 -43.57
N TYR A 396 9.71 -37.58 -44.16
CA TYR A 396 10.57 -36.75 -45.00
C TYR A 396 11.27 -37.58 -46.07
N GLU B 15 22.43 -20.82 -49.22
CA GLU B 15 23.42 -19.72 -49.39
C GLU B 15 24.62 -19.96 -48.48
N GLU B 16 25.49 -18.95 -48.33
CA GLU B 16 26.63 -19.03 -47.42
C GLU B 16 26.15 -19.22 -45.98
N GLY B 17 27.09 -19.35 -45.04
CA GLY B 17 26.75 -19.50 -43.61
C GLY B 17 26.15 -18.24 -43.00
N THR B 18 25.10 -17.72 -43.65
CA THR B 18 24.44 -16.48 -43.28
C THR B 18 23.31 -16.80 -42.32
N PHE B 19 23.12 -15.94 -41.33
CA PHE B 19 21.96 -16.05 -40.46
C PHE B 19 21.51 -14.69 -39.91
N LEU B 20 20.21 -14.55 -39.72
CA LEU B 20 19.64 -13.35 -39.12
C LEU B 20 19.68 -13.42 -37.59
N PHE B 21 19.74 -12.26 -36.97
CA PHE B 21 19.67 -12.17 -35.52
C PHE B 21 19.15 -10.80 -35.12
N THR B 22 18.26 -10.79 -34.14
CA THR B 22 17.60 -9.58 -33.66
C THR B 22 17.87 -9.36 -32.17
N SER B 23 18.07 -8.11 -31.78
CA SER B 23 18.09 -7.71 -30.37
C SER B 23 17.20 -6.49 -30.24
N GLU B 24 16.59 -6.33 -29.07
CA GLU B 24 15.74 -5.18 -28.84
C GLU B 24 16.20 -4.42 -27.62
N SER B 25 15.81 -3.15 -27.57
CA SER B 25 16.02 -2.33 -26.39
C SER B 25 14.74 -1.55 -26.12
N VAL B 26 14.64 -0.96 -24.94
CA VAL B 26 13.51 -0.08 -24.63
C VAL B 26 14.00 1.21 -24.02
N GLY B 27 13.15 2.22 -24.09
CA GLY B 27 13.42 3.52 -23.52
C GLY B 27 13.15 3.53 -22.03
N GLU B 28 13.44 4.66 -21.38
CA GLU B 28 13.28 4.80 -19.95
C GLU B 28 11.80 4.79 -19.60
N GLY B 29 10.95 5.18 -20.57
CA GLY B 29 9.51 5.21 -20.37
C GLY B 29 8.82 3.85 -20.34
N HIS B 30 9.44 2.83 -20.90
CA HIS B 30 8.91 1.47 -20.79
C HIS B 30 8.80 1.07 -19.30
N PRO B 31 7.65 0.54 -18.88
CA PRO B 31 7.40 0.32 -17.45
C PRO B 31 8.33 -0.68 -16.76
N ASP B 32 8.73 -1.74 -17.48
CA ASP B 32 9.76 -2.63 -16.93
C ASP B 32 11.04 -1.85 -16.60
N LYS B 33 11.44 -0.95 -17.50
CA LYS B 33 12.66 -0.16 -17.29
C LYS B 33 12.44 1.00 -16.31
N ILE B 34 11.21 1.51 -16.22
CA ILE B 34 10.90 2.50 -15.19
C ILE B 34 11.21 1.88 -13.84
N CYS B 35 10.75 0.64 -13.65
CA CYS B 35 10.99 -0.10 -12.42
C CYS B 35 12.47 -0.34 -12.17
N ASP B 36 13.18 -0.81 -13.20
CA ASP B 36 14.62 -1.02 -13.08
C ASP B 36 15.32 0.24 -12.60
N GLN B 37 14.92 1.37 -13.15
CA GLN B 37 15.54 2.67 -12.88
C GLN B 37 15.24 3.07 -11.44
N ILE B 38 13.97 3.06 -11.09
CA ILE B 38 13.56 3.35 -9.71
C ILE B 38 14.31 2.46 -8.72
N SER B 39 14.28 1.15 -8.94
CA SER B 39 14.97 0.20 -8.07
C SER B 39 16.42 0.58 -7.82
N ASP B 40 17.10 0.98 -8.89
CA ASP B 40 18.48 1.41 -8.77
C ASP B 40 18.62 2.80 -8.14
N ALA B 41 17.61 3.66 -8.34
CA ALA B 41 17.59 4.96 -7.67
C ALA B 41 17.54 4.82 -6.14
N VAL B 42 16.83 3.81 -5.67
CA VAL B 42 16.72 3.53 -4.23
C VAL B 42 18.03 2.91 -3.74
N LEU B 43 18.65 2.09 -4.58
CA LEU B 43 19.96 1.54 -4.26
C LEU B 43 21.00 2.66 -4.15
N ASP B 44 21.00 3.58 -5.11
CA ASP B 44 21.88 4.75 -5.05
C ASP B 44 21.62 5.60 -3.83
N ALA B 45 20.35 5.78 -3.47
CA ALA B 45 20.02 6.63 -2.34
C ALA B 45 20.60 6.04 -1.06
N HIS B 46 20.47 4.73 -0.91
CA HIS B 46 20.98 4.05 0.25
C HIS B 46 22.50 4.05 0.28
N LEU B 47 23.12 3.81 -0.87
CA LEU B 47 24.59 3.70 -0.92
C LEU B 47 25.26 5.02 -0.52
N GLN B 48 24.71 6.14 -0.99
CA GLN B 48 25.20 7.48 -0.68
C GLN B 48 25.48 7.73 0.81
N GLN B 49 24.67 7.14 1.69
CA GLN B 49 24.89 7.25 3.13
C GLN B 49 25.44 5.98 3.79
N ASP B 50 25.17 4.82 3.21
CA ASP B 50 25.68 3.57 3.76
C ASP B 50 26.20 2.69 2.64
N PRO B 51 27.53 2.70 2.42
CA PRO B 51 28.14 1.88 1.38
C PRO B 51 27.89 0.37 1.54
N ASP B 52 27.65 -0.06 2.78
CA ASP B 52 27.38 -1.44 3.07
C ASP B 52 25.87 -1.71 3.22
N ALA B 53 25.03 -0.83 2.66
CA ALA B 53 23.58 -1.05 2.66
C ALA B 53 23.25 -2.35 1.93
N LYS B 54 22.48 -3.21 2.57
CA LYS B 54 21.97 -4.42 1.95
C LYS B 54 20.63 -4.04 1.32
N VAL B 55 20.54 -4.22 0.01
CA VAL B 55 19.37 -3.75 -0.75
C VAL B 55 18.93 -4.78 -1.79
N ALA B 56 17.66 -5.15 -1.68
CA ALA B 56 16.99 -6.02 -2.63
C ALA B 56 15.62 -5.39 -2.86
N CYS B 57 15.58 -4.35 -3.69
CA CYS B 57 14.37 -3.52 -3.87
C CYS B 57 13.69 -3.72 -5.23
N GLU B 58 12.55 -4.43 -5.21
CA GLU B 58 11.76 -4.64 -6.40
C GLU B 58 10.80 -3.49 -6.53
N THR B 59 10.39 -3.21 -7.76
CA THR B 59 9.51 -2.09 -8.07
C THR B 59 8.41 -2.52 -9.04
N VAL B 60 7.22 -1.97 -8.85
CA VAL B 60 6.07 -2.31 -9.68
C VAL B 60 5.40 -1.04 -10.17
N ALA B 61 5.20 -0.95 -11.48
CA ALA B 61 4.51 0.18 -12.10
C ALA B 61 3.22 -0.28 -12.75
N LYS B 62 2.22 0.57 -12.68
CA LYS B 62 0.86 0.30 -13.13
C LYS B 62 0.20 1.66 -13.33
N THR B 63 -1.00 1.70 -13.91
CA THR B 63 -1.76 2.96 -13.96
C THR B 63 -1.69 3.69 -12.61
N GLY B 64 -1.10 4.87 -12.60
CA GLY B 64 -1.07 5.73 -11.44
C GLY B 64 -0.32 5.26 -10.21
N MET B 65 0.48 4.20 -10.32
CA MET B 65 1.05 3.54 -9.14
C MET B 65 2.51 3.12 -9.29
N ILE B 66 3.30 3.37 -8.25
CA ILE B 66 4.59 2.75 -8.06
C ILE B 66 4.60 2.05 -6.72
N LEU B 67 4.87 0.75 -6.71
CA LEU B 67 4.96 0.03 -5.46
C LEU B 67 6.40 -0.39 -5.25
N LEU B 68 6.97 -0.08 -4.10
CA LEU B 68 8.28 -0.61 -3.72
C LEU B 68 8.07 -1.79 -2.81
N ALA B 69 8.72 -2.91 -3.12
CA ALA B 69 8.60 -4.11 -2.30
C ALA B 69 9.94 -4.82 -2.26
N GLY B 70 10.27 -5.38 -1.11
CA GLY B 70 11.55 -6.05 -0.97
C GLY B 70 12.16 -5.81 0.39
N GLU B 71 13.48 -6.00 0.47
CA GLU B 71 14.12 -6.01 1.78
C GLU B 71 15.40 -5.18 1.77
N ILE B 72 15.50 -4.30 2.77
CA ILE B 72 16.62 -3.39 2.86
C ILE B 72 17.10 -3.29 4.29
N THR B 73 18.39 -3.43 4.50
CA THR B 73 19.00 -3.15 5.79
C THR B 73 20.14 -2.16 5.61
N SER B 74 19.97 -0.99 6.19
CA SER B 74 20.83 0.13 5.87
C SER B 74 20.83 1.12 7.01
N ARG B 75 21.98 1.73 7.26
CA ARG B 75 22.07 2.79 8.24
C ARG B 75 21.54 4.10 7.64
N ALA B 76 21.42 4.14 6.31
CA ALA B 76 20.89 5.32 5.61
C ALA B 76 19.45 5.63 5.96
N ALA B 77 19.07 6.90 5.84
CA ALA B 77 17.67 7.33 6.00
C ALA B 77 17.23 7.97 4.68
N VAL B 78 16.20 7.39 4.07
CA VAL B 78 15.84 7.67 2.70
C VAL B 78 14.35 7.99 2.57
N ASP B 79 14.06 9.04 1.81
CA ASP B 79 12.69 9.47 1.54
C ASP B 79 12.21 8.80 0.25
N TYR B 80 11.56 7.67 0.39
CA TYR B 80 11.17 6.85 -0.76
C TYR B 80 10.26 7.64 -1.73
N GLN B 81 9.38 8.46 -1.17
CA GLN B 81 8.53 9.34 -1.96
C GLN B 81 9.37 10.21 -2.87
N LYS B 82 10.26 10.99 -2.27
CA LYS B 82 11.14 11.86 -3.03
C LYS B 82 11.89 11.06 -4.11
N VAL B 83 12.58 10.00 -3.70
CA VAL B 83 13.39 9.20 -4.62
C VAL B 83 12.58 8.62 -5.77
N VAL B 84 11.44 8.01 -5.47
CA VAL B 84 10.56 7.49 -6.51
C VAL B 84 10.12 8.61 -7.44
N ARG B 85 9.57 9.68 -6.86
CA ARG B 85 9.00 10.77 -7.66
C ARG B 85 10.05 11.54 -8.46
N GLU B 86 11.28 11.61 -7.95
CA GLU B 86 12.33 12.34 -8.62
C GLU B 86 12.80 11.58 -9.83
N ALA B 87 12.80 10.26 -9.71
CA ALA B 87 13.18 9.39 -10.82
C ALA B 87 12.12 9.43 -11.93
N VAL B 88 10.86 9.40 -11.55
CA VAL B 88 9.79 9.55 -12.55
C VAL B 88 9.90 10.91 -13.26
N LYS B 89 10.36 11.93 -12.54
CA LYS B 89 10.63 13.24 -13.15
C LYS B 89 11.77 13.16 -14.15
N HIS B 90 12.89 12.58 -13.73
CA HIS B 90 14.02 12.43 -14.64
C HIS B 90 13.67 11.63 -15.91
N ILE B 91 12.72 10.72 -15.80
CA ILE B 91 12.30 9.94 -16.96
C ILE B 91 11.44 10.80 -17.88
N GLY B 92 10.58 11.64 -17.29
CA GLY B 92 9.82 12.64 -18.04
C GLY B 92 8.31 12.49 -18.00
N TYR B 93 7.79 11.81 -16.99
CA TYR B 93 6.34 11.66 -16.85
C TYR B 93 5.84 12.68 -15.85
N ASP B 94 5.36 13.80 -16.37
CA ASP B 94 5.04 14.95 -15.54
C ASP B 94 3.69 15.55 -15.87
N ASP B 95 2.81 14.76 -16.50
CA ASP B 95 1.49 15.27 -16.85
C ASP B 95 0.51 14.19 -17.24
N SER B 96 -0.71 14.36 -16.79
CA SER B 96 -1.84 13.52 -17.17
C SER B 96 -1.89 13.24 -18.67
N SER B 97 -1.52 14.23 -19.48
CA SER B 97 -1.48 14.06 -20.94
C SER B 97 -0.53 12.95 -21.40
N LYS B 98 0.51 12.67 -20.60
CA LYS B 98 1.50 11.63 -20.91
C LYS B 98 1.14 10.27 -20.32
N GLY B 99 0.05 10.22 -19.56
CA GLY B 99 -0.40 8.99 -18.95
C GLY B 99 0.18 8.76 -17.58
N PHE B 100 0.92 9.74 -17.05
CA PHE B 100 1.59 9.57 -15.77
C PHE B 100 2.22 10.88 -15.31
N ASP B 101 2.16 11.13 -14.00
CA ASP B 101 2.69 12.34 -13.43
C ASP B 101 3.31 12.06 -12.07
N TYR B 102 4.61 12.31 -11.98
CA TYR B 102 5.35 12.15 -10.73
C TYR B 102 4.75 12.96 -9.58
N LYS B 103 4.21 14.15 -9.90
CA LYS B 103 3.59 15.02 -8.91
C LYS B 103 2.43 14.35 -8.17
N THR B 104 1.64 13.55 -8.88
CA THR B 104 0.35 13.07 -8.36
C THR B 104 0.11 11.55 -8.37
N CYS B 105 1.13 10.75 -8.70
CA CYS B 105 0.98 9.29 -8.75
C CYS B 105 0.93 8.70 -7.34
N ASN B 106 0.57 7.43 -7.28
CA ASN B 106 0.46 6.70 -6.02
C ASN B 106 1.81 6.02 -5.79
N VAL B 107 2.40 6.29 -4.63
CA VAL B 107 3.61 5.59 -4.24
C VAL B 107 3.33 4.79 -2.97
N LEU B 108 3.53 3.48 -3.06
CA LEU B 108 3.29 2.56 -1.96
C LEU B 108 4.59 1.90 -1.57
N VAL B 109 4.81 1.69 -0.28
CA VAL B 109 6.08 1.12 0.17
C VAL B 109 5.89 -0.10 1.06
N ALA B 110 6.41 -1.23 0.60
CA ALA B 110 6.38 -2.47 1.34
C ALA B 110 7.81 -2.98 1.54
N LEU B 111 8.63 -2.20 2.24
CA LEU B 111 10.02 -2.59 2.49
C LEU B 111 10.23 -3.03 3.92
N GLU B 112 10.81 -4.21 4.09
CA GLU B 112 11.16 -4.77 5.41
C GLU B 112 12.67 -4.96 5.52
N GLN B 113 13.14 -5.43 6.67
CA GLN B 113 14.56 -5.76 6.83
C GLN B 113 14.94 -7.02 6.06
N GLN B 114 16.17 -7.08 5.59
CA GLN B 114 16.72 -8.33 5.09
C GLN B 114 16.62 -9.35 6.20
N SER B 115 16.28 -10.59 5.86
CA SER B 115 16.17 -11.70 6.81
C SER B 115 17.47 -11.92 7.59
N PRO B 116 17.39 -11.97 8.94
CA PRO B 116 18.53 -12.38 9.77
C PRO B 116 19.19 -13.69 9.30
N ASP B 117 18.38 -14.70 9.00
CA ASP B 117 18.86 -15.99 8.53
C ASP B 117 19.77 -15.88 7.32
N ILE B 118 19.50 -14.93 6.45
CA ILE B 118 20.41 -14.62 5.34
C ILE B 118 21.63 -13.84 5.83
N ALA B 119 21.37 -12.79 6.62
CA ALA B 119 22.44 -11.93 7.15
C ALA B 119 23.53 -12.75 7.86
N GLN B 120 23.14 -13.57 8.82
CA GLN B 120 24.08 -14.45 9.52
C GLN B 120 24.84 -15.36 8.55
N GLY B 121 24.13 -15.93 7.59
CA GLY B 121 24.71 -16.92 6.67
C GLY B 121 25.52 -16.32 5.53
N VAL B 122 25.42 -15.02 5.32
CA VAL B 122 26.13 -14.38 4.23
C VAL B 122 27.27 -13.51 4.74
N HIS B 123 26.95 -12.49 5.54
CA HIS B 123 27.90 -11.39 5.79
C HIS B 123 28.20 -11.00 7.24
N LEU B 124 27.41 -11.49 8.20
CA LEU B 124 27.66 -11.26 9.63
C LEU B 124 29.06 -11.76 9.99
N ASP B 125 29.71 -11.04 10.92
CA ASP B 125 30.97 -11.49 11.58
C ASP B 125 31.93 -12.23 10.67
N ARG B 126 32.29 -11.58 9.56
CA ARG B 126 33.13 -12.16 8.53
C ARG B 126 33.98 -11.07 7.89
N ASN B 127 35.21 -11.43 7.51
CA ASN B 127 36.07 -10.49 6.79
C ASN B 127 35.49 -10.20 5.41
N GLU B 128 35.69 -8.98 4.92
CA GLU B 128 35.15 -8.61 3.61
C GLU B 128 35.43 -9.68 2.54
N GLU B 129 36.66 -10.19 2.48
CA GLU B 129 37.04 -11.15 1.43
C GLU B 129 36.36 -12.51 1.58
N ASP B 130 35.89 -12.81 2.78
CA ASP B 130 35.30 -14.09 3.10
C ASP B 130 33.79 -14.13 3.04
N ILE B 131 33.14 -12.99 2.74
CA ILE B 131 31.68 -12.96 2.76
C ILE B 131 31.16 -13.85 1.64
N GLY B 132 30.14 -14.63 1.97
CA GLY B 132 29.60 -15.60 1.03
C GLY B 132 28.76 -14.92 -0.01
N ALA B 133 28.60 -15.57 -1.16
CA ALA B 133 27.64 -15.10 -2.13
C ALA B 133 26.29 -14.94 -1.45
N GLY B 134 25.56 -13.87 -1.81
CA GLY B 134 24.29 -13.55 -1.16
C GLY B 134 23.16 -14.48 -1.56
N ASP B 135 23.45 -15.36 -2.51
CA ASP B 135 22.50 -16.31 -3.03
C ASP B 135 23.30 -17.39 -3.74
N GLN B 136 22.65 -18.51 -4.04
CA GLN B 136 23.19 -19.42 -5.06
C GLN B 136 22.92 -18.71 -6.37
N GLY B 137 23.39 -19.26 -7.47
CA GLY B 137 23.13 -18.69 -8.78
C GLY B 137 24.18 -19.06 -9.80
N LEU B 138 23.88 -18.75 -11.06
CA LEU B 138 24.82 -18.93 -12.16
C LEU B 138 24.84 -17.66 -13.01
N MET B 139 26.01 -17.32 -13.52
CA MET B 139 26.18 -16.05 -14.22
C MET B 139 27.10 -16.23 -15.41
N PHE B 140 26.89 -15.41 -16.43
CA PHE B 140 27.60 -15.52 -17.67
C PHE B 140 28.22 -14.19 -18.02
N GLY B 141 29.39 -14.26 -18.66
CA GLY B 141 30.01 -13.10 -19.27
C GLY B 141 30.23 -13.42 -20.72
N TYR B 142 30.08 -12.43 -21.57
CA TYR B 142 30.22 -12.64 -23.02
C TYR B 142 31.02 -11.48 -23.59
N ALA B 143 31.71 -11.74 -24.71
CA ALA B 143 32.47 -10.70 -25.42
C ALA B 143 32.69 -11.12 -26.86
N THR B 144 32.77 -10.13 -27.75
CA THR B 144 32.80 -10.36 -29.21
C THR B 144 33.49 -9.20 -29.95
N ASP B 145 34.46 -9.53 -30.80
CA ASP B 145 35.27 -8.52 -31.50
C ASP B 145 34.57 -7.84 -32.68
N GLU B 146 33.28 -8.12 -32.88
CA GLU B 146 32.52 -7.51 -33.97
C GLU B 146 32.34 -6.01 -33.79
N THR B 147 32.52 -5.50 -32.58
CA THR B 147 32.48 -4.07 -32.33
C THR B 147 33.60 -3.63 -31.38
N GLU B 148 33.87 -2.32 -31.35
CA GLU B 148 34.89 -1.75 -30.45
C GLU B 148 34.54 -1.97 -28.98
N GLU B 149 33.25 -1.96 -28.68
CA GLU B 149 32.80 -2.14 -27.30
C GLU B 149 32.74 -3.62 -26.89
N CYS B 150 33.08 -4.52 -27.81
CA CYS B 150 33.08 -5.96 -27.54
C CYS B 150 31.67 -6.47 -27.21
N MET B 151 30.70 -5.95 -27.95
CA MET B 151 29.30 -6.32 -27.79
C MET B 151 28.65 -6.64 -29.13
N PRO B 152 27.55 -7.40 -29.10
CA PRO B 152 26.83 -7.63 -30.35
C PRO B 152 26.37 -6.31 -30.98
N LEU B 153 26.51 -6.20 -32.29
CA LEU B 153 26.07 -4.99 -32.98
C LEU B 153 24.57 -4.78 -32.79
N THR B 154 23.81 -5.88 -32.83
CA THR B 154 22.37 -5.84 -32.73
C THR B 154 21.91 -5.10 -31.48
N ILE B 155 22.50 -5.46 -30.34
CA ILE B 155 22.10 -4.86 -29.05
C ILE B 155 22.69 -3.47 -28.86
N VAL B 156 23.87 -3.22 -29.43
CA VAL B 156 24.50 -1.90 -29.32
C VAL B 156 23.68 -0.87 -30.08
N LEU B 157 23.28 -1.20 -31.30
CA LEU B 157 22.45 -0.30 -32.09
C LEU B 157 21.09 -0.09 -31.42
N ALA B 158 20.51 -1.18 -30.93
CA ALA B 158 19.21 -1.12 -30.29
C ALA B 158 19.22 -0.09 -29.17
N HIS B 159 20.19 -0.19 -28.26
CA HIS B 159 20.31 0.75 -27.12
C HIS B 159 20.54 2.17 -27.58
N LYS B 160 21.60 2.37 -28.36
CA LYS B 160 21.98 3.68 -28.87
C LYS B 160 20.81 4.42 -29.51
N LEU B 161 19.98 3.69 -30.26
CA LEU B 161 18.77 4.30 -30.87
C LEU B 161 17.87 4.93 -29.81
N ASN B 162 17.51 4.16 -28.80
CA ASN B 162 16.73 4.70 -27.69
C ASN B 162 17.45 5.85 -27.02
N ALA B 163 18.77 5.72 -26.84
CA ALA B 163 19.56 6.78 -26.22
C ALA B 163 19.49 8.06 -27.05
N LYS B 164 19.57 7.93 -28.36
CA LYS B 164 19.46 9.07 -29.25
C LYS B 164 18.10 9.73 -29.11
N LEU B 165 17.05 8.92 -29.05
CA LEU B 165 15.68 9.43 -28.91
C LEU B 165 15.48 10.29 -27.68
N ALA B 166 15.90 9.80 -26.52
CA ALA B 166 15.73 10.53 -25.27
C ALA B 166 16.63 11.76 -25.21
N GLU B 167 17.83 11.64 -25.75
CA GLU B 167 18.76 12.77 -25.83
C GLU B 167 18.15 13.90 -26.65
N LEU B 168 17.63 13.56 -27.82
CA LEU B 168 16.96 14.53 -28.67
C LEU B 168 15.67 15.07 -28.05
N ARG B 169 14.99 14.24 -27.26
CA ARG B 169 13.79 14.68 -26.54
C ARG B 169 14.17 15.77 -25.53
N ARG B 170 15.17 15.47 -24.70
CA ARG B 170 15.68 16.40 -23.71
C ARG B 170 16.33 17.65 -24.34
N ASN B 171 17.00 17.48 -25.48
CA ASN B 171 17.62 18.61 -26.21
C ASN B 171 16.64 19.65 -26.74
N GLY B 172 15.37 19.27 -26.87
CA GLY B 172 14.36 20.13 -27.45
C GLY B 172 14.32 20.07 -28.97
N THR B 173 15.25 19.33 -29.57
CA THR B 173 15.26 19.16 -31.03
C THR B 173 14.04 18.36 -31.50
N LEU B 174 13.55 17.45 -30.65
CA LEU B 174 12.28 16.75 -30.90
C LEU B 174 11.39 16.83 -29.67
N PRO B 175 10.72 17.98 -29.48
CA PRO B 175 9.93 18.21 -28.27
C PRO B 175 8.54 17.58 -28.29
N TRP B 176 8.27 16.76 -29.31
CA TRP B 176 7.00 16.03 -29.42
C TRP B 176 7.16 14.57 -28.99
N LEU B 177 8.39 14.21 -28.58
CA LEU B 177 8.66 12.88 -28.07
C LEU B 177 8.24 12.75 -26.60
N ARG B 178 7.81 11.54 -26.23
CA ARG B 178 7.60 11.17 -24.83
C ARG B 178 8.58 10.04 -24.50
N PRO B 179 8.72 9.70 -23.20
CA PRO B 179 9.77 8.78 -22.77
C PRO B 179 9.66 7.31 -23.21
N ASP B 180 8.46 6.78 -23.40
CA ASP B 180 8.32 5.36 -23.74
C ASP B 180 8.75 5.13 -25.18
N SER B 181 9.67 4.18 -25.38
CA SER B 181 10.10 3.81 -26.72
C SER B 181 10.55 2.36 -26.73
N LYS B 182 10.44 1.73 -27.89
CA LYS B 182 10.97 0.37 -28.09
C LYS B 182 11.69 0.33 -29.43
N THR B 183 12.90 -0.22 -29.43
CA THR B 183 13.65 -0.40 -30.67
C THR B 183 14.00 -1.86 -30.84
N GLN B 184 13.81 -2.36 -32.07
CA GLN B 184 14.32 -3.68 -32.47
C GLN B 184 15.31 -3.50 -33.60
N VAL B 185 16.35 -4.32 -33.60
CA VAL B 185 17.39 -4.27 -34.61
C VAL B 185 17.80 -5.67 -35.06
N THR B 186 17.58 -5.95 -36.33
CA THR B 186 17.94 -7.22 -36.91
C THR B 186 19.15 -7.05 -37.85
N VAL B 187 20.09 -7.99 -37.76
CA VAL B 187 21.31 -7.91 -38.56
C VAL B 187 21.58 -9.24 -39.22
N GLN B 188 22.05 -9.17 -40.47
CA GLN B 188 22.44 -10.35 -41.23
C GLN B 188 23.90 -10.67 -40.90
N TYR B 189 24.15 -11.87 -40.39
CA TYR B 189 25.47 -12.24 -39.88
C TYR B 189 26.10 -13.36 -40.68
N MET B 190 27.42 -13.32 -40.78
CA MET B 190 28.22 -14.40 -41.36
C MET B 190 29.08 -15.02 -40.25
N GLN B 191 29.11 -16.36 -40.19
CA GLN B 191 30.04 -17.07 -39.29
C GLN B 191 31.46 -16.96 -39.81
N ASP B 192 32.44 -16.79 -38.93
CA ASP B 192 33.84 -16.71 -39.35
C ASP B 192 34.77 -17.41 -38.38
N ARG B 193 34.92 -18.72 -38.57
CA ARG B 193 35.83 -19.54 -37.76
C ARG B 193 35.51 -19.37 -36.27
N GLY B 194 34.23 -19.46 -35.93
CA GLY B 194 33.78 -19.29 -34.55
C GLY B 194 33.40 -17.87 -34.19
N ALA B 195 34.06 -16.90 -34.83
CA ALA B 195 33.68 -15.50 -34.70
C ALA B 195 32.45 -15.23 -35.57
N VAL B 196 31.77 -14.12 -35.31
CA VAL B 196 30.59 -13.75 -36.08
C VAL B 196 30.84 -12.38 -36.71
N LEU B 197 30.35 -12.20 -37.93
CA LEU B 197 30.55 -10.96 -38.66
C LEU B 197 29.22 -10.36 -39.07
N PRO B 198 28.98 -9.10 -38.69
CA PRO B 198 27.78 -8.41 -39.13
C PRO B 198 27.98 -7.93 -40.56
N ILE B 199 26.99 -8.20 -41.41
CA ILE B 199 27.02 -7.78 -42.81
C ILE B 199 26.26 -6.46 -42.99
N ARG B 200 24.97 -6.50 -42.72
CA ARG B 200 24.10 -5.34 -42.91
C ARG B 200 22.93 -5.36 -41.93
N VAL B 201 22.44 -4.18 -41.59
CA VAL B 201 21.20 -4.08 -40.83
C VAL B 201 20.04 -4.52 -41.71
N HIS B 202 19.48 -5.68 -41.41
CA HIS B 202 18.37 -6.23 -42.18
C HIS B 202 17.13 -5.37 -41.98
N THR B 203 16.77 -5.16 -40.71
CA THR B 203 15.54 -4.44 -40.37
C THR B 203 15.73 -3.61 -39.11
N ILE B 204 15.15 -2.40 -39.12
CA ILE B 204 14.99 -1.58 -37.92
C ILE B 204 13.52 -1.30 -37.70
N VAL B 205 13.05 -1.63 -36.49
CA VAL B 205 11.72 -1.26 -36.02
C VAL B 205 11.89 -0.22 -34.93
N ILE B 206 11.19 0.91 -35.06
CA ILE B 206 11.13 1.91 -33.98
C ILE B 206 9.70 2.32 -33.68
N SER B 207 9.28 2.13 -32.43
CA SER B 207 8.06 2.72 -31.91
C SER B 207 8.43 3.62 -30.74
N VAL B 208 7.87 4.81 -30.71
CA VAL B 208 8.15 5.75 -29.64
C VAL B 208 6.92 6.61 -29.34
N GLN B 209 6.70 6.90 -28.07
CA GLN B 209 5.56 7.68 -27.61
C GLN B 209 5.74 9.16 -27.98
N HIS B 210 4.63 9.83 -28.33
CA HIS B 210 4.68 11.18 -28.87
C HIS B 210 3.42 11.96 -28.49
N ASP B 211 3.45 13.29 -28.66
CA ASP B 211 2.28 14.12 -28.38
C ASP B 211 1.23 14.00 -29.48
N GLU B 212 0.05 14.60 -29.26
CA GLU B 212 -1.07 14.47 -30.21
C GLU B 212 -0.91 15.34 -31.46
N GLU B 213 -0.09 16.39 -31.37
CA GLU B 213 0.00 17.39 -32.43
C GLU B 213 0.62 16.90 -33.75
N VAL B 214 1.65 16.05 -33.69
CA VAL B 214 2.49 15.74 -34.87
C VAL B 214 1.83 14.77 -35.86
N CYS B 215 2.07 15.02 -37.15
CA CYS B 215 1.64 14.13 -38.23
C CYS B 215 2.58 12.93 -38.31
N LEU B 216 2.05 11.78 -38.73
CA LEU B 216 2.82 10.53 -38.80
C LEU B 216 4.07 10.69 -39.66
N ASP B 217 3.91 11.32 -40.82
CA ASP B 217 5.02 11.45 -41.79
C ASP B 217 6.18 12.34 -41.31
N GLU B 218 5.93 13.28 -40.42
CA GLU B 218 7.03 14.08 -39.85
C GLU B 218 7.85 13.22 -38.89
N MET B 219 7.17 12.39 -38.10
CA MET B 219 7.84 11.51 -37.13
C MET B 219 8.74 10.50 -37.85
N ARG B 220 8.15 9.77 -38.79
CA ARG B 220 8.89 8.79 -39.63
C ARG B 220 10.05 9.43 -40.39
N ASP B 221 9.90 10.69 -40.76
CA ASP B 221 11.00 11.46 -41.36
C ASP B 221 12.06 11.79 -40.32
N ALA B 222 11.64 12.20 -39.14
CA ALA B 222 12.55 12.55 -38.06
C ALA B 222 13.34 11.32 -37.59
N LEU B 223 12.62 10.22 -37.38
CA LEU B 223 13.21 8.94 -36.96
C LEU B 223 14.32 8.49 -37.91
N LYS B 224 14.05 8.53 -39.20
CA LYS B 224 15.02 8.07 -40.18
C LYS B 224 16.22 9.02 -40.27
N GLU B 225 15.97 10.30 -40.58
CA GLU B 225 17.05 11.25 -40.86
C GLU B 225 17.74 11.77 -39.62
N LYS B 226 16.99 11.98 -38.54
CA LYS B 226 17.52 12.65 -37.34
C LYS B 226 17.93 11.66 -36.23
N VAL B 227 17.49 10.41 -36.34
CA VAL B 227 17.77 9.37 -35.34
C VAL B 227 18.62 8.22 -35.90
N ILE B 228 18.05 7.45 -36.82
CA ILE B 228 18.71 6.25 -37.34
C ILE B 228 20.06 6.56 -38.01
N LYS B 229 20.12 7.59 -38.85
CA LYS B 229 21.36 7.91 -39.58
C LYS B 229 22.46 8.50 -38.69
N ALA B 230 22.08 9.05 -37.53
CA ALA B 230 23.05 9.53 -36.56
C ALA B 230 23.68 8.38 -35.77
N VAL B 231 22.98 7.25 -35.72
CA VAL B 231 23.37 6.13 -34.86
C VAL B 231 23.98 4.98 -35.65
N VAL B 232 23.34 4.61 -36.76
CA VAL B 232 23.77 3.43 -37.53
C VAL B 232 24.72 3.84 -38.68
N PRO B 233 25.94 3.25 -38.72
CA PRO B 233 26.88 3.52 -39.81
C PRO B 233 26.32 3.20 -41.19
N ALA B 234 26.57 4.09 -42.15
CA ALA B 234 26.09 3.92 -43.53
C ALA B 234 26.51 2.58 -44.14
N LYS B 235 27.68 2.07 -43.74
CA LYS B 235 28.16 0.78 -44.22
C LYS B 235 27.14 -0.34 -44.04
N TYR B 236 26.41 -0.31 -42.92
CA TYR B 236 25.47 -1.38 -42.57
C TYR B 236 24.09 -1.18 -43.21
N LEU B 237 23.76 0.07 -43.53
CA LEU B 237 22.49 0.39 -44.17
C LEU B 237 22.64 0.31 -45.68
N ASP B 238 21.54 -0.04 -46.34
CA ASP B 238 21.47 -0.07 -47.80
C ASP B 238 20.01 0.03 -48.24
N GLU B 239 19.75 -0.18 -49.53
CA GLU B 239 18.41 0.09 -50.07
C GLU B 239 17.39 -0.99 -49.72
N ASP B 240 17.87 -2.22 -49.48
CA ASP B 240 17.01 -3.33 -49.04
C ASP B 240 16.76 -3.34 -47.53
N THR B 241 17.40 -2.45 -46.79
CA THR B 241 17.20 -2.35 -45.33
C THR B 241 15.76 -1.90 -45.02
N ILE B 242 15.02 -2.75 -44.32
CA ILE B 242 13.59 -2.53 -44.08
C ILE B 242 13.39 -1.57 -42.90
N TYR B 243 12.52 -0.57 -43.09
CA TYR B 243 12.26 0.46 -42.07
C TYR B 243 10.79 0.55 -41.67
N HIS B 244 10.44 -0.06 -40.53
CA HIS B 244 9.12 0.09 -39.93
C HIS B 244 9.16 1.15 -38.82
N LEU B 245 8.93 2.42 -39.19
CA LEU B 245 8.91 3.52 -38.23
C LEU B 245 7.47 3.80 -37.81
N GLN B 246 7.23 3.83 -36.50
CA GLN B 246 5.89 4.00 -35.94
C GLN B 246 4.85 3.08 -36.59
N PRO B 247 5.14 1.78 -36.68
CA PRO B 247 4.17 0.90 -37.29
C PRO B 247 2.88 0.89 -36.46
N SER B 248 1.74 0.76 -37.14
CA SER B 248 0.42 0.83 -36.49
C SER B 248 0.15 2.16 -35.73
N GLY B 249 0.70 3.26 -36.25
CA GLY B 249 0.35 4.62 -35.83
C GLY B 249 0.33 4.91 -34.33
N ARG B 250 -0.87 5.16 -33.81
CA ARG B 250 -1.17 5.35 -32.36
C ARG B 250 0.02 5.84 -31.49
N PHE B 251 0.33 5.11 -30.42
CA PHE B 251 1.40 5.44 -29.45
C PHE B 251 1.39 6.91 -28.96
N VAL B 252 0.20 7.47 -28.78
CA VAL B 252 0.04 8.82 -28.23
C VAL B 252 0.13 8.77 -26.70
N ILE B 253 -0.36 7.68 -26.12
CA ILE B 253 -0.22 7.41 -24.71
C ILE B 253 0.71 6.20 -24.54
N GLY B 254 1.41 6.14 -23.42
CA GLY B 254 2.39 5.10 -23.20
C GLY B 254 2.91 5.09 -21.78
N GLY B 255 3.90 4.26 -21.53
CA GLY B 255 4.40 4.05 -20.19
C GLY B 255 3.42 3.22 -19.38
N PRO B 256 3.38 3.44 -18.05
CA PRO B 256 2.53 2.69 -17.12
C PRO B 256 1.01 2.71 -17.39
N GLN B 257 0.53 3.72 -18.11
CA GLN B 257 -0.92 3.94 -18.26
C GLN B 257 -1.54 2.87 -19.15
N GLY B 258 -2.39 2.04 -18.57
CA GLY B 258 -2.98 0.90 -19.27
C GLY B 258 -2.01 -0.24 -19.48
N ASP B 259 -0.95 -0.28 -18.68
CA ASP B 259 0.07 -1.32 -18.79
C ASP B 259 0.55 -1.68 -17.38
N ALA B 260 1.44 -2.68 -17.30
CA ALA B 260 2.03 -3.09 -16.02
C ALA B 260 3.48 -3.48 -16.24
N GLY B 261 4.34 -3.06 -15.33
CA GLY B 261 5.76 -3.32 -15.49
C GLY B 261 6.44 -3.58 -14.18
N LEU B 262 7.57 -4.28 -14.25
CA LEU B 262 8.31 -4.74 -13.10
C LEU B 262 9.82 -4.64 -13.31
N THR B 263 10.54 -4.56 -12.20
CA THR B 263 11.98 -4.75 -12.15
C THR B 263 12.31 -6.19 -12.55
N GLY B 264 13.36 -6.38 -13.35
CA GLY B 264 13.85 -7.73 -13.68
C GLY B 264 13.17 -8.43 -14.84
N ARG B 265 12.35 -7.69 -15.60
CA ARG B 265 11.68 -8.24 -16.77
C ARG B 265 12.31 -7.79 -18.09
N LYS B 266 13.53 -7.26 -18.02
CA LYS B 266 14.30 -6.94 -19.21
C LYS B 266 15.73 -7.38 -19.04
N ILE B 267 15.92 -8.59 -18.52
CA ILE B 267 17.27 -9.09 -18.25
C ILE B 267 18.07 -9.35 -19.53
N ILE B 268 17.38 -9.68 -20.62
CA ILE B 268 18.07 -9.95 -21.89
C ILE B 268 18.46 -8.65 -22.56
N VAL B 269 17.53 -7.69 -22.56
CA VAL B 269 17.81 -6.32 -23.03
C VAL B 269 18.95 -5.69 -22.23
N ASP B 270 18.98 -5.95 -20.92
CA ASP B 270 20.02 -5.38 -20.05
C ASP B 270 21.42 -5.94 -20.28
N THR B 271 21.52 -7.08 -20.98
CA THR B 271 22.79 -7.80 -21.12
C THR B 271 23.30 -7.93 -22.56
N TYR B 272 22.98 -9.03 -23.25
CA TYR B 272 23.57 -9.31 -24.56
C TYR B 272 22.57 -9.48 -25.71
N GLY B 273 21.37 -8.94 -25.54
CA GLY B 273 20.34 -8.97 -26.58
C GLY B 273 20.11 -10.33 -27.22
N GLY B 274 20.29 -11.40 -26.44
CA GLY B 274 20.05 -12.76 -26.91
C GLY B 274 21.31 -13.55 -27.20
N TRP B 275 22.44 -12.86 -27.32
CA TRP B 275 23.71 -13.54 -27.55
C TRP B 275 24.27 -14.06 -26.23
N GLY B 276 25.26 -14.94 -26.33
CA GLY B 276 25.93 -15.52 -25.17
C GLY B 276 25.04 -16.50 -24.43
N ALA B 277 24.61 -16.06 -23.26
CA ALA B 277 23.82 -16.87 -22.36
C ALA B 277 23.40 -16.01 -21.20
N HIS B 278 22.49 -16.52 -20.38
CA HIS B 278 22.05 -15.81 -19.19
C HIS B 278 21.67 -16.82 -18.12
N GLY B 279 21.95 -16.50 -16.87
CA GLY B 279 21.68 -17.40 -15.74
C GLY B 279 20.43 -17.04 -14.96
N GLY B 280 19.59 -16.20 -15.56
CA GLY B 280 18.30 -15.81 -14.98
C GLY B 280 18.25 -14.56 -14.11
N GLY B 281 19.38 -14.21 -13.48
CA GLY B 281 19.39 -13.17 -12.45
C GLY B 281 19.30 -11.72 -12.93
N ALA B 282 18.52 -10.92 -12.20
CA ALA B 282 18.26 -9.53 -12.55
C ALA B 282 19.20 -8.60 -11.78
N PHE B 283 19.61 -7.51 -12.40
CA PHE B 283 20.55 -6.59 -11.76
C PHE B 283 19.92 -5.56 -10.83
N SER B 284 18.96 -4.79 -11.33
CA SER B 284 18.55 -3.57 -10.63
C SER B 284 17.96 -3.84 -9.26
N GLY B 285 18.27 -2.93 -8.33
CA GLY B 285 17.70 -2.95 -6.99
C GLY B 285 18.55 -3.72 -6.01
N LYS B 286 19.66 -4.28 -6.48
CA LYS B 286 20.51 -5.17 -5.69
C LYS B 286 21.91 -4.62 -5.47
N ASP B 287 22.40 -4.77 -4.26
CA ASP B 287 23.76 -4.40 -3.91
C ASP B 287 24.73 -5.52 -4.31
N TYR B 288 26.03 -5.32 -4.04
CA TYR B 288 27.10 -6.19 -4.54
C TYR B 288 27.09 -7.62 -3.95
N THR B 289 26.56 -7.78 -2.75
CA THR B 289 26.48 -9.11 -2.12
C THR B 289 25.53 -10.06 -2.86
N LYS B 290 24.63 -9.48 -3.64
CA LYS B 290 23.82 -10.24 -4.57
C LYS B 290 24.65 -10.49 -5.82
N VAL B 291 25.20 -11.69 -5.92
CA VAL B 291 26.07 -12.08 -7.03
C VAL B 291 25.39 -12.16 -8.38
N ASP B 292 24.06 -12.14 -8.42
CA ASP B 292 23.34 -11.99 -9.69
C ASP B 292 23.91 -10.80 -10.46
N ARG B 293 24.25 -9.73 -9.73
CA ARG B 293 24.82 -8.53 -10.31
C ARG B 293 26.36 -8.54 -10.25
N SER B 294 26.93 -8.63 -9.05
CA SER B 294 28.38 -8.52 -8.91
C SER B 294 29.17 -9.57 -9.69
N ALA B 295 28.79 -10.84 -9.58
CA ALA B 295 29.46 -11.87 -10.38
C ALA B 295 29.20 -11.71 -11.89
N ALA B 296 28.02 -11.20 -12.26
CA ALA B 296 27.71 -11.01 -13.68
C ALA B 296 28.55 -9.88 -14.29
N TYR B 297 28.68 -8.78 -13.56
CA TYR B 297 29.62 -7.73 -13.95
C TYR B 297 31.04 -8.28 -14.04
N ALA B 298 31.43 -9.07 -13.03
CA ALA B 298 32.76 -9.70 -13.02
C ALA B 298 32.97 -10.56 -14.26
N ALA B 299 32.04 -11.49 -14.52
CA ALA B 299 32.11 -12.36 -15.70
C ALA B 299 32.27 -11.59 -17.02
N ARG B 300 31.55 -10.46 -17.17
CA ARG B 300 31.75 -9.59 -18.34
C ARG B 300 33.17 -9.00 -18.39
N TRP B 301 33.68 -8.59 -17.22
CA TRP B 301 35.03 -8.08 -17.12
C TRP B 301 36.04 -9.12 -17.59
N VAL B 302 35.79 -10.38 -17.25
CA VAL B 302 36.67 -11.47 -17.69
C VAL B 302 36.59 -11.68 -19.20
N ALA B 303 35.38 -11.85 -19.72
CA ALA B 303 35.16 -12.06 -21.14
C ALA B 303 35.86 -10.98 -21.97
N LYS B 304 35.60 -9.71 -21.64
CA LYS B 304 36.14 -8.59 -22.40
C LYS B 304 37.66 -8.56 -22.35
N SER B 305 38.20 -8.74 -21.14
CA SER B 305 39.64 -8.82 -20.94
C SER B 305 40.30 -9.86 -21.84
N LEU B 306 39.65 -11.00 -22.05
CA LEU B 306 40.21 -12.02 -22.93
C LEU B 306 40.12 -11.62 -24.39
N VAL B 307 39.05 -10.92 -24.78
CA VAL B 307 38.94 -10.52 -26.18
C VAL B 307 39.90 -9.36 -26.47
N LYS B 308 39.84 -8.31 -25.66
CA LYS B 308 40.78 -7.17 -25.78
C LYS B 308 42.25 -7.57 -25.58
N GLY B 309 42.51 -8.58 -24.77
CA GLY B 309 43.87 -9.12 -24.60
C GLY B 309 44.32 -10.08 -25.70
N GLY B 310 43.48 -10.31 -26.71
CA GLY B 310 43.85 -11.06 -27.90
C GLY B 310 43.95 -12.56 -27.72
N LEU B 311 43.43 -13.09 -26.62
CA LEU B 311 43.40 -14.55 -26.45
C LEU B 311 42.29 -15.21 -27.25
N CYS B 312 41.28 -14.43 -27.64
CA CYS B 312 40.22 -14.93 -28.51
C CYS B 312 39.44 -13.79 -29.18
N ARG B 313 38.58 -14.15 -30.12
CA ARG B 313 37.71 -13.19 -30.81
C ARG B 313 36.30 -13.20 -30.20
N ARG B 314 35.90 -14.32 -29.62
CA ARG B 314 34.59 -14.45 -29.01
C ARG B 314 34.67 -15.41 -27.83
N VAL B 315 33.94 -15.12 -26.77
CA VAL B 315 34.04 -15.92 -25.56
C VAL B 315 32.79 -15.84 -24.67
N LEU B 316 32.47 -16.96 -24.05
CA LEU B 316 31.42 -17.05 -23.05
C LEU B 316 32.02 -17.63 -21.79
N VAL B 317 31.71 -17.00 -20.66
CA VAL B 317 32.23 -17.41 -19.36
C VAL B 317 31.07 -17.77 -18.45
N GLN B 318 31.14 -18.91 -17.76
CA GLN B 318 30.17 -19.23 -16.70
C GLN B 318 30.85 -19.35 -15.35
N VAL B 319 30.18 -18.80 -14.34
CA VAL B 319 30.51 -19.01 -12.94
C VAL B 319 29.24 -19.39 -12.22
N SER B 320 29.37 -20.14 -11.13
CA SER B 320 28.24 -20.38 -10.25
C SER B 320 28.69 -20.24 -8.81
N TYR B 321 27.73 -20.00 -7.92
CA TYR B 321 27.98 -19.79 -6.49
C TYR B 321 26.95 -20.53 -5.66
N ALA B 322 27.29 -20.77 -4.40
CA ALA B 322 26.34 -21.22 -3.40
C ALA B 322 26.28 -20.14 -2.34
N ILE B 323 25.11 -20.01 -1.72
CA ILE B 323 24.91 -18.99 -0.71
C ILE B 323 25.78 -19.27 0.52
N GLY B 324 26.32 -18.21 1.11
CA GLY B 324 27.17 -18.32 2.28
C GLY B 324 28.54 -18.91 1.99
N VAL B 325 28.91 -18.93 0.72
CA VAL B 325 30.19 -19.48 0.26
C VAL B 325 30.89 -18.43 -0.60
N SER B 326 32.14 -18.14 -0.29
CA SER B 326 32.88 -17.07 -0.93
C SER B 326 33.32 -17.42 -2.36
N HIS B 327 33.94 -18.59 -2.53
CA HIS B 327 34.51 -18.98 -3.81
C HIS B 327 33.46 -19.49 -4.80
N PRO B 328 33.67 -19.22 -6.10
CA PRO B 328 32.85 -19.83 -7.14
C PRO B 328 32.85 -21.34 -7.04
N LEU B 329 31.68 -21.95 -7.21
CA LEU B 329 31.57 -23.41 -7.26
C LEU B 329 32.11 -23.99 -8.56
N SER B 330 32.12 -23.18 -9.61
CA SER B 330 32.50 -23.65 -10.92
C SER B 330 32.86 -22.47 -11.78
N ILE B 331 33.85 -22.66 -12.66
CA ILE B 331 34.19 -21.68 -13.68
C ILE B 331 34.37 -22.42 -15.01
N SER B 332 33.81 -21.85 -16.08
CA SER B 332 33.77 -22.50 -17.37
C SER B 332 34.03 -21.47 -18.45
N ILE B 333 34.89 -21.83 -19.40
CA ILE B 333 35.26 -20.97 -20.52
C ILE B 333 34.96 -21.69 -21.84
N PHE B 334 34.25 -21.00 -22.74
CA PHE B 334 34.01 -21.47 -24.11
C PHE B 334 34.45 -20.35 -25.04
N HIS B 335 35.44 -20.64 -25.89
CA HIS B 335 35.98 -19.62 -26.78
C HIS B 335 35.51 -19.82 -28.22
N TYR B 336 34.56 -20.73 -28.41
CA TYR B 336 33.92 -20.95 -29.72
C TYR B 336 34.95 -21.32 -30.80
N GLY B 337 36.01 -22.01 -30.39
CA GLY B 337 37.15 -22.27 -31.27
C GLY B 337 37.75 -21.04 -31.94
N THR B 338 37.78 -19.92 -31.22
CA THR B 338 38.39 -18.69 -31.75
C THR B 338 39.72 -18.36 -31.07
N SER B 339 40.35 -19.35 -30.45
CA SER B 339 41.66 -19.19 -29.84
C SER B 339 42.55 -20.36 -30.20
N GLN B 340 43.84 -20.07 -30.35
CA GLN B 340 44.84 -21.11 -30.52
C GLN B 340 45.04 -21.88 -29.22
N LYS B 341 44.90 -21.17 -28.11
CA LYS B 341 44.95 -21.81 -26.79
C LYS B 341 43.71 -22.67 -26.56
N SER B 342 43.87 -23.74 -25.78
CA SER B 342 42.76 -24.60 -25.45
C SER B 342 41.84 -23.88 -24.46
N GLU B 343 40.58 -24.30 -24.43
CA GLU B 343 39.63 -23.77 -23.46
C GLU B 343 40.12 -23.94 -22.02
N ARG B 344 40.83 -25.03 -21.75
CA ARG B 344 41.44 -25.24 -20.44
C ARG B 344 42.61 -24.29 -20.17
N GLU B 345 43.35 -23.92 -21.21
CA GLU B 345 44.43 -22.95 -21.03
C GLU B 345 43.88 -21.60 -20.60
N LEU B 346 42.85 -21.14 -21.31
CA LEU B 346 42.16 -19.90 -20.94
C LEU B 346 41.63 -19.96 -19.52
N LEU B 347 41.08 -21.12 -19.14
CA LEU B 347 40.55 -21.28 -17.79
C LEU B 347 41.66 -21.08 -16.80
N GLU B 348 42.83 -21.65 -17.08
CA GLU B 348 43.98 -21.54 -16.17
C GLU B 348 44.46 -20.09 -16.06
N ILE B 349 44.49 -19.38 -17.20
CA ILE B 349 44.83 -17.96 -17.19
C ILE B 349 43.85 -17.19 -16.33
N VAL B 350 42.57 -17.52 -16.44
CA VAL B 350 41.53 -16.83 -15.66
C VAL B 350 41.72 -17.06 -14.14
N LYS B 351 42.06 -18.28 -13.74
CA LYS B 351 42.27 -18.61 -12.32
C LYS B 351 43.37 -17.81 -11.62
N LYS B 352 44.44 -17.48 -12.35
CA LYS B 352 45.59 -16.79 -11.74
C LYS B 352 45.60 -15.28 -11.93
N ASN B 353 44.71 -14.76 -12.77
CA ASN B 353 44.52 -13.31 -12.91
C ASN B 353 43.27 -12.76 -12.21
N PHE B 354 42.32 -13.63 -11.84
CA PHE B 354 41.06 -13.17 -11.27
C PHE B 354 40.72 -13.91 -9.99
N ASP B 355 40.11 -13.19 -9.06
CA ASP B 355 39.57 -13.76 -7.84
C ASP B 355 38.14 -13.30 -7.74
N LEU B 356 37.20 -14.22 -7.92
CA LEU B 356 35.82 -13.86 -8.17
C LEU B 356 34.90 -14.00 -6.94
N ARG B 357 35.49 -13.96 -5.75
CA ARG B 357 34.71 -13.87 -4.54
C ARG B 357 34.08 -12.49 -4.47
N PRO B 358 32.84 -12.39 -3.99
CA PRO B 358 32.18 -11.08 -4.00
C PRO B 358 32.92 -10.06 -3.13
N GLY B 359 33.62 -10.53 -2.10
CA GLY B 359 34.43 -9.66 -1.24
C GLY B 359 35.60 -8.97 -1.93
N VAL B 360 36.08 -9.57 -3.01
CA VAL B 360 37.19 -9.04 -3.79
C VAL B 360 36.72 -8.28 -5.01
N ILE B 361 35.66 -8.77 -5.65
CA ILE B 361 35.09 -8.09 -6.82
C ILE B 361 34.63 -6.68 -6.44
N VAL B 362 33.99 -6.54 -5.28
CA VAL B 362 33.50 -5.23 -4.83
C VAL B 362 34.61 -4.17 -4.87
N ARG B 363 35.81 -4.57 -4.46
CA ARG B 363 36.97 -3.68 -4.52
C ARG B 363 37.45 -3.51 -5.96
N ASP B 364 37.66 -4.61 -6.68
CA ASP B 364 38.16 -4.54 -8.06
C ASP B 364 37.27 -3.66 -8.95
N LEU B 365 35.95 -3.79 -8.80
CA LEU B 365 34.99 -3.06 -9.66
C LEU B 365 34.29 -1.91 -8.93
N ASP B 366 34.57 -1.73 -7.64
CA ASP B 366 34.19 -0.52 -6.92
C ASP B 366 32.67 -0.43 -6.83
N LEU B 367 32.05 -1.47 -6.26
CA LEU B 367 30.59 -1.67 -6.39
C LEU B 367 29.78 -1.09 -5.24
N LYS B 368 30.34 -0.10 -4.55
CA LYS B 368 29.62 0.61 -3.50
C LYS B 368 29.31 2.02 -3.93
N LYS B 369 29.72 2.40 -5.14
CA LYS B 369 29.42 3.73 -5.65
C LYS B 369 27.96 3.84 -6.10
N PRO B 370 27.29 4.94 -5.74
CA PRO B 370 25.90 5.14 -6.11
C PRO B 370 25.71 5.66 -7.53
N ILE B 371 26.14 4.87 -8.52
CA ILE B 371 25.89 5.23 -9.94
C ILE B 371 25.26 4.05 -10.69
N TYR B 372 24.45 3.29 -9.96
CA TYR B 372 23.73 2.16 -10.55
C TYR B 372 22.54 2.61 -11.40
N GLN B 373 21.97 3.77 -11.08
CA GLN B 373 20.87 4.31 -11.87
C GLN B 373 21.27 4.57 -13.32
N ARG B 374 22.55 4.87 -13.56
CA ARG B 374 23.11 4.98 -14.92
C ARG B 374 23.06 3.66 -15.70
N THR B 375 23.06 2.52 -15.00
CA THR B 375 23.08 1.21 -15.64
C THR B 375 21.67 0.72 -16.00
N ALA B 376 20.66 1.36 -15.42
CA ALA B 376 19.28 0.91 -15.51
C ALA B 376 18.65 1.09 -16.87
N ALA B 377 19.35 1.73 -17.80
CA ALA B 377 18.87 1.74 -19.18
C ALA B 377 20.03 1.81 -20.15
N TYR B 378 19.77 1.37 -21.37
CA TYR B 378 20.75 1.34 -22.45
C TYR B 378 21.86 0.30 -22.20
N GLY B 379 21.54 -0.72 -21.42
CA GLY B 379 22.45 -1.85 -21.23
C GLY B 379 23.44 -1.64 -20.11
N HIS B 380 23.84 -2.73 -19.47
CA HIS B 380 24.83 -2.70 -18.39
C HIS B 380 26.23 -2.92 -18.91
N PHE B 381 26.34 -3.30 -20.18
CA PHE B 381 27.62 -3.66 -20.77
C PHE B 381 27.91 -2.89 -22.04
N GLY B 382 29.18 -2.90 -22.46
CA GLY B 382 29.61 -2.17 -23.65
C GLY B 382 29.58 -0.65 -23.55
N ARG B 383 29.64 -0.11 -22.35
CA ARG B 383 29.50 1.33 -22.15
C ARG B 383 30.70 1.99 -21.47
N ASP B 384 31.04 3.20 -21.95
CA ASP B 384 32.22 3.92 -21.46
C ASP B 384 32.11 4.33 -19.98
N SER B 385 33.15 4.01 -19.22
CA SER B 385 33.33 4.45 -17.82
C SER B 385 32.75 3.52 -16.78
N PHE B 386 32.14 2.42 -17.21
CA PHE B 386 31.78 1.36 -16.28
C PHE B 386 33.02 0.54 -15.97
N PRO B 387 33.31 0.30 -14.68
CA PRO B 387 34.56 -0.42 -14.34
C PRO B 387 34.72 -1.79 -14.99
N TRP B 388 33.63 -2.52 -15.17
CA TRP B 388 33.70 -3.86 -15.79
C TRP B 388 34.02 -3.78 -17.28
N GLU B 389 33.88 -2.59 -17.85
CA GLU B 389 34.20 -2.35 -19.26
C GLU B 389 35.68 -2.02 -19.51
N VAL B 390 36.46 -1.91 -18.43
CA VAL B 390 37.86 -1.56 -18.55
C VAL B 390 38.70 -2.84 -18.42
N PRO B 391 39.24 -3.35 -19.55
CA PRO B 391 39.93 -4.64 -19.53
C PRO B 391 41.17 -4.67 -18.69
N LYS B 392 41.29 -5.72 -17.88
CA LYS B 392 42.48 -5.96 -17.08
C LYS B 392 43.57 -6.61 -17.95
N LYS B 393 44.80 -6.08 -17.85
CA LYS B 393 45.97 -6.72 -18.47
C LYS B 393 46.25 -8.04 -17.76
N LEU B 394 46.46 -9.09 -18.54
CA LEU B 394 46.61 -10.44 -18.01
C LEU B 394 48.08 -10.87 -18.00
N LYS B 395 48.51 -11.55 -16.93
CA LYS B 395 49.87 -12.07 -16.83
C LYS B 395 49.87 -13.60 -16.91
N TYR B 396 50.43 -14.14 -18.00
CA TYR B 396 50.47 -15.58 -18.22
C TYR B 396 51.76 -16.00 -18.92
N GLU C 16 -30.00 40.05 26.27
CA GLU C 16 -29.73 39.03 25.21
C GLU C 16 -29.81 37.62 25.74
N GLY C 17 -30.91 36.94 25.47
CA GLY C 17 -31.02 35.49 25.65
C GLY C 17 -30.54 34.78 24.38
N THR C 18 -29.45 35.27 23.79
CA THR C 18 -28.92 34.77 22.53
C THR C 18 -27.68 33.92 22.70
N PHE C 19 -27.33 33.20 21.63
CA PHE C 19 -26.16 32.33 21.61
C PHE C 19 -25.71 32.09 20.18
N LEU C 20 -24.53 31.50 20.02
CA LEU C 20 -24.04 31.12 18.69
C LEU C 20 -24.00 29.59 18.54
N PHE C 21 -24.14 29.14 17.31
CA PHE C 21 -24.00 27.72 17.01
C PHE C 21 -23.47 27.56 15.59
N THR C 22 -22.50 26.66 15.45
CA THR C 22 -21.73 26.52 14.22
C THR C 22 -21.86 25.11 13.67
N SER C 23 -22.07 25.01 12.37
CA SER C 23 -22.12 23.72 11.66
C SER C 23 -21.14 23.83 10.50
N GLU C 24 -20.89 22.72 9.82
CA GLU C 24 -20.01 22.74 8.66
C GLU C 24 -20.54 21.79 7.60
N SER C 25 -19.99 21.92 6.41
CA SER C 25 -20.31 21.05 5.29
C SER C 25 -19.08 21.00 4.40
N VAL C 26 -19.00 19.99 3.56
CA VAL C 26 -17.87 19.83 2.64
C VAL C 26 -18.36 19.60 1.23
N GLY C 27 -17.52 19.95 0.26
CA GLY C 27 -17.84 19.82 -1.16
C GLY C 27 -17.64 18.42 -1.70
N GLU C 28 -18.16 18.18 -2.88
CA GLU C 28 -18.07 16.87 -3.55
C GLU C 28 -16.64 16.42 -3.68
N GLY C 29 -15.71 17.36 -3.88
CA GLY C 29 -14.28 17.02 -4.02
C GLY C 29 -13.48 16.96 -2.72
N HIS C 30 -14.13 17.09 -1.57
CA HIS C 30 -13.48 16.77 -0.31
C HIS C 30 -13.24 15.27 -0.30
N PRO C 31 -12.01 14.84 0.03
CA PRO C 31 -11.62 13.43 -0.14
C PRO C 31 -12.40 12.43 0.72
N ASP C 32 -12.77 12.83 1.93
CA ASP C 32 -13.63 11.99 2.77
C ASP C 32 -14.96 11.80 2.08
N LYS C 33 -15.43 12.84 1.42
CA LYS C 33 -16.73 12.80 0.75
C LYS C 33 -16.63 12.10 -0.59
N ILE C 34 -15.53 12.29 -1.32
CA ILE C 34 -15.21 11.44 -2.46
C ILE C 34 -15.42 9.98 -2.08
N CYS C 35 -14.84 9.58 -0.95
CA CYS C 35 -14.93 8.22 -0.48
C CYS C 35 -16.38 7.82 -0.20
N ASP C 36 -17.14 8.71 0.45
CA ASP C 36 -18.56 8.43 0.71
C ASP C 36 -19.31 8.22 -0.62
N GLN C 37 -19.02 9.07 -1.60
CA GLN C 37 -19.70 9.01 -2.88
C GLN C 37 -19.37 7.75 -3.64
N ILE C 38 -18.08 7.39 -3.63
CA ILE C 38 -17.61 6.18 -4.30
C ILE C 38 -18.18 4.95 -3.62
N SER C 39 -18.24 4.95 -2.30
CA SER C 39 -18.80 3.82 -1.58
C SER C 39 -20.26 3.59 -1.91
N ASP C 40 -21.05 4.66 -2.00
CA ASP C 40 -22.47 4.52 -2.34
C ASP C 40 -22.67 4.25 -3.84
N ALA C 41 -21.71 4.67 -4.67
CA ALA C 41 -21.72 4.28 -6.07
C ALA C 41 -21.62 2.76 -6.16
N VAL C 42 -20.62 2.22 -5.46
CA VAL C 42 -20.42 0.78 -5.41
C VAL C 42 -21.69 0.10 -4.93
N LEU C 43 -22.37 0.71 -3.95
CA LEU C 43 -23.63 0.17 -3.46
C LEU C 43 -24.72 0.24 -4.54
N ASP C 44 -24.80 1.40 -5.21
CA ASP C 44 -25.78 1.60 -6.27
C ASP C 44 -25.64 0.58 -7.38
N ALA C 45 -24.40 0.30 -7.80
CA ALA C 45 -24.15 -0.59 -8.93
C ALA C 45 -24.52 -2.03 -8.57
N HIS C 46 -24.20 -2.45 -7.36
CA HIS C 46 -24.58 -3.78 -6.91
C HIS C 46 -26.11 -3.94 -6.85
N LEU C 47 -26.82 -2.86 -6.55
CA LEU C 47 -28.27 -2.91 -6.38
C LEU C 47 -29.03 -2.87 -7.71
N GLN C 48 -28.50 -2.17 -8.70
CA GLN C 48 -29.11 -2.16 -10.06
C GLN C 48 -29.21 -3.56 -10.63
N GLN C 49 -28.23 -4.41 -10.33
CA GLN C 49 -28.26 -5.81 -10.74
C GLN C 49 -28.98 -6.67 -9.70
N ASP C 50 -28.73 -6.40 -8.42
CA ASP C 50 -29.22 -7.24 -7.33
C ASP C 50 -29.74 -6.39 -6.19
N PRO C 51 -31.07 -6.29 -6.04
CA PRO C 51 -31.64 -5.52 -4.94
C PRO C 51 -31.41 -6.12 -3.55
N ASP C 52 -31.11 -7.41 -3.47
CA ASP C 52 -30.90 -8.06 -2.17
C ASP C 52 -29.41 -8.23 -1.83
N ALA C 53 -28.58 -7.37 -2.42
CA ALA C 53 -27.15 -7.36 -2.19
C ALA C 53 -26.82 -6.80 -0.80
N LYS C 54 -25.87 -7.44 -0.13
CA LYS C 54 -25.31 -6.92 1.11
C LYS C 54 -23.94 -6.26 0.85
N VAL C 55 -23.81 -5.01 1.24
CA VAL C 55 -22.62 -4.22 0.98
C VAL C 55 -22.14 -3.57 2.25
N ALA C 56 -20.83 -3.48 2.39
CA ALA C 56 -20.16 -2.86 3.52
C ALA C 56 -18.80 -2.47 3.02
N CYS C 57 -18.78 -1.47 2.14
CA CYS C 57 -17.60 -1.11 1.35
C CYS C 57 -17.03 0.24 1.79
N GLU C 58 -15.83 0.20 2.33
CA GLU C 58 -15.10 1.40 2.70
C GLU C 58 -14.27 1.85 1.51
N THR C 59 -14.07 3.15 1.37
CA THR C 59 -13.18 3.67 0.32
C THR C 59 -12.10 4.54 0.94
N VAL C 60 -10.90 4.45 0.39
CA VAL C 60 -9.75 5.20 0.91
C VAL C 60 -9.12 5.94 -0.26
N ALA C 61 -8.83 7.22 -0.06
CA ALA C 61 -8.31 8.07 -1.13
C ALA C 61 -7.10 8.86 -0.67
N LYS C 62 -6.04 8.76 -1.46
CA LYS C 62 -4.81 9.47 -1.25
C LYS C 62 -4.20 9.68 -2.64
N THR C 63 -3.15 10.48 -2.72
CA THR C 63 -2.56 10.84 -3.99
C THR C 63 -2.51 9.70 -4.99
N GLY C 64 -3.27 9.84 -6.07
CA GLY C 64 -3.23 8.90 -7.18
C GLY C 64 -3.90 7.57 -6.92
N MET C 65 -4.47 7.41 -5.72
CA MET C 65 -4.99 6.10 -5.31
C MET C 65 -6.44 6.13 -4.87
N ILE C 66 -7.18 5.10 -5.27
CA ILE C 66 -8.46 4.78 -4.68
C ILE C 66 -8.47 3.30 -4.34
N LEU C 67 -8.53 2.99 -3.05
CA LEU C 67 -8.59 1.62 -2.55
C LEU C 67 -10.00 1.27 -2.07
N LEU C 68 -10.51 0.12 -2.50
CA LEU C 68 -11.82 -0.37 -2.04
C LEU C 68 -11.60 -1.58 -1.13
N ALA C 69 -12.15 -1.51 0.07
CA ALA C 69 -12.02 -2.58 1.06
C ALA C 69 -13.37 -2.85 1.72
N GLY C 70 -13.58 -4.09 2.17
CA GLY C 70 -14.83 -4.45 2.81
C GLY C 70 -15.41 -5.75 2.31
N GLU C 71 -16.52 -6.17 2.91
CA GLU C 71 -17.17 -7.45 2.58
C GLU C 71 -18.51 -7.23 1.87
N ILE C 72 -18.62 -7.80 0.67
CA ILE C 72 -19.83 -7.76 -0.15
C ILE C 72 -20.31 -9.17 -0.39
N THR C 73 -21.63 -9.38 -0.29
CA THR C 73 -22.23 -10.67 -0.65
C THR C 73 -23.37 -10.40 -1.63
N SER C 74 -23.21 -10.83 -2.87
CA SER C 74 -24.11 -10.41 -3.96
C SER C 74 -23.96 -11.21 -5.25
N ARG C 75 -24.91 -10.99 -6.15
CA ARG C 75 -24.97 -11.69 -7.43
C ARG C 75 -24.41 -10.85 -8.56
N ALA C 76 -24.36 -9.53 -8.36
CA ALA C 76 -23.93 -8.61 -9.39
C ALA C 76 -22.47 -8.80 -9.72
N ALA C 77 -22.11 -8.42 -10.96
CA ALA C 77 -20.74 -8.42 -11.41
C ALA C 77 -20.41 -6.99 -11.79
N VAL C 78 -19.85 -6.25 -10.85
CA VAL C 78 -19.64 -4.83 -11.04
C VAL C 78 -18.24 -4.55 -11.58
N ASP C 79 -18.18 -3.65 -12.55
CA ASP C 79 -16.93 -3.14 -13.05
C ASP C 79 -16.46 -2.01 -12.13
N TYR C 80 -15.67 -2.36 -11.12
CA TYR C 80 -15.16 -1.40 -10.15
C TYR C 80 -14.28 -0.34 -10.82
N GLN C 81 -13.72 -0.68 -11.98
CA GLN C 81 -13.03 0.29 -12.82
C GLN C 81 -13.94 1.46 -13.17
N LYS C 82 -15.08 1.16 -13.79
CA LYS C 82 -15.99 2.20 -14.29
C LYS C 82 -16.62 3.00 -13.14
N VAL C 83 -17.06 2.31 -12.10
CA VAL C 83 -17.71 2.98 -10.97
C VAL C 83 -16.80 4.02 -10.36
N VAL C 84 -15.61 3.58 -9.94
CA VAL C 84 -14.65 4.48 -9.33
C VAL C 84 -14.28 5.60 -10.29
N ARG C 85 -14.05 5.28 -11.56
CA ARG C 85 -13.55 6.30 -12.49
C ARG C 85 -14.65 7.30 -12.88
N GLU C 86 -15.86 6.81 -13.06
CA GLU C 86 -16.98 7.67 -13.45
C GLU C 86 -17.41 8.58 -12.30
N ALA C 87 -17.32 8.08 -11.06
CA ALA C 87 -17.62 8.91 -9.88
C ALA C 87 -16.63 10.06 -9.77
N VAL C 88 -15.36 9.76 -9.95
CA VAL C 88 -14.30 10.75 -9.81
C VAL C 88 -14.40 11.77 -10.95
N LYS C 89 -14.83 11.31 -12.13
CA LYS C 89 -15.09 12.21 -13.25
C LYS C 89 -16.20 13.20 -12.91
N HIS C 90 -17.33 12.69 -12.44
CA HIS C 90 -18.47 13.50 -12.02
C HIS C 90 -18.09 14.57 -10.99
N ILE C 91 -17.28 14.18 -10.02
CA ILE C 91 -16.79 15.08 -8.98
C ILE C 91 -15.96 16.21 -9.59
N GLY C 92 -15.26 15.91 -10.68
CA GLY C 92 -14.53 16.92 -11.44
C GLY C 92 -13.00 16.80 -11.38
N TYR C 93 -12.49 15.61 -11.07
CA TYR C 93 -11.05 15.38 -11.02
C TYR C 93 -10.56 14.70 -12.29
N ASP C 94 -10.11 15.53 -13.23
CA ASP C 94 -9.83 15.06 -14.58
C ASP C 94 -8.46 15.50 -15.12
N ASP C 95 -7.58 15.99 -14.25
CA ASP C 95 -6.26 16.42 -14.67
C ASP C 95 -5.28 16.46 -13.53
N SER C 96 -4.00 16.26 -13.85
CA SER C 96 -2.94 16.19 -12.86
C SER C 96 -2.71 17.56 -12.18
N SER C 97 -2.95 18.64 -12.94
CA SER C 97 -2.85 19.99 -12.40
C SER C 97 -3.83 20.24 -11.25
N LYS C 98 -4.96 19.52 -11.27
CA LYS C 98 -5.96 19.59 -10.20
C LYS C 98 -5.69 18.66 -9.01
N GLY C 99 -4.60 17.88 -9.06
CA GLY C 99 -4.22 16.98 -7.97
C GLY C 99 -4.68 15.53 -8.11
N PHE C 100 -5.56 15.28 -9.07
CA PHE C 100 -6.20 13.97 -9.20
C PHE C 100 -6.91 13.90 -10.55
N ASP C 101 -6.92 12.70 -11.14
CA ASP C 101 -7.45 12.51 -12.48
C ASP C 101 -8.05 11.12 -12.61
N TYR C 102 -9.34 11.06 -12.97
CA TYR C 102 -10.06 9.79 -13.13
C TYR C 102 -9.45 8.90 -14.22
N LYS C 103 -8.70 9.51 -15.13
CA LYS C 103 -8.17 8.78 -16.26
C LYS C 103 -6.95 7.95 -15.87
N THR C 104 -6.14 8.47 -14.94
CA THR C 104 -4.80 7.93 -14.69
C THR C 104 -4.55 7.35 -13.30
N CYS C 105 -5.54 7.45 -12.40
CA CYS C 105 -5.34 7.08 -11.00
C CYS C 105 -5.35 5.56 -10.80
N ASN C 106 -4.63 5.13 -9.77
CA ASN C 106 -4.60 3.73 -9.39
C ASN C 106 -5.92 3.38 -8.73
N VAL C 107 -6.42 2.17 -9.00
CA VAL C 107 -7.68 1.69 -8.46
C VAL C 107 -7.42 0.30 -7.90
N LEU C 108 -7.42 0.19 -6.58
CA LEU C 108 -7.06 -1.04 -5.90
C LEU C 108 -8.27 -1.62 -5.23
N VAL C 109 -8.44 -2.92 -5.36
CA VAL C 109 -9.66 -3.58 -4.91
C VAL C 109 -9.27 -4.75 -4.02
N ALA C 110 -9.70 -4.70 -2.78
CA ALA C 110 -9.50 -5.78 -1.81
C ALA C 110 -10.84 -6.16 -1.20
N LEU C 111 -11.90 -6.05 -1.99
CA LEU C 111 -13.21 -6.45 -1.56
C LEU C 111 -13.26 -7.97 -1.47
N GLU C 112 -13.77 -8.46 -0.35
CA GLU C 112 -13.97 -9.88 -0.17
C GLU C 112 -15.44 -10.21 -0.47
N GLN C 113 -15.68 -10.77 -1.67
CA GLN C 113 -17.02 -11.03 -2.19
C GLN C 113 -17.38 -12.52 -2.26
N GLN C 114 -18.65 -12.82 -2.00
CA GLN C 114 -19.20 -14.16 -2.14
C GLN C 114 -20.51 -14.09 -2.92
N SER C 115 -21.19 -15.22 -3.09
CA SER C 115 -22.43 -15.27 -3.87
C SER C 115 -23.21 -16.55 -3.59
N PRO C 116 -24.20 -16.50 -2.68
CA PRO C 116 -24.96 -17.70 -2.31
C PRO C 116 -26.11 -17.98 -3.26
N ASP C 135 -27.26 -4.81 16.11
CA ASP C 135 -28.60 -5.34 16.37
C ASP C 135 -29.25 -4.55 17.49
N GLN C 136 -28.59 -4.53 18.64
CA GLN C 136 -29.13 -3.95 19.86
C GLN C 136 -28.73 -2.47 19.90
N GLY C 137 -28.96 -1.76 18.80
CA GLY C 137 -28.43 -0.43 18.58
C GLY C 137 -29.30 0.74 19.05
N LEU C 138 -29.05 1.91 18.46
CA LEU C 138 -29.71 3.15 18.88
C LEU C 138 -29.52 4.22 17.80
N MET C 139 -30.62 4.84 17.36
CA MET C 139 -30.53 5.94 16.39
C MET C 139 -31.39 7.12 16.80
N PHE C 140 -31.16 8.23 16.11
CA PHE C 140 -31.89 9.46 16.34
C PHE C 140 -32.38 10.09 15.06
N GLY C 141 -33.43 10.89 15.20
CA GLY C 141 -33.95 11.76 14.14
C GLY C 141 -34.26 13.12 14.75
N TYR C 142 -34.26 14.14 13.91
CA TYR C 142 -34.39 15.49 14.42
C TYR C 142 -35.00 16.36 13.33
N ALA C 143 -35.79 17.34 13.74
CA ALA C 143 -36.32 18.34 12.81
C ALA C 143 -36.60 19.64 13.56
N THR C 144 -36.59 20.74 12.82
CA THR C 144 -36.69 22.09 13.38
C THR C 144 -37.37 23.00 12.36
N ASP C 145 -38.27 23.87 12.80
CA ASP C 145 -39.05 24.69 11.89
C ASP C 145 -38.34 25.99 11.48
N GLU C 146 -37.04 26.08 11.76
CA GLU C 146 -36.29 27.30 11.42
C GLU C 146 -35.99 27.46 9.92
N THR C 147 -36.24 26.40 9.14
CA THR C 147 -36.10 26.46 7.67
C THR C 147 -37.27 25.71 7.03
N GLU C 148 -37.58 26.03 5.77
CA GLU C 148 -38.61 25.28 5.03
C GLU C 148 -38.22 23.80 4.96
N GLU C 149 -36.92 23.53 4.88
CA GLU C 149 -36.40 22.16 4.83
C GLU C 149 -36.29 21.49 6.21
N CYS C 150 -36.81 22.13 7.24
CA CYS C 150 -36.96 21.50 8.57
C CYS C 150 -35.61 21.08 9.23
N MET C 151 -34.57 21.86 8.97
CA MET C 151 -33.22 21.55 9.41
C MET C 151 -32.53 22.80 9.97
N PRO C 152 -31.50 22.61 10.81
CA PRO C 152 -30.75 23.74 11.33
C PRO C 152 -30.33 24.68 10.22
N LEU C 153 -30.44 25.98 10.46
CA LEU C 153 -30.08 26.95 9.44
C LEU C 153 -28.57 26.88 9.18
N THR C 154 -27.80 26.57 10.22
CA THR C 154 -26.34 26.58 10.10
C THR C 154 -25.89 25.60 9.05
N ILE C 155 -26.36 24.36 9.13
CA ILE C 155 -25.92 23.34 8.18
C ILE C 155 -26.55 23.52 6.79
N VAL C 156 -27.79 24.00 6.74
CA VAL C 156 -28.47 24.15 5.46
C VAL C 156 -27.77 25.21 4.60
N LEU C 157 -27.34 26.30 5.24
CA LEU C 157 -26.54 27.30 4.54
C LEU C 157 -25.17 26.74 4.16
N ALA C 158 -24.62 25.89 5.03
CA ALA C 158 -23.31 25.26 4.77
C ALA C 158 -23.37 24.41 3.52
N HIS C 159 -24.40 23.56 3.44
CA HIS C 159 -24.56 22.68 2.30
C HIS C 159 -24.76 23.48 1.03
N LYS C 160 -25.72 24.41 1.08
CA LYS C 160 -26.05 25.21 -0.09
C LYS C 160 -24.87 26.03 -0.62
N LEU C 161 -24.04 26.56 0.27
CA LEU C 161 -22.79 27.21 -0.13
C LEU C 161 -21.88 26.28 -0.95
N ASN C 162 -21.79 25.02 -0.56
CA ASN C 162 -21.02 24.03 -1.34
C ASN C 162 -21.73 23.65 -2.63
N ALA C 163 -23.05 23.51 -2.59
CA ALA C 163 -23.80 23.23 -3.80
C ALA C 163 -23.59 24.37 -4.80
N LYS C 164 -23.57 25.60 -4.31
CA LYS C 164 -23.40 26.76 -5.17
C LYS C 164 -22.02 26.79 -5.82
N LEU C 165 -20.98 26.44 -5.06
CA LEU C 165 -19.63 26.36 -5.59
C LEU C 165 -19.55 25.34 -6.74
N ALA C 166 -20.07 24.15 -6.51
CA ALA C 166 -20.10 23.12 -7.54
C ALA C 166 -20.87 23.57 -8.79
N GLU C 167 -21.91 24.37 -8.56
CA GLU C 167 -22.75 24.88 -9.64
C GLU C 167 -22.01 25.90 -10.52
N LEU C 168 -21.37 26.87 -9.89
CA LEU C 168 -20.64 27.94 -10.60
C LEU C 168 -19.27 27.48 -11.13
N ARG C 169 -18.79 26.33 -10.67
CA ARG C 169 -17.64 25.68 -11.29
C ARG C 169 -18.08 25.08 -12.62
N ARG C 170 -19.17 24.32 -12.59
CA ARG C 170 -19.68 23.61 -13.76
C ARG C 170 -20.25 24.54 -14.83
N ASN C 171 -20.82 25.67 -14.43
CA ASN C 171 -21.23 26.73 -15.35
C ASN C 171 -20.10 27.20 -16.24
N GLY C 172 -18.94 27.39 -15.62
CA GLY C 172 -17.83 28.12 -16.21
C GLY C 172 -17.82 29.56 -15.72
N THR C 173 -18.78 29.92 -14.85
CA THR C 173 -18.90 31.30 -14.37
C THR C 173 -17.76 31.66 -13.41
N LEU C 174 -17.40 30.71 -12.55
CA LEU C 174 -16.15 30.81 -11.78
C LEU C 174 -15.30 29.59 -12.15
N PRO C 175 -14.60 29.65 -13.30
CA PRO C 175 -13.89 28.48 -13.84
C PRO C 175 -12.57 28.13 -13.11
N TRP C 176 -12.06 29.07 -12.32
CA TRP C 176 -10.86 28.87 -11.48
C TRP C 176 -11.11 27.99 -10.23
N LEU C 177 -12.37 27.70 -9.93
CA LEU C 177 -12.69 26.78 -8.82
C LEU C 177 -12.14 25.41 -9.09
N ARG C 178 -12.03 24.62 -8.02
CA ARG C 178 -11.70 23.21 -8.13
C ARG C 178 -12.64 22.45 -7.20
N PRO C 179 -12.75 21.11 -7.37
CA PRO C 179 -13.80 20.34 -6.71
C PRO C 179 -13.81 20.36 -5.17
N ASP C 180 -12.63 20.45 -4.56
CA ASP C 180 -12.47 20.33 -3.11
C ASP C 180 -12.85 21.63 -2.38
N SER C 181 -13.75 21.54 -1.42
CA SER C 181 -14.20 22.70 -0.66
C SER C 181 -14.73 22.33 0.72
N LYS C 182 -14.74 23.32 1.61
CA LYS C 182 -15.35 23.21 2.94
C LYS C 182 -16.03 24.53 3.29
N THR C 183 -17.13 24.44 4.02
CA THR C 183 -17.86 25.63 4.45
C THR C 183 -18.19 25.50 5.93
N GLN C 184 -18.53 26.63 6.54
CA GLN C 184 -18.86 26.66 7.95
C GLN C 184 -19.62 27.94 8.26
N VAL C 185 -20.87 27.78 8.69
CA VAL C 185 -21.72 28.91 9.00
C VAL C 185 -21.97 28.95 10.50
N THR C 186 -21.81 30.13 11.09
CA THR C 186 -22.19 30.37 12.48
C THR C 186 -23.43 31.25 12.50
N VAL C 187 -24.50 30.75 13.08
CA VAL C 187 -25.73 31.51 13.19
C VAL C 187 -25.92 31.97 14.62
N GLN C 188 -26.38 33.21 14.76
CA GLN C 188 -26.81 33.75 16.04
C GLN C 188 -28.29 33.45 16.21
N TYR C 189 -28.64 32.92 17.39
CA TYR C 189 -29.98 32.44 17.64
C TYR C 189 -30.57 33.10 18.87
N MET C 190 -31.90 33.06 18.98
CA MET C 190 -32.61 33.39 20.20
C MET C 190 -33.35 32.12 20.64
N GLN C 191 -33.17 31.71 21.90
CA GLN C 191 -33.97 30.63 22.46
C GLN C 191 -35.39 31.17 22.65
N ASP C 192 -36.37 30.41 22.18
CA ASP C 192 -37.77 30.83 22.24
C ASP C 192 -38.68 29.65 22.58
N ARG C 193 -39.13 29.60 23.82
CA ARG C 193 -40.09 28.57 24.26
C ARG C 193 -39.79 27.20 23.63
N GLY C 194 -38.57 26.72 23.85
CA GLY C 194 -38.16 25.39 23.38
C GLY C 194 -37.55 25.39 22.00
N ALA C 195 -38.10 26.22 21.10
CA ALA C 195 -37.59 26.36 19.75
C ALA C 195 -36.39 27.32 19.71
N VAL C 196 -35.77 27.42 18.53
CA VAL C 196 -34.63 28.30 18.33
C VAL C 196 -34.90 29.15 17.10
N LEU C 197 -34.43 30.40 17.13
CA LEU C 197 -34.77 31.37 16.08
C LEU C 197 -33.53 32.04 15.48
N PRO C 198 -33.29 31.81 14.17
CA PRO C 198 -32.21 32.49 13.48
C PRO C 198 -32.40 34.00 13.48
N ILE C 199 -31.53 34.71 14.19
CA ILE C 199 -31.54 36.16 14.19
C ILE C 199 -30.70 36.67 13.04
N ARG C 200 -29.49 36.13 12.90
CA ARG C 200 -28.54 36.59 11.89
C ARG C 200 -27.35 35.67 11.76
N VAL C 201 -26.68 35.75 10.61
CA VAL C 201 -25.46 34.99 10.36
C VAL C 201 -24.27 35.74 10.93
N HIS C 202 -23.60 35.13 11.90
CA HIS C 202 -22.50 35.74 12.60
C HIS C 202 -21.22 35.62 11.79
N THR C 203 -20.88 34.40 11.40
CA THR C 203 -19.61 34.13 10.72
C THR C 203 -19.78 33.13 9.60
N ILE C 204 -19.04 33.34 8.51
CA ILE C 204 -18.99 32.39 7.41
C ILE C 204 -17.54 32.03 7.09
N VAL C 205 -17.32 30.73 6.85
CA VAL C 205 -16.03 30.25 6.36
C VAL C 205 -16.22 29.55 5.02
N ILE C 206 -15.44 29.96 4.02
CA ILE C 206 -15.33 29.19 2.79
C ILE C 206 -13.86 29.01 2.43
N SER C 207 -13.46 27.74 2.33
CA SER C 207 -12.18 27.36 1.73
C SER C 207 -12.46 26.42 0.57
N VAL C 208 -11.88 26.73 -0.58
CA VAL C 208 -12.14 26.00 -1.81
C VAL C 208 -10.89 25.99 -2.68
N GLN C 209 -10.48 24.80 -3.08
CA GLN C 209 -9.33 24.62 -3.93
C GLN C 209 -9.45 25.45 -5.21
N HIS C 210 -8.31 25.91 -5.72
CA HIS C 210 -8.33 26.81 -6.88
C HIS C 210 -7.10 26.69 -7.77
N ASP C 211 -7.20 27.23 -8.98
CA ASP C 211 -6.05 27.28 -9.91
C ASP C 211 -5.10 28.40 -9.50
N GLU C 212 -3.91 28.41 -10.10
CA GLU C 212 -2.86 29.35 -9.67
C GLU C 212 -2.78 30.62 -10.53
N GLU C 213 -3.78 30.83 -11.39
CA GLU C 213 -3.93 32.08 -12.13
C GLU C 213 -4.61 33.13 -11.27
N VAL C 214 -5.83 32.83 -10.83
CA VAL C 214 -6.64 33.76 -10.05
C VAL C 214 -5.94 34.17 -8.74
N CYS C 215 -6.00 35.46 -8.45
CA CYS C 215 -5.39 36.02 -7.24
C CYS C 215 -6.38 35.97 -6.07
N LEU C 216 -5.89 36.36 -4.89
CA LEU C 216 -6.66 36.27 -3.66
C LEU C 216 -7.89 37.20 -3.65
N ASP C 217 -7.70 38.45 -4.07
CA ASP C 217 -8.78 39.45 -4.12
C ASP C 217 -9.98 38.96 -4.93
N GLU C 218 -9.72 38.55 -6.17
CA GLU C 218 -10.77 38.14 -7.07
C GLU C 218 -11.61 37.02 -6.44
N MET C 219 -10.93 36.04 -5.82
CA MET C 219 -11.62 34.91 -5.18
C MET C 219 -12.51 35.38 -4.02
N ARG C 220 -11.91 36.08 -3.07
CA ARG C 220 -12.63 36.59 -1.91
C ARG C 220 -13.79 37.53 -2.31
N ASP C 221 -13.53 38.43 -3.25
CA ASP C 221 -14.57 39.32 -3.78
C ASP C 221 -15.67 38.51 -4.50
N ALA C 222 -15.29 37.43 -5.18
CA ALA C 222 -16.25 36.59 -5.90
C ALA C 222 -17.06 35.68 -4.98
N LEU C 223 -16.45 35.26 -3.87
CA LEU C 223 -17.12 34.38 -2.92
C LEU C 223 -18.24 35.10 -2.20
N LYS C 224 -17.97 36.35 -1.81
CA LYS C 224 -19.00 37.21 -1.23
C LYS C 224 -20.18 37.40 -2.18
N GLU C 225 -19.92 38.01 -3.34
CA GLU C 225 -21.00 38.47 -4.22
C GLU C 225 -21.70 37.33 -4.97
N LYS C 226 -20.90 36.43 -5.56
CA LYS C 226 -21.43 35.40 -6.46
C LYS C 226 -22.00 34.20 -5.70
N VAL C 227 -21.29 33.77 -4.66
CA VAL C 227 -21.63 32.53 -3.95
C VAL C 227 -22.51 32.83 -2.75
N ILE C 228 -21.97 33.58 -1.79
CA ILE C 228 -22.66 33.82 -0.53
C ILE C 228 -23.99 34.55 -0.73
N LYS C 229 -23.94 35.75 -1.31
CA LYS C 229 -25.16 36.57 -1.45
C LYS C 229 -26.21 35.93 -2.35
N ALA C 230 -25.81 34.95 -3.15
CA ALA C 230 -26.77 34.16 -3.92
C ALA C 230 -27.48 33.09 -3.07
N VAL C 231 -26.91 32.74 -1.92
CA VAL C 231 -27.40 31.61 -1.11
C VAL C 231 -28.07 32.05 0.20
N VAL C 232 -27.44 32.99 0.89
CA VAL C 232 -27.93 33.45 2.18
C VAL C 232 -28.91 34.61 1.99
N PRO C 233 -30.15 34.46 2.50
CA PRO C 233 -31.10 35.58 2.50
C PRO C 233 -30.47 36.83 3.10
N ALA C 234 -30.67 37.98 2.45
CA ALA C 234 -30.02 39.24 2.87
C ALA C 234 -30.50 39.73 4.25
N LYS C 235 -31.62 39.18 4.71
CA LYS C 235 -32.13 39.46 6.06
C LYS C 235 -31.21 38.96 7.17
N TYR C 236 -30.40 37.95 6.87
CA TYR C 236 -29.42 37.43 7.84
C TYR C 236 -28.05 38.09 7.68
N LEU C 237 -27.90 38.88 6.62
CA LEU C 237 -26.66 39.58 6.36
C LEU C 237 -26.73 41.01 6.90
N ASP C 238 -25.57 41.54 7.29
CA ASP C 238 -25.44 42.92 7.74
C ASP C 238 -23.96 43.32 7.71
N GLU C 239 -23.62 44.51 8.22
CA GLU C 239 -22.22 44.97 8.22
C GLU C 239 -21.36 44.27 9.28
N ASP C 240 -21.98 43.76 10.33
CA ASP C 240 -21.26 43.05 11.39
C ASP C 240 -20.79 41.66 10.98
N THR C 241 -21.50 41.03 10.03
CA THR C 241 -21.23 39.65 9.63
C THR C 241 -19.76 39.45 9.25
N ILE C 242 -19.15 38.41 9.82
CA ILE C 242 -17.72 38.14 9.61
C ILE C 242 -17.53 37.15 8.47
N TYR C 243 -16.51 37.41 7.66
CA TYR C 243 -16.28 36.64 6.45
C TYR C 243 -14.87 36.09 6.47
N HIS C 244 -14.77 34.76 6.53
CA HIS C 244 -13.48 34.09 6.39
C HIS C 244 -13.43 33.30 5.08
N LEU C 245 -12.80 33.91 4.08
CA LEU C 245 -12.83 33.38 2.72
C LEU C 245 -11.41 33.12 2.24
N GLN C 246 -11.14 31.87 1.87
CA GLN C 246 -9.78 31.41 1.61
C GLN C 246 -8.84 31.87 2.74
N PRO C 247 -9.22 31.58 3.99
CA PRO C 247 -8.45 32.10 5.12
C PRO C 247 -7.05 31.53 5.26
N SER C 248 -6.72 30.49 4.50
CA SER C 248 -5.36 29.93 4.49
C SER C 248 -4.43 30.69 3.55
N GLY C 249 -5.01 31.48 2.64
CA GLY C 249 -4.21 32.28 1.70
C GLY C 249 -3.86 31.58 0.39
N ARG C 250 -3.92 30.25 0.39
CA ARG C 250 -3.57 29.45 -0.78
C ARG C 250 -4.09 28.00 -0.62
N PHE C 251 -4.98 27.60 -1.53
CA PHE C 251 -5.58 26.26 -1.55
C PHE C 251 -5.46 25.70 -2.97
N VAL C 252 -4.23 25.51 -3.44
CA VAL C 252 -4.00 24.95 -4.77
C VAL C 252 -3.95 23.44 -4.67
N ILE C 253 -3.05 22.95 -3.82
CA ILE C 253 -2.97 21.53 -3.54
C ILE C 253 -4.20 21.16 -2.74
N GLY C 254 -4.94 20.17 -3.22
CA GLY C 254 -6.21 19.78 -2.63
C GLY C 254 -6.65 18.38 -3.01
N GLY C 255 -7.88 18.03 -2.63
CA GLY C 255 -8.35 16.65 -2.76
C GLY C 255 -7.46 15.61 -2.08
N PRO C 256 -7.49 14.34 -2.55
CA PRO C 256 -6.69 13.29 -1.96
C PRO C 256 -5.21 13.60 -1.78
N GLN C 257 -4.66 14.45 -2.65
CA GLN C 257 -3.25 14.83 -2.57
C GLN C 257 -2.90 15.61 -1.31
N GLY C 258 -3.83 16.44 -0.83
CA GLY C 258 -3.61 17.29 0.35
C GLY C 258 -4.02 16.65 1.67
N ASP C 259 -4.86 15.63 1.61
CA ASP C 259 -5.48 15.02 2.79
C ASP C 259 -6.06 13.68 2.40
N ALA C 260 -5.69 12.63 3.12
CA ALA C 260 -6.25 11.30 2.90
C ALA C 260 -7.74 11.33 3.19
N GLY C 261 -8.53 10.69 2.34
CA GLY C 261 -9.98 10.58 2.57
C GLY C 261 -10.37 9.15 2.95
N LEU C 262 -11.40 9.01 3.80
CA LEU C 262 -11.94 7.70 4.15
C LEU C 262 -13.47 7.78 4.23
N THR C 263 -14.14 6.68 3.92
CA THR C 263 -15.58 6.57 4.07
C THR C 263 -15.96 6.69 5.54
N GLY C 264 -17.05 7.40 5.82
CA GLY C 264 -17.61 7.48 7.17
C GLY C 264 -16.88 8.41 8.12
N ARG C 265 -16.24 9.46 7.58
CA ARG C 265 -15.50 10.43 8.38
C ARG C 265 -16.15 11.83 8.34
N LYS C 266 -17.42 11.85 7.94
CA LYS C 266 -18.18 13.08 7.82
C LYS C 266 -19.61 12.82 8.24
N ILE C 267 -19.78 12.06 9.33
CA ILE C 267 -21.11 11.64 9.77
C ILE C 267 -21.94 12.78 10.35
N ILE C 268 -21.30 13.90 10.71
CA ILE C 268 -22.01 15.04 11.30
C ILE C 268 -22.38 16.07 10.24
N VAL C 269 -21.53 16.20 9.22
CA VAL C 269 -21.91 16.84 7.97
C VAL C 269 -23.03 16.03 7.32
N ASP C 270 -22.96 14.70 7.43
CA ASP C 270 -23.98 13.82 6.87
C ASP C 270 -25.36 14.03 7.53
N THR C 271 -25.40 14.34 8.81
CA THR C 271 -26.66 14.34 9.56
C THR C 271 -27.10 15.76 9.95
N TYR C 272 -26.82 16.18 11.18
CA TYR C 272 -27.43 17.40 11.70
C TYR C 272 -26.47 18.53 12.12
N GLY C 273 -25.22 18.47 11.68
CA GLY C 273 -24.26 19.55 11.87
C GLY C 273 -24.06 20.04 13.30
N GLY C 274 -24.11 19.13 14.27
CA GLY C 274 -23.96 19.47 15.69
C GLY C 274 -25.26 19.41 16.48
N TRP C 275 -26.37 19.64 15.80
CA TRP C 275 -27.66 19.62 16.45
C TRP C 275 -28.16 18.20 16.53
N GLY C 276 -29.19 17.98 17.34
CA GLY C 276 -29.76 16.65 17.53
C GLY C 276 -28.85 15.74 18.33
N ALA C 277 -28.57 14.56 17.78
CA ALA C 277 -27.78 13.53 18.45
C ALA C 277 -27.33 12.50 17.45
N HIS C 278 -26.34 11.71 17.84
CA HIS C 278 -25.79 10.69 16.95
C HIS C 278 -25.29 9.48 17.74
N GLY C 279 -25.73 8.29 17.35
CA GLY C 279 -25.32 7.04 17.97
C GLY C 279 -23.95 6.54 17.54
N GLY C 280 -23.61 6.72 16.27
CA GLY C 280 -22.25 6.48 15.78
C GLY C 280 -22.09 5.90 14.37
N GLY C 281 -23.15 5.35 13.81
CA GLY C 281 -23.06 4.72 12.51
C GLY C 281 -22.82 5.66 11.33
N ALA C 282 -21.93 5.27 10.43
CA ALA C 282 -21.74 5.95 9.16
C ALA C 282 -22.69 5.34 8.14
N PHE C 283 -23.13 6.14 7.18
CA PHE C 283 -24.13 5.70 6.20
C PHE C 283 -23.49 5.10 4.95
N SER C 284 -22.67 5.90 4.26
CA SER C 284 -22.18 5.50 2.95
C SER C 284 -21.48 4.14 2.98
N GLY C 285 -21.65 3.37 1.91
CA GLY C 285 -21.05 2.03 1.84
C GLY C 285 -21.85 0.94 2.51
N LYS C 286 -22.89 1.29 3.26
CA LYS C 286 -23.78 0.29 3.88
C LYS C 286 -25.13 0.24 3.18
N ASP C 287 -25.65 -0.98 3.01
CA ASP C 287 -26.97 -1.20 2.43
C ASP C 287 -28.08 -1.15 3.50
N TYR C 288 -29.32 -1.09 3.03
CA TYR C 288 -30.53 -1.01 3.88
C TYR C 288 -30.62 -2.04 5.03
N THR C 289 -30.01 -3.21 4.88
CA THR C 289 -30.03 -4.21 5.97
C THR C 289 -29.30 -3.71 7.22
N LYS C 290 -28.40 -2.75 7.08
CA LYS C 290 -27.77 -2.13 8.25
C LYS C 290 -28.69 -1.07 8.85
N VAL C 291 -29.22 -1.36 10.03
CA VAL C 291 -30.14 -0.42 10.68
C VAL C 291 -29.57 0.99 10.81
N ASP C 292 -28.26 1.09 11.04
CA ASP C 292 -27.54 2.36 11.09
C ASP C 292 -28.03 3.32 10.01
N ARG C 293 -28.15 2.83 8.79
CA ARG C 293 -28.64 3.67 7.71
C ARG C 293 -30.17 3.75 7.69
N SER C 294 -30.83 2.58 7.64
CA SER C 294 -32.28 2.52 7.48
C SER C 294 -33.02 3.24 8.59
N ALA C 295 -32.75 2.83 9.82
CA ALA C 295 -33.42 3.39 10.99
C ALA C 295 -33.16 4.88 11.15
N ALA C 296 -31.98 5.33 10.75
CA ALA C 296 -31.64 6.75 10.84
C ALA C 296 -32.53 7.57 9.90
N TYR C 297 -32.81 7.01 8.72
CA TYR C 297 -33.68 7.65 7.74
C TYR C 297 -35.13 7.65 8.23
N ALA C 298 -35.56 6.54 8.84
CA ALA C 298 -36.92 6.42 9.39
C ALA C 298 -37.18 7.41 10.51
N ALA C 299 -36.17 7.67 11.34
CA ALA C 299 -36.33 8.56 12.48
C ALA C 299 -36.38 10.03 12.04
N ARG C 300 -35.58 10.37 11.04
CA ARG C 300 -35.68 11.69 10.42
C ARG C 300 -37.06 11.87 9.78
N TRP C 301 -37.55 10.79 9.17
CA TRP C 301 -38.87 10.78 8.56
C TRP C 301 -39.94 11.08 9.61
N VAL C 302 -39.93 10.29 10.67
CA VAL C 302 -40.81 10.49 11.82
C VAL C 302 -40.73 11.90 12.39
N ALA C 303 -39.51 12.38 12.62
CA ALA C 303 -39.30 13.68 13.22
C ALA C 303 -39.82 14.78 12.31
N LYS C 304 -39.54 14.66 11.01
CA LYS C 304 -39.95 15.66 10.04
C LYS C 304 -41.47 15.71 9.92
N SER C 305 -42.11 14.55 10.06
CA SER C 305 -43.56 14.47 9.99
C SER C 305 -44.21 15.25 11.13
N LEU C 306 -43.62 15.14 12.32
CA LEU C 306 -44.16 15.81 13.50
C LEU C 306 -44.05 17.35 13.43
N VAL C 307 -43.06 17.87 12.71
CA VAL C 307 -42.90 19.33 12.62
C VAL C 307 -43.72 19.93 11.48
N LYS C 308 -43.74 19.27 10.32
CA LYS C 308 -44.54 19.73 9.17
C LYS C 308 -46.03 19.58 9.46
N GLY C 309 -46.39 18.55 10.23
CA GLY C 309 -47.76 18.35 10.68
C GLY C 309 -48.20 19.28 11.80
N GLY C 310 -47.29 20.14 12.27
CA GLY C 310 -47.64 21.22 13.19
C GLY C 310 -47.69 20.84 14.66
N LEU C 311 -47.27 19.61 14.97
CA LEU C 311 -47.30 19.09 16.33
C LEU C 311 -46.18 19.63 17.22
N CYS C 312 -45.04 20.01 16.62
CA CYS C 312 -43.97 20.66 17.37
C CYS C 312 -43.08 21.51 16.45
N ARG C 313 -42.59 22.61 17.01
CA ARG C 313 -41.65 23.46 16.28
C ARG C 313 -40.29 22.79 16.12
N ARG C 314 -39.99 21.85 17.02
CA ARG C 314 -38.67 21.25 17.13
C ARG C 314 -38.79 19.96 17.91
N VAL C 315 -37.99 18.96 17.56
CA VAL C 315 -38.13 17.63 18.16
C VAL C 315 -36.99 16.69 17.82
N LEU C 316 -36.60 15.90 18.81
CA LEU C 316 -35.60 14.84 18.66
C LEU C 316 -36.27 13.51 18.90
N VAL C 317 -36.16 12.60 17.96
CA VAL C 317 -36.78 11.29 18.12
C VAL C 317 -35.71 10.25 18.43
N GLN C 318 -35.71 9.76 19.66
CA GLN C 318 -34.84 8.65 20.06
C GLN C 318 -35.55 7.33 19.78
N VAL C 319 -34.87 6.43 19.07
CA VAL C 319 -35.42 5.10 18.78
C VAL C 319 -34.43 4.05 19.27
N SER C 320 -34.70 3.52 20.45
CA SER C 320 -33.81 2.53 21.09
C SER C 320 -34.17 1.11 20.65
N TYR C 321 -33.20 0.41 20.04
CA TYR C 321 -33.44 -0.93 19.47
C TYR C 321 -32.96 -2.08 20.36
N ALA C 322 -33.61 -3.23 20.21
CA ALA C 322 -33.46 -4.37 21.13
C ALA C 322 -32.93 -5.61 20.42
N ILE C 323 -33.00 -6.76 21.12
CA ILE C 323 -32.45 -8.06 20.68
C ILE C 323 -30.98 -7.99 20.28
N HIS C 327 -38.44 -5.62 19.62
CA HIS C 327 -37.41 -5.32 18.64
C HIS C 327 -37.33 -3.81 18.33
N PRO C 328 -38.46 -3.19 17.90
CA PRO C 328 -38.42 -1.76 17.61
C PRO C 328 -38.56 -0.87 18.85
N LEU C 329 -38.82 -1.49 20.01
CA LEU C 329 -39.04 -0.77 21.27
C LEU C 329 -37.74 -0.70 22.07
N SER C 330 -37.54 0.32 22.90
CA SER C 330 -38.51 1.39 23.20
C SER C 330 -38.29 2.64 22.34
N ILE C 331 -39.07 3.70 22.61
CA ILE C 331 -38.96 4.97 21.91
C ILE C 331 -39.21 6.14 22.86
N SER C 332 -38.31 7.11 22.89
CA SER C 332 -38.53 8.36 23.61
C SER C 332 -38.72 9.46 22.58
N ILE C 333 -39.26 10.60 23.02
CA ILE C 333 -39.45 11.77 22.15
C ILE C 333 -39.22 13.04 22.95
N PHE C 334 -38.05 13.65 22.75
CA PHE C 334 -37.77 14.94 23.36
C PHE C 334 -38.26 16.02 22.40
N HIS C 335 -39.34 16.70 22.79
CA HIS C 335 -39.94 17.76 21.95
C HIS C 335 -39.57 19.19 22.40
N TYR C 336 -38.62 19.27 23.34
CA TYR C 336 -38.07 20.54 23.84
C TYR C 336 -39.11 21.50 24.42
N GLY C 337 -40.30 20.99 24.72
CA GLY C 337 -41.43 21.80 25.19
C GLY C 337 -42.15 22.59 24.11
N THR C 338 -41.94 22.26 22.84
CA THR C 338 -42.57 23.00 21.73
C THR C 338 -43.92 22.44 21.30
N SER C 339 -44.47 21.50 22.07
CA SER C 339 -45.77 20.90 21.77
C SER C 339 -46.72 21.07 22.96
N GLN C 340 -48.02 21.20 22.65
CA GLN C 340 -49.05 21.29 23.69
C GLN C 340 -49.38 19.89 24.16
N LYS C 341 -49.13 18.91 23.30
CA LYS C 341 -49.33 17.50 23.63
C LYS C 341 -48.07 16.98 24.30
N SER C 342 -48.23 16.10 25.28
CA SER C 342 -47.10 15.52 25.99
C SER C 342 -46.36 14.49 25.16
N GLU C 343 -45.26 13.97 25.72
CA GLU C 343 -44.51 12.89 25.09
C GLU C 343 -45.44 11.72 24.81
N ARG C 344 -46.14 11.25 25.86
CA ARG C 344 -47.17 10.21 25.74
C ARG C 344 -47.96 10.34 24.46
N GLU C 345 -48.44 11.56 24.21
CA GLU C 345 -49.35 11.85 23.10
C GLU C 345 -48.62 11.67 21.78
N LEU C 346 -47.49 12.36 21.63
CA LEU C 346 -46.68 12.27 20.41
C LEU C 346 -46.24 10.84 20.14
N LEU C 347 -45.91 10.11 21.20
CA LEU C 347 -45.46 8.72 21.12
C LEU C 347 -46.52 7.81 20.52
N GLU C 348 -47.76 7.94 20.98
CA GLU C 348 -48.86 7.13 20.45
C GLU C 348 -49.25 7.56 19.03
N ILE C 349 -49.30 8.87 18.80
CA ILE C 349 -49.50 9.43 17.45
C ILE C 349 -48.49 8.81 16.48
N VAL C 350 -47.26 8.63 16.95
CA VAL C 350 -46.23 7.96 16.16
C VAL C 350 -46.58 6.48 16.00
N LYS C 351 -46.87 5.79 17.10
CA LYS C 351 -47.10 4.32 17.08
C LYS C 351 -48.20 3.88 16.11
N LYS C 352 -49.15 4.77 15.82
CA LYS C 352 -50.28 4.42 14.97
C LYS C 352 -50.14 4.93 13.53
N ASN C 353 -49.24 5.88 13.28
CA ASN C 353 -49.01 6.39 11.93
C ASN C 353 -47.73 5.85 11.27
N PHE C 354 -46.91 5.15 12.05
CA PHE C 354 -45.63 4.59 11.57
C PHE C 354 -45.47 3.13 11.97
N ASP C 355 -44.57 2.44 11.29
CA ASP C 355 -44.23 1.06 11.58
C ASP C 355 -42.71 0.86 11.40
N LEU C 356 -41.98 0.95 12.52
CA LEU C 356 -40.52 1.02 12.51
C LEU C 356 -39.83 -0.31 12.81
N ARG C 357 -40.07 -1.30 11.97
CA ARG C 357 -39.25 -2.51 11.95
C ARG C 357 -38.70 -2.66 10.51
N PRO C 358 -37.37 -2.55 10.35
CA PRO C 358 -36.65 -2.42 9.08
C PRO C 358 -37.34 -2.95 7.84
N GLY C 359 -37.84 -4.18 7.91
CA GLY C 359 -38.54 -4.81 6.78
C GLY C 359 -39.70 -3.98 6.26
N VAL C 360 -40.34 -3.24 7.16
CA VAL C 360 -41.42 -2.34 6.81
C VAL C 360 -40.87 -1.08 6.16
N ILE C 361 -39.81 -0.54 6.74
CA ILE C 361 -39.22 0.72 6.30
C ILE C 361 -38.59 0.63 4.90
N VAL C 362 -38.03 -0.54 4.54
CA VAL C 362 -37.38 -0.69 3.23
C VAL C 362 -38.41 -0.52 2.11
N ARG C 363 -39.61 -1.03 2.37
CA ARG C 363 -40.71 -0.99 1.43
C ARG C 363 -41.25 0.43 1.30
N ASP C 364 -41.60 1.02 2.45
CA ASP C 364 -42.19 2.37 2.49
C ASP C 364 -41.28 3.42 1.87
N LEU C 365 -40.02 3.43 2.30
CA LEU C 365 -39.05 4.39 1.80
C LEU C 365 -38.40 3.90 0.51
N ASP C 366 -38.74 2.69 0.07
CA ASP C 366 -38.30 2.22 -1.24
C ASP C 366 -36.77 2.24 -1.26
N LEU C 367 -36.17 1.49 -0.34
CA LEU C 367 -34.73 1.57 -0.07
C LEU C 367 -33.86 0.62 -0.88
N LYS C 368 -34.47 -0.25 -1.68
CA LYS C 368 -33.71 -1.13 -2.56
C LYS C 368 -33.40 -0.46 -3.90
N LYS C 369 -33.84 0.79 -4.06
CA LYS C 369 -33.47 1.59 -5.24
C LYS C 369 -32.05 2.13 -5.14
N PRO C 370 -31.32 2.14 -6.27
CA PRO C 370 -29.95 2.65 -6.33
C PRO C 370 -29.92 4.18 -6.43
N ILE C 371 -30.28 4.83 -5.33
CA ILE C 371 -30.34 6.29 -5.25
C ILE C 371 -29.49 6.81 -4.09
N TYR C 372 -28.49 6.02 -3.69
CA TYR C 372 -27.69 6.33 -2.51
C TYR C 372 -26.57 7.29 -2.82
N GLN C 373 -25.91 7.11 -3.96
CA GLN C 373 -24.82 8.02 -4.32
C GLN C 373 -25.24 9.50 -4.25
N ARG C 374 -26.53 9.74 -4.50
CA ARG C 374 -27.11 11.08 -4.39
C ARG C 374 -26.99 11.64 -2.96
N THR C 375 -27.06 10.75 -1.96
CA THR C 375 -27.01 11.14 -0.55
C THR C 375 -25.61 11.39 -0.01
N ALA C 376 -24.59 10.97 -0.76
CA ALA C 376 -23.22 10.96 -0.28
C ALA C 376 -22.54 12.33 -0.27
N ALA C 377 -23.30 13.39 -0.56
CA ALA C 377 -22.83 14.76 -0.38
C ALA C 377 -24.02 15.69 -0.20
N TYR C 378 -23.76 16.87 0.34
CA TYR C 378 -24.82 17.85 0.64
C TYR C 378 -25.82 17.35 1.68
N GLY C 379 -25.40 16.38 2.49
CA GLY C 379 -26.22 15.87 3.59
C GLY C 379 -27.26 14.85 3.17
N HIS C 380 -27.59 13.95 4.09
CA HIS C 380 -28.61 12.93 3.85
C HIS C 380 -30.00 13.46 4.18
N PHE C 381 -30.05 14.58 4.91
CA PHE C 381 -31.30 15.06 5.44
C PHE C 381 -31.56 16.50 5.01
N GLY C 382 -32.83 16.81 4.78
CA GLY C 382 -33.27 18.17 4.46
C GLY C 382 -33.32 18.44 2.97
N ARG C 383 -33.82 17.48 2.21
CA ARG C 383 -33.75 17.55 0.75
C ARG C 383 -34.95 16.85 0.14
N ASP C 384 -35.90 17.65 -0.37
CA ASP C 384 -37.16 17.17 -0.97
C ASP C 384 -37.03 15.84 -1.73
N SER C 385 -35.92 15.69 -2.46
CA SER C 385 -35.64 14.50 -3.25
C SER C 385 -36.02 13.17 -2.57
N PHE C 386 -35.56 12.96 -1.34
CA PHE C 386 -35.53 11.62 -0.74
C PHE C 386 -36.83 11.21 -0.04
N PRO C 387 -37.14 9.89 -0.07
CA PRO C 387 -38.34 9.31 0.55
C PRO C 387 -38.61 9.79 1.98
N TRP C 388 -37.59 9.70 2.83
CA TRP C 388 -37.69 10.06 4.24
C TRP C 388 -37.84 11.58 4.49
N GLU C 389 -37.79 12.38 3.42
CA GLU C 389 -37.97 13.84 3.53
C GLU C 389 -39.36 14.32 3.11
N VAL C 390 -40.24 13.40 2.71
CA VAL C 390 -41.62 13.74 2.42
C VAL C 390 -42.44 13.37 3.67
N PRO C 391 -43.03 14.38 4.33
CA PRO C 391 -43.75 14.08 5.57
C PRO C 391 -44.97 13.20 5.37
N LYS C 392 -45.16 12.23 6.26
CA LYS C 392 -46.41 11.51 6.32
C LYS C 392 -47.42 12.40 7.02
N LYS C 393 -48.56 12.63 6.37
CA LYS C 393 -49.68 13.32 7.00
C LYS C 393 -50.23 12.40 8.07
N LEU C 394 -50.39 12.93 9.28
CA LEU C 394 -50.68 12.13 10.45
C LEU C 394 -52.18 12.07 10.76
N LYS C 395 -52.70 10.85 10.86
CA LYS C 395 -54.10 10.61 11.21
C LYS C 395 -54.25 10.47 12.72
N TYR C 396 -54.85 11.48 13.35
CA TYR C 396 -55.10 11.47 14.79
C TYR C 396 -56.27 12.42 15.10
N GLY D 17 -40.83 10.93 34.20
CA GLY D 17 -39.84 11.46 33.20
C GLY D 17 -38.55 10.67 33.13
N THR D 18 -38.66 9.34 33.07
CA THR D 18 -37.51 8.46 32.93
C THR D 18 -37.39 7.98 31.49
N PHE D 19 -36.15 7.73 31.07
CA PHE D 19 -35.87 7.22 29.72
C PHE D 19 -34.73 6.23 29.78
N LEU D 20 -34.55 5.47 28.69
CA LEU D 20 -33.40 4.57 28.55
C LEU D 20 -32.34 5.25 27.69
N PHE D 21 -31.07 4.97 27.98
CA PHE D 21 -29.99 5.49 27.15
C PHE D 21 -28.89 4.47 27.02
N THR D 22 -28.30 4.40 25.83
CA THR D 22 -27.32 3.38 25.52
C THR D 22 -26.04 3.96 24.89
N SER D 23 -24.90 3.40 25.29
CA SER D 23 -23.61 3.71 24.69
C SER D 23 -22.85 2.41 24.48
N GLU D 24 -22.03 2.36 23.44
CA GLU D 24 -21.21 1.19 23.21
C GLU D 24 -19.74 1.55 23.26
N SER D 25 -18.92 0.53 23.56
CA SER D 25 -17.47 0.60 23.47
C SER D 25 -16.99 -0.64 22.75
N VAL D 26 -15.81 -0.56 22.13
CA VAL D 26 -15.18 -1.74 21.53
C VAL D 26 -13.76 -1.94 22.05
N GLY D 27 -13.32 -3.19 22.02
CA GLY D 27 -11.98 -3.54 22.46
C GLY D 27 -10.87 -3.19 21.47
N GLU D 28 -9.64 -3.36 21.92
CA GLU D 28 -8.46 -3.04 21.13
C GLU D 28 -8.33 -3.87 19.87
N GLY D 29 -8.92 -5.07 19.88
CA GLY D 29 -8.93 -5.95 18.71
C GLY D 29 -9.99 -5.66 17.67
N HIS D 30 -10.94 -4.77 17.97
CA HIS D 30 -11.92 -4.36 16.98
C HIS D 30 -11.17 -3.61 15.87
N PRO D 31 -11.43 -3.94 14.59
CA PRO D 31 -10.56 -3.42 13.54
C PRO D 31 -10.48 -1.90 13.47
N ASP D 32 -11.61 -1.22 13.66
CA ASP D 32 -11.61 0.25 13.77
C ASP D 32 -10.63 0.73 14.84
N LYS D 33 -10.67 0.10 16.00
CA LYS D 33 -9.80 0.49 17.12
C LYS D 33 -8.33 0.05 16.94
N ILE D 34 -8.10 -0.99 16.17
CA ILE D 34 -6.72 -1.38 15.87
C ILE D 34 -6.09 -0.20 15.16
N CYS D 35 -6.83 0.31 14.17
CA CYS D 35 -6.43 1.45 13.36
C CYS D 35 -6.15 2.72 14.16
N ASP D 36 -7.00 2.99 15.15
CA ASP D 36 -6.82 4.16 16.00
C ASP D 36 -5.55 4.03 16.82
N GLN D 37 -5.36 2.86 17.40
CA GLN D 37 -4.21 2.60 18.23
C GLN D 37 -2.93 2.67 17.41
N ILE D 38 -2.97 2.13 16.19
CA ILE D 38 -1.81 2.16 15.30
C ILE D 38 -1.47 3.59 14.88
N SER D 39 -2.49 4.33 14.45
CA SER D 39 -2.32 5.74 14.11
C SER D 39 -1.64 6.49 15.24
N ASP D 40 -2.12 6.28 16.46
CA ASP D 40 -1.55 6.95 17.62
C ASP D 40 -0.19 6.37 18.02
N ALA D 41 0.06 5.10 17.70
CA ALA D 41 1.40 4.53 17.87
C ALA D 41 2.40 5.23 16.96
N VAL D 42 1.95 5.62 15.77
CA VAL D 42 2.81 6.31 14.79
C VAL D 42 3.03 7.78 15.17
N LEU D 43 2.02 8.39 15.76
CA LEU D 43 2.15 9.76 16.26
C LEU D 43 3.15 9.79 17.39
N ASP D 44 2.94 8.93 18.38
CA ASP D 44 3.87 8.77 19.47
C ASP D 44 5.28 8.50 18.94
N ALA D 45 5.38 7.67 17.91
CA ALA D 45 6.68 7.29 17.39
C ALA D 45 7.44 8.51 16.92
N HIS D 46 6.70 9.46 16.33
CA HIS D 46 7.26 10.74 15.88
C HIS D 46 7.57 11.71 17.02
N LEU D 47 6.64 11.84 17.95
CA LEU D 47 6.80 12.79 19.06
C LEU D 47 7.98 12.46 19.98
N GLN D 48 8.34 11.18 20.07
CA GLN D 48 9.49 10.76 20.88
C GLN D 48 10.81 11.38 20.38
N GLN D 49 10.90 11.65 19.07
CA GLN D 49 12.10 12.24 18.46
C GLN D 49 11.95 13.69 18.01
N ASP D 50 10.78 14.04 17.48
CA ASP D 50 10.50 15.41 17.03
C ASP D 50 9.15 15.86 17.57
N PRO D 51 9.17 16.60 18.70
CA PRO D 51 7.95 17.10 19.36
C PRO D 51 7.08 18.03 18.52
N ASP D 52 7.60 18.56 17.42
CA ASP D 52 6.82 19.46 16.54
C ASP D 52 6.42 18.80 15.24
N ALA D 53 6.45 17.46 15.21
CA ALA D 53 6.10 16.69 14.03
C ALA D 53 4.66 16.97 13.61
N LYS D 54 4.45 17.37 12.35
CA LYS D 54 3.11 17.58 11.83
C LYS D 54 2.65 16.22 11.32
N VAL D 55 1.54 15.74 11.87
CA VAL D 55 1.09 14.36 11.63
C VAL D 55 -0.41 14.24 11.34
N ALA D 56 -0.71 13.47 10.31
CA ALA D 56 -2.08 13.10 9.96
C ALA D 56 -2.01 11.70 9.38
N CYS D 57 -1.89 10.71 10.26
CA CYS D 57 -1.69 9.33 9.85
C CYS D 57 -2.96 8.52 9.96
N GLU D 58 -3.59 8.23 8.82
CA GLU D 58 -4.74 7.35 8.82
C GLU D 58 -4.24 5.91 8.75
N THR D 59 -5.06 4.99 9.24
CA THR D 59 -4.72 3.57 9.21
C THR D 59 -5.92 2.75 8.72
N VAL D 60 -5.63 1.80 7.84
CA VAL D 60 -6.65 0.92 7.30
C VAL D 60 -6.26 -0.51 7.64
N ALA D 61 -7.15 -1.24 8.33
CA ALA D 61 -6.92 -2.64 8.71
C ALA D 61 -7.95 -3.55 8.03
N LYS D 62 -7.48 -4.69 7.55
CA LYS D 62 -8.26 -5.58 6.69
C LYS D 62 -7.60 -6.97 6.76
N THR D 63 -8.07 -7.93 5.98
CA THR D 63 -7.49 -9.26 6.05
C THR D 63 -6.01 -9.26 5.69
N GLY D 64 -5.19 -9.57 6.69
CA GLY D 64 -3.75 -9.66 6.51
C GLY D 64 -3.03 -8.36 6.17
N MET D 65 -3.72 -7.22 6.29
CA MET D 65 -3.13 -5.95 5.90
C MET D 65 -3.37 -4.77 6.85
N ILE D 66 -2.29 -4.04 7.13
CA ILE D 66 -2.34 -2.73 7.72
C ILE D 66 -1.76 -1.77 6.68
N LEU D 67 -2.59 -0.81 6.24
CA LEU D 67 -2.10 0.27 5.40
C LEU D 67 -2.07 1.56 6.22
N LEU D 68 -0.98 2.30 6.10
CA LEU D 68 -0.89 3.65 6.66
C LEU D 68 -1.03 4.62 5.53
N ALA D 69 -1.87 5.62 5.70
CA ALA D 69 -2.10 6.59 4.65
C ALA D 69 -2.22 7.98 5.23
N GLY D 70 -1.66 8.95 4.52
CA GLY D 70 -1.80 10.33 4.94
C GLY D 70 -0.53 11.15 4.81
N GLU D 71 -0.36 12.08 5.74
CA GLU D 71 0.69 13.10 5.66
C GLU D 71 1.45 13.23 6.97
N ILE D 72 2.76 13.35 6.85
CA ILE D 72 3.66 13.51 7.98
C ILE D 72 4.85 14.33 7.53
N THR D 73 5.14 15.40 8.28
CA THR D 73 6.37 16.15 8.12
C THR D 73 7.06 16.19 9.49
N SER D 74 8.24 15.60 9.56
CA SER D 74 8.89 15.30 10.83
C SER D 74 10.40 15.05 10.63
N ARG D 75 11.19 15.36 11.65
CA ARG D 75 12.62 15.07 11.63
C ARG D 75 12.93 13.69 12.22
N ALA D 76 11.91 13.00 12.69
CA ALA D 76 12.09 11.68 13.29
C ALA D 76 12.38 10.62 12.23
N ALA D 77 13.16 9.61 12.64
CA ALA D 77 13.46 8.48 11.78
C ALA D 77 12.69 7.32 12.34
N VAL D 78 11.59 6.95 11.68
CA VAL D 78 10.66 5.98 12.23
C VAL D 78 10.61 4.73 11.37
N ASP D 79 10.79 3.58 11.99
CA ASP D 79 10.59 2.28 11.36
C ASP D 79 9.10 1.89 11.39
N TYR D 80 8.40 2.24 10.33
CA TYR D 80 6.95 2.02 10.27
C TYR D 80 6.58 0.53 10.37
N GLN D 81 7.39 -0.34 9.80
CA GLN D 81 7.17 -1.78 9.94
C GLN D 81 7.25 -2.21 11.41
N LYS D 82 8.25 -1.70 12.12
CA LYS D 82 8.43 -2.06 13.52
C LYS D 82 7.30 -1.50 14.39
N VAL D 83 7.01 -0.21 14.21
CA VAL D 83 5.96 0.47 14.97
C VAL D 83 4.59 -0.21 14.82
N VAL D 84 4.16 -0.36 13.57
CA VAL D 84 2.88 -1.00 13.26
C VAL D 84 2.82 -2.40 13.84
N ARG D 85 3.86 -3.18 13.59
CA ARG D 85 3.89 -4.57 14.05
C ARG D 85 3.93 -4.68 15.55
N GLU D 86 4.68 -3.80 16.22
CA GLU D 86 4.77 -3.86 17.69
C GLU D 86 3.43 -3.51 18.32
N ALA D 87 2.68 -2.61 17.68
CA ALA D 87 1.35 -2.24 18.13
C ALA D 87 0.38 -3.41 17.99
N VAL D 88 0.47 -4.12 16.87
CA VAL D 88 -0.38 -5.29 16.64
C VAL D 88 -0.02 -6.39 17.65
N LYS D 89 1.27 -6.67 17.77
CA LYS D 89 1.77 -7.59 18.78
C LYS D 89 1.13 -7.29 20.12
N HIS D 90 1.23 -6.03 20.52
CA HIS D 90 0.71 -5.57 21.82
C HIS D 90 -0.79 -5.75 21.92
N ILE D 91 -1.49 -5.49 20.82
CA ILE D 91 -2.94 -5.69 20.79
C ILE D 91 -3.25 -7.16 21.07
N GLY D 92 -2.47 -8.06 20.49
CA GLY D 92 -2.54 -9.48 20.81
C GLY D 92 -2.68 -10.43 19.65
N TYR D 93 -2.51 -9.93 18.43
CA TYR D 93 -2.63 -10.76 17.24
C TYR D 93 -1.27 -11.27 16.81
N ASP D 94 -0.99 -12.52 17.17
CA ASP D 94 0.32 -13.13 16.93
C ASP D 94 0.26 -14.50 16.29
N ASP D 95 -0.87 -14.85 15.69
CA ASP D 95 -0.94 -16.17 15.08
C ASP D 95 -2.06 -16.29 14.07
N SER D 96 -1.84 -17.10 13.05
CA SER D 96 -2.90 -17.45 12.10
C SER D 96 -4.19 -17.83 12.82
N SER D 97 -4.07 -18.66 13.86
CA SER D 97 -5.24 -19.15 14.61
C SER D 97 -6.10 -18.06 15.26
N LYS D 98 -5.55 -16.88 15.47
CA LYS D 98 -6.33 -15.77 16.03
C LYS D 98 -6.93 -14.89 14.95
N GLY D 99 -6.49 -15.07 13.71
CA GLY D 99 -7.04 -14.34 12.56
C GLY D 99 -6.06 -13.35 11.95
N PHE D 100 -4.97 -13.09 12.66
CA PHE D 100 -4.06 -12.04 12.26
C PHE D 100 -2.78 -12.21 13.05
N ASP D 101 -1.66 -11.85 12.43
CA ASP D 101 -0.35 -12.07 13.03
C ASP D 101 0.63 -10.93 12.74
N TYR D 102 1.04 -10.23 13.78
CA TYR D 102 1.99 -9.13 13.66
C TYR D 102 3.26 -9.54 12.90
N LYS D 103 3.67 -10.78 13.04
CA LYS D 103 4.91 -11.26 12.45
C LYS D 103 4.81 -11.37 10.95
N THR D 104 3.63 -11.74 10.43
CA THR D 104 3.46 -12.09 9.01
C THR D 104 2.40 -11.32 8.23
N CYS D 105 1.85 -10.25 8.77
CA CYS D 105 0.86 -9.47 8.02
C CYS D 105 1.57 -8.60 7.01
N ASN D 106 0.79 -8.02 6.09
CA ASN D 106 1.29 -7.03 5.16
C ASN D 106 1.23 -5.66 5.78
N VAL D 107 2.26 -4.86 5.54
CA VAL D 107 2.26 -3.46 5.98
C VAL D 107 2.61 -2.56 4.80
N LEU D 108 1.63 -1.79 4.34
CA LEU D 108 1.79 -0.90 3.19
C LEU D 108 1.80 0.51 3.70
N VAL D 109 2.75 1.30 3.18
CA VAL D 109 2.93 2.66 3.64
C VAL D 109 2.72 3.62 2.49
N ALA D 110 1.73 4.49 2.62
CA ALA D 110 1.48 5.53 1.63
C ALA D 110 1.39 6.87 2.34
N LEU D 111 2.55 7.37 2.77
CA LEU D 111 2.65 8.60 3.57
C LEU D 111 3.47 9.66 2.85
N GLU D 112 2.91 10.86 2.72
CA GLU D 112 3.54 11.97 2.02
C GLU D 112 3.82 13.10 2.99
N GLN D 113 4.52 14.12 2.52
CA GLN D 113 4.73 15.34 3.30
C GLN D 113 3.39 16.04 3.53
N GLN D 114 3.31 16.85 4.57
CA GLN D 114 2.17 17.75 4.71
C GLN D 114 2.19 18.72 3.53
N SER D 115 1.00 19.02 3.00
CA SER D 115 0.82 19.99 1.93
C SER D 115 1.49 21.31 2.33
N PRO D 116 2.46 21.82 1.53
CA PRO D 116 3.02 23.14 1.86
C PRO D 116 1.97 24.26 1.92
N ASP D 117 0.89 24.13 1.17
CA ASP D 117 -0.18 25.12 1.20
C ASP D 117 -0.81 25.25 2.59
N ILE D 118 -0.95 24.13 3.28
CA ILE D 118 -1.50 24.12 4.63
C ILE D 118 -0.51 24.68 5.63
N ALA D 119 0.70 24.12 5.63
CA ALA D 119 1.77 24.56 6.52
C ALA D 119 2.03 26.07 6.48
N GLN D 120 2.01 26.65 5.28
CA GLN D 120 2.26 28.09 5.12
C GLN D 120 1.06 28.92 5.57
N GLY D 121 -0.11 28.29 5.58
CA GLY D 121 -1.34 28.91 6.07
C GLY D 121 -1.57 28.67 7.55
N VAL D 122 -0.86 27.72 8.14
CA VAL D 122 -1.13 27.30 9.51
C VAL D 122 -0.04 27.71 10.49
N HIS D 123 1.18 27.27 10.23
CA HIS D 123 2.21 27.32 11.26
C HIS D 123 3.59 27.84 10.84
N LEU D 124 3.87 27.90 9.55
CA LEU D 124 5.17 28.40 9.10
C LEU D 124 5.28 29.90 9.37
N ASP D 125 6.48 30.31 9.81
CA ASP D 125 6.81 31.72 10.02
C ASP D 125 6.00 32.39 11.13
N ARG D 126 5.56 31.60 12.11
CA ARG D 126 4.75 32.09 13.22
C ARG D 126 5.33 31.59 14.51
N ASN D 127 5.20 32.38 15.56
CA ASN D 127 5.45 31.89 16.89
C ASN D 127 4.39 30.86 17.20
N GLU D 128 4.78 29.81 17.93
CA GLU D 128 3.88 28.73 18.37
C GLU D 128 2.55 29.25 18.89
N GLU D 129 2.61 30.22 19.80
CA GLU D 129 1.40 30.80 20.39
C GLU D 129 0.40 31.29 19.33
N ASP D 130 0.92 31.76 18.20
CA ASP D 130 0.08 32.36 17.15
C ASP D 130 -0.24 31.38 16.02
N ILE D 131 0.17 30.13 16.19
CA ILE D 131 -0.11 29.10 15.20
C ILE D 131 -1.62 29.08 14.88
N GLY D 132 -1.95 29.07 13.60
CA GLY D 132 -3.36 29.05 13.20
C GLY D 132 -3.95 27.68 13.50
N ALA D 133 -5.26 27.58 13.44
CA ALA D 133 -5.93 26.28 13.53
C ALA D 133 -5.55 25.46 12.30
N GLY D 134 -5.24 24.18 12.49
CA GLY D 134 -4.81 23.33 11.38
C GLY D 134 -5.89 23.06 10.35
N ASP D 135 -7.12 23.38 10.69
CA ASP D 135 -8.26 23.20 9.82
C ASP D 135 -9.45 23.88 10.46
N GLN D 136 -10.50 24.12 9.69
CA GLN D 136 -11.77 24.57 10.28
C GLN D 136 -12.42 23.43 11.07
N GLY D 137 -13.59 23.71 11.65
CA GLY D 137 -14.41 22.67 12.25
C GLY D 137 -15.06 23.06 13.54
N LEU D 138 -15.92 22.18 14.03
CA LEU D 138 -16.62 22.37 15.29
C LEU D 138 -16.29 21.23 16.24
N MET D 139 -16.22 21.53 17.52
CA MET D 139 -15.87 20.58 18.55
C MET D 139 -16.66 20.90 19.80
N PHE D 140 -17.05 19.85 20.52
CA PHE D 140 -17.82 19.97 21.75
C PHE D 140 -17.09 19.35 22.92
N GLY D 141 -17.26 19.95 24.09
CA GLY D 141 -16.87 19.33 25.34
C GLY D 141 -18.13 19.09 26.14
N TYR D 142 -18.12 18.05 26.96
CA TYR D 142 -19.30 17.69 27.73
C TYR D 142 -18.89 17.19 29.10
N ALA D 143 -19.73 17.48 30.09
CA ALA D 143 -19.45 17.01 31.43
C ALA D 143 -20.73 16.83 32.19
N THR D 144 -20.73 15.90 33.14
CA THR D 144 -21.92 15.64 33.92
C THR D 144 -21.53 15.11 35.30
N ASP D 145 -22.21 15.59 36.34
CA ASP D 145 -21.91 15.17 37.72
C ASP D 145 -22.49 13.80 38.07
N GLU D 146 -22.98 13.06 37.08
CA GLU D 146 -23.60 11.76 37.36
C GLU D 146 -22.57 10.67 37.76
N THR D 147 -21.29 10.92 37.53
CA THR D 147 -20.20 10.04 37.97
C THR D 147 -19.01 10.88 38.41
N GLU D 148 -18.18 10.33 39.28
CA GLU D 148 -17.00 11.05 39.76
C GLU D 148 -16.14 11.53 38.59
N GLU D 149 -15.91 10.66 37.62
CA GLU D 149 -15.07 11.00 36.48
C GLU D 149 -15.74 12.00 35.52
N CYS D 150 -16.98 12.36 35.83
CA CYS D 150 -17.74 13.43 35.14
C CYS D 150 -18.24 13.08 33.74
N MET D 151 -18.33 11.78 33.49
CA MET D 151 -18.77 11.26 32.21
C MET D 151 -20.13 10.61 32.39
N PRO D 152 -20.84 10.35 31.26
CA PRO D 152 -22.08 9.57 31.36
C PRO D 152 -21.81 8.13 31.80
N LEU D 153 -22.63 7.62 32.72
CA LEU D 153 -22.41 6.29 33.27
C LEU D 153 -22.38 5.21 32.17
N THR D 154 -23.26 5.35 31.17
CA THR D 154 -23.39 4.38 30.09
C THR D 154 -22.05 4.13 29.43
N ILE D 155 -21.40 5.19 29.03
CA ILE D 155 -20.13 5.08 28.31
C ILE D 155 -18.98 4.69 29.25
N VAL D 156 -19.00 5.16 30.49
CA VAL D 156 -17.96 4.77 31.47
C VAL D 156 -17.98 3.26 31.68
N LEU D 157 -19.18 2.73 31.85
CA LEU D 157 -19.30 1.29 32.07
C LEU D 157 -18.89 0.49 30.83
N ALA D 158 -19.36 0.90 29.65
CA ALA D 158 -19.01 0.19 28.42
C ALA D 158 -17.49 0.10 28.24
N HIS D 159 -16.78 1.18 28.56
CA HIS D 159 -15.31 1.23 28.46
C HIS D 159 -14.61 0.31 29.46
N LYS D 160 -15.02 0.41 30.72
CA LYS D 160 -14.40 -0.37 31.79
C LYS D 160 -14.60 -1.86 31.64
N LEU D 161 -15.76 -2.25 31.09
CA LEU D 161 -16.03 -3.65 30.82
C LEU D 161 -14.97 -4.18 29.87
N ASN D 162 -14.73 -3.44 28.79
CA ASN D 162 -13.73 -3.82 27.80
C ASN D 162 -12.31 -3.78 28.35
N ALA D 163 -12.03 -2.83 29.22
CA ALA D 163 -10.73 -2.75 29.87
C ALA D 163 -10.51 -3.95 30.79
N LYS D 164 -11.57 -4.36 31.49
CA LYS D 164 -11.45 -5.49 32.42
C LYS D 164 -11.12 -6.77 31.67
N LEU D 165 -11.74 -6.95 30.50
CA LEU D 165 -11.45 -8.10 29.66
C LEU D 165 -9.98 -8.17 29.34
N ALA D 166 -9.41 -7.05 28.88
CA ALA D 166 -8.02 -7.02 28.44
C ALA D 166 -7.09 -7.34 29.61
N GLU D 167 -7.38 -6.76 30.77
CA GLU D 167 -6.60 -7.01 31.98
C GLU D 167 -6.52 -8.52 32.19
N LEU D 168 -7.67 -9.17 32.14
CA LEU D 168 -7.81 -10.57 32.49
C LEU D 168 -7.29 -11.49 31.40
N ARG D 169 -7.21 -10.98 30.17
CA ARG D 169 -6.52 -11.69 29.09
C ARG D 169 -5.02 -11.60 29.31
N ARG D 170 -4.53 -10.40 29.59
CA ARG D 170 -3.08 -10.17 29.69
C ARG D 170 -2.42 -10.80 30.92
N ASN D 171 -3.10 -10.75 32.08
CA ASN D 171 -2.54 -11.35 33.30
C ASN D 171 -2.82 -12.85 33.43
N GLY D 172 -3.55 -13.42 32.46
CA GLY D 172 -3.69 -14.87 32.35
C GLY D 172 -4.90 -15.49 33.01
N THR D 173 -5.61 -14.73 33.86
CA THR D 173 -6.76 -15.30 34.59
C THR D 173 -7.92 -15.69 33.67
N LEU D 174 -7.87 -15.29 32.39
CA LEU D 174 -8.82 -15.76 31.38
C LEU D 174 -8.12 -15.87 30.02
N PRO D 175 -7.21 -16.85 29.88
CA PRO D 175 -6.32 -16.87 28.72
C PRO D 175 -6.99 -17.42 27.46
N TRP D 176 -8.25 -17.79 27.57
CA TRP D 176 -9.07 -18.12 26.39
C TRP D 176 -9.56 -16.86 25.67
N LEU D 177 -9.32 -15.69 26.26
CA LEU D 177 -9.71 -14.41 25.66
C LEU D 177 -8.79 -14.00 24.51
N ARG D 178 -9.39 -13.29 23.56
CA ARG D 178 -8.65 -12.74 22.43
C ARG D 178 -9.00 -11.26 22.29
N PRO D 179 -8.23 -10.52 21.48
CA PRO D 179 -8.31 -9.05 21.52
C PRO D 179 -9.65 -8.40 21.15
N ASP D 180 -10.44 -9.00 20.25
CA ASP D 180 -11.61 -8.29 19.70
C ASP D 180 -12.76 -8.40 20.68
N SER D 181 -13.50 -7.31 20.87
CA SER D 181 -14.71 -7.30 21.70
C SER D 181 -15.58 -6.08 21.47
N LYS D 182 -16.82 -6.16 21.98
CA LYS D 182 -17.80 -5.09 21.85
C LYS D 182 -18.71 -5.15 23.07
N THR D 183 -19.01 -4.00 23.66
CA THR D 183 -19.89 -3.96 24.82
C THR D 183 -20.90 -2.85 24.64
N GLN D 184 -22.05 -3.04 25.27
CA GLN D 184 -23.14 -2.08 25.19
C GLN D 184 -23.84 -2.10 26.53
N VAL D 185 -24.08 -0.90 27.05
CA VAL D 185 -24.65 -0.71 28.37
C VAL D 185 -25.84 0.21 28.22
N THR D 186 -27.01 -0.28 28.63
CA THR D 186 -28.19 0.56 28.62
C THR D 186 -28.56 0.86 30.07
N VAL D 187 -28.56 2.15 30.40
CA VAL D 187 -28.95 2.61 31.71
C VAL D 187 -30.32 3.26 31.57
N GLN D 188 -31.10 3.18 32.66
CA GLN D 188 -32.38 3.88 32.76
C GLN D 188 -32.15 5.09 33.64
N TYR D 189 -32.42 6.26 33.07
CA TYR D 189 -32.19 7.54 33.73
C TYR D 189 -33.46 8.19 34.23
N MET D 190 -33.30 9.11 35.16
CA MET D 190 -34.35 10.03 35.58
C MET D 190 -33.86 11.40 35.17
N GLN D 191 -34.75 12.25 34.69
CA GLN D 191 -34.42 13.66 34.55
C GLN D 191 -34.56 14.29 35.94
N ASP D 192 -33.68 15.24 36.26
CA ASP D 192 -33.72 15.94 37.56
C ASP D 192 -33.25 17.39 37.45
N ARG D 193 -34.21 18.31 37.39
CA ARG D 193 -33.91 19.73 37.37
C ARG D 193 -32.94 20.08 36.25
N GLY D 194 -33.01 19.33 35.14
CA GLY D 194 -32.05 19.52 34.03
C GLY D 194 -30.80 18.66 34.04
N ALA D 195 -30.52 18.00 35.15
CA ALA D 195 -29.44 17.01 35.25
C ALA D 195 -30.03 15.64 35.00
N VAL D 196 -29.17 14.62 34.95
CA VAL D 196 -29.66 13.23 34.81
C VAL D 196 -29.18 12.35 35.96
N LEU D 197 -30.07 11.49 36.42
CA LEU D 197 -29.76 10.58 37.51
C LEU D 197 -29.80 9.17 36.98
N PRO D 198 -28.64 8.50 36.96
CA PRO D 198 -28.66 7.10 36.61
C PRO D 198 -29.34 6.30 37.72
N ILE D 199 -30.29 5.46 37.36
CA ILE D 199 -31.05 4.69 38.34
C ILE D 199 -30.59 3.25 38.42
N ARG D 200 -30.55 2.59 37.26
CA ARG D 200 -30.19 1.18 37.18
C ARG D 200 -29.69 0.81 35.78
N VAL D 201 -28.86 -0.23 35.72
CA VAL D 201 -28.47 -0.80 34.44
C VAL D 201 -29.61 -1.71 33.97
N HIS D 202 -30.21 -1.31 32.86
CA HIS D 202 -31.32 -2.02 32.26
C HIS D 202 -30.81 -3.25 31.49
N THR D 203 -29.88 -3.04 30.57
CA THR D 203 -29.31 -4.12 29.74
C THR D 203 -27.79 -4.01 29.64
N ILE D 204 -27.13 -5.16 29.56
CA ILE D 204 -25.71 -5.21 29.27
C ILE D 204 -25.45 -6.29 28.24
N VAL D 205 -24.84 -5.90 27.12
CA VAL D 205 -24.45 -6.85 26.09
C VAL D 205 -22.93 -6.90 26.00
N ILE D 206 -22.37 -8.11 25.87
CA ILE D 206 -20.92 -8.31 25.75
C ILE D 206 -20.58 -9.46 24.79
N SER D 207 -20.02 -9.10 23.64
CA SER D 207 -19.50 -10.07 22.67
C SER D 207 -18.00 -9.96 22.65
N VAL D 208 -17.32 -11.09 22.81
CA VAL D 208 -15.87 -11.10 22.84
C VAL D 208 -15.30 -12.29 22.07
N GLN D 209 -14.23 -12.05 21.32
CA GLN D 209 -13.50 -13.08 20.60
C GLN D 209 -12.86 -14.05 21.58
N HIS D 210 -12.74 -15.32 21.18
CA HIS D 210 -12.28 -16.35 22.10
C HIS D 210 -11.65 -17.58 21.44
N ASP D 211 -10.74 -18.20 22.17
CA ASP D 211 -10.21 -19.57 21.93
C ASP D 211 -11.20 -20.58 21.35
N GLU D 212 -10.69 -21.57 20.63
CA GLU D 212 -11.49 -22.71 20.18
C GLU D 212 -11.85 -23.65 21.34
N GLU D 213 -11.04 -23.62 22.40
CA GLU D 213 -11.16 -24.55 23.54
C GLU D 213 -12.46 -24.37 24.35
N VAL D 214 -12.56 -23.29 25.14
CA VAL D 214 -13.59 -23.14 26.16
C VAL D 214 -15.03 -23.12 25.64
N CYS D 215 -15.95 -23.50 26.54
CA CYS D 215 -17.36 -23.67 26.20
C CYS D 215 -18.19 -22.42 26.53
N LEU D 216 -19.25 -22.23 25.75
CA LEU D 216 -20.16 -21.11 25.88
C LEU D 216 -20.50 -20.79 27.34
N ASP D 217 -20.93 -21.80 28.09
CA ASP D 217 -21.40 -21.58 29.44
C ASP D 217 -20.31 -21.14 30.41
N GLU D 218 -19.06 -21.51 30.13
CA GLU D 218 -17.95 -21.06 30.97
C GLU D 218 -17.66 -19.56 30.74
N MET D 219 -17.75 -19.14 29.49
CA MET D 219 -17.47 -17.76 29.11
C MET D 219 -18.52 -16.83 29.69
N ARG D 220 -19.78 -17.23 29.59
CA ARG D 220 -20.89 -16.47 30.16
C ARG D 220 -20.78 -16.41 31.67
N ASP D 221 -20.37 -17.52 32.28
CA ASP D 221 -20.11 -17.51 33.71
C ASP D 221 -19.08 -16.43 34.05
N ALA D 222 -17.99 -16.37 33.30
CA ALA D 222 -16.89 -15.45 33.63
C ALA D 222 -17.21 -13.99 33.27
N LEU D 223 -17.94 -13.79 32.18
CA LEU D 223 -18.33 -12.43 31.78
C LEU D 223 -19.18 -11.79 32.86
N LYS D 224 -19.97 -12.61 33.57
CA LYS D 224 -20.84 -12.12 34.63
C LYS D 224 -20.11 -11.96 35.96
N GLU D 225 -19.31 -12.95 36.35
CA GLU D 225 -18.70 -12.98 37.70
C GLU D 225 -17.38 -12.20 37.82
N LYS D 226 -16.46 -12.44 36.88
CA LYS D 226 -15.12 -11.87 36.98
C LYS D 226 -15.02 -10.50 36.30
N VAL D 227 -15.92 -10.22 35.37
CA VAL D 227 -15.88 -8.99 34.58
C VAL D 227 -16.93 -7.96 35.03
N ILE D 228 -18.20 -8.26 34.82
CA ILE D 228 -19.27 -7.32 35.19
C ILE D 228 -19.26 -7.02 36.68
N LYS D 229 -19.27 -8.07 37.51
CA LYS D 229 -19.31 -7.88 38.97
C LYS D 229 -18.10 -7.15 39.55
N ALA D 230 -16.98 -7.10 38.81
CA ALA D 230 -15.82 -6.32 39.23
C ALA D 230 -15.87 -4.88 38.73
N VAL D 231 -16.71 -4.61 37.73
CA VAL D 231 -16.71 -3.32 37.05
C VAL D 231 -17.94 -2.47 37.39
N VAL D 232 -19.12 -3.09 37.35
CA VAL D 232 -20.38 -2.39 37.57
C VAL D 232 -20.80 -2.43 39.04
N PRO D 233 -20.85 -1.27 39.72
CA PRO D 233 -21.32 -1.18 41.11
C PRO D 233 -22.63 -1.94 41.36
N ALA D 234 -22.64 -2.76 42.41
CA ALA D 234 -23.82 -3.58 42.74
C ALA D 234 -25.15 -2.81 42.75
N LYS D 235 -25.12 -1.54 43.14
CA LYS D 235 -26.34 -0.74 43.35
C LYS D 235 -27.11 -0.41 42.07
N TYR D 236 -26.43 -0.38 40.93
CA TYR D 236 -27.08 -0.22 39.66
C TYR D 236 -27.54 -1.56 39.10
N LEU D 237 -27.20 -2.65 39.78
CA LEU D 237 -27.60 -4.01 39.36
C LEU D 237 -28.80 -4.53 40.16
N ASP D 238 -29.73 -5.20 39.48
CA ASP D 238 -30.88 -5.81 40.13
C ASP D 238 -31.35 -7.07 39.37
N GLU D 239 -32.35 -7.75 39.93
CA GLU D 239 -32.87 -9.00 39.35
C GLU D 239 -33.37 -8.86 37.91
N ASP D 240 -33.86 -7.67 37.56
CA ASP D 240 -34.41 -7.41 36.24
C ASP D 240 -33.38 -6.97 35.18
N THR D 241 -32.13 -6.81 35.60
CA THR D 241 -31.05 -6.47 34.68
C THR D 241 -30.87 -7.61 33.67
N ILE D 242 -31.03 -7.27 32.39
CA ILE D 242 -30.81 -8.23 31.30
C ILE D 242 -29.32 -8.47 31.06
N TYR D 243 -28.98 -9.68 30.63
CA TYR D 243 -27.60 -10.00 30.28
C TYR D 243 -27.56 -10.77 28.97
N HIS D 244 -27.05 -10.13 27.93
CA HIS D 244 -26.75 -10.82 26.70
C HIS D 244 -25.25 -11.05 26.66
N LEU D 245 -24.82 -12.16 27.23
CA LEU D 245 -23.41 -12.56 27.22
C LEU D 245 -23.17 -13.54 26.07
N GLN D 246 -22.18 -13.25 25.23
CA GLN D 246 -21.93 -14.02 24.00
C GLN D 246 -23.24 -14.37 23.29
N PRO D 247 -23.96 -13.33 22.82
CA PRO D 247 -25.33 -13.45 22.31
C PRO D 247 -25.45 -14.24 21.01
N SER D 248 -24.39 -14.25 20.20
CA SER D 248 -24.36 -15.02 18.95
C SER D 248 -23.51 -16.29 19.06
N GLY D 249 -23.14 -16.67 20.29
CA GLY D 249 -22.46 -17.93 20.54
C GLY D 249 -20.99 -17.92 20.19
N ARG D 250 -20.63 -18.59 19.10
CA ARG D 250 -19.23 -18.73 18.71
C ARG D 250 -18.75 -17.49 17.95
N PHE D 251 -17.49 -17.13 18.21
CA PHE D 251 -16.86 -15.93 17.68
C PHE D 251 -15.34 -16.11 17.94
N VAL D 252 -14.75 -16.99 17.15
CA VAL D 252 -13.35 -17.39 17.30
C VAL D 252 -12.46 -16.49 16.44
N ILE D 253 -12.99 -16.11 15.28
CA ILE D 253 -12.28 -15.26 14.33
C ILE D 253 -12.92 -13.86 14.32
N GLY D 254 -12.16 -12.91 14.85
CA GLY D 254 -12.52 -11.50 14.82
C GLY D 254 -11.33 -10.67 14.37
N GLY D 255 -11.37 -9.39 14.66
CA GLY D 255 -10.32 -8.49 14.24
C GLY D 255 -10.45 -8.18 12.76
N PRO D 256 -9.32 -7.92 12.08
CA PRO D 256 -9.33 -7.61 10.66
C PRO D 256 -9.88 -8.73 9.80
N GLN D 257 -9.63 -9.98 10.18
CA GLN D 257 -10.07 -11.17 9.42
C GLN D 257 -11.53 -11.11 8.97
N GLY D 258 -11.74 -11.24 7.66
CA GLY D 258 -13.07 -11.13 7.06
C GLY D 258 -13.77 -9.80 7.33
N ASP D 259 -12.99 -8.78 7.64
CA ASP D 259 -13.52 -7.53 8.15
C ASP D 259 -12.64 -6.38 7.65
N ALA D 260 -13.13 -5.14 7.81
CA ALA D 260 -12.37 -3.95 7.40
C ALA D 260 -12.56 -2.84 8.42
N GLY D 261 -11.45 -2.23 8.84
CA GLY D 261 -11.49 -1.14 9.82
C GLY D 261 -10.77 0.11 9.33
N LEU D 262 -11.15 1.24 9.89
CA LEU D 262 -10.55 2.51 9.51
C LEU D 262 -10.36 3.40 10.74
N THR D 263 -9.29 4.18 10.72
CA THR D 263 -9.09 5.20 11.74
C THR D 263 -10.25 6.17 11.71
N GLY D 264 -10.75 6.54 12.89
CA GLY D 264 -11.73 7.60 13.03
C GLY D 264 -13.14 7.13 12.73
N ARG D 265 -13.43 5.89 13.12
CA ARG D 265 -14.74 5.33 12.90
C ARG D 265 -15.44 4.94 14.20
N LYS D 266 -14.89 5.42 15.31
CA LYS D 266 -15.47 5.20 16.63
C LYS D 266 -15.35 6.48 17.46
N ILE D 267 -15.66 7.59 16.80
CA ILE D 267 -15.60 8.91 17.41
C ILE D 267 -16.63 9.12 18.53
N ILE D 268 -17.75 8.38 18.48
CA ILE D 268 -18.77 8.47 19.53
C ILE D 268 -18.35 7.63 20.73
N VAL D 269 -17.83 6.44 20.45
CA VAL D 269 -17.21 5.61 21.46
C VAL D 269 -15.99 6.32 22.07
N ASP D 270 -15.24 7.04 21.24
CA ASP D 270 -14.08 7.83 21.71
C ASP D 270 -14.45 8.99 22.63
N THR D 271 -15.72 9.38 22.62
CA THR D 271 -16.12 10.60 23.31
C THR D 271 -17.16 10.30 24.37
N TYR D 272 -18.42 10.70 24.15
CA TYR D 272 -19.40 10.71 25.22
C TYR D 272 -20.51 9.65 25.11
N GLY D 273 -20.35 8.70 24.20
CA GLY D 273 -21.25 7.55 24.10
C GLY D 273 -22.66 7.88 23.63
N GLY D 274 -22.79 8.93 22.81
CA GLY D 274 -24.08 9.32 22.27
C GLY D 274 -24.64 10.55 22.96
N TRP D 275 -24.17 10.78 24.19
CA TRP D 275 -24.48 11.99 24.96
C TRP D 275 -23.78 13.21 24.39
N GLY D 276 -24.31 14.37 24.74
CA GLY D 276 -23.70 15.63 24.45
C GLY D 276 -23.88 15.96 23.01
N ALA D 277 -22.79 15.95 22.27
CA ALA D 277 -22.80 16.35 20.88
C ALA D 277 -21.44 16.08 20.32
N HIS D 278 -21.36 16.00 19.00
CA HIS D 278 -20.09 15.76 18.33
C HIS D 278 -19.99 16.61 17.07
N GLY D 279 -18.79 17.09 16.75
CA GLY D 279 -18.55 17.98 15.62
C GLY D 279 -18.03 17.34 14.35
N GLY D 280 -17.55 16.10 14.47
CA GLY D 280 -17.22 15.26 13.30
C GLY D 280 -15.76 14.89 13.14
N GLY D 281 -14.90 15.40 14.02
CA GLY D 281 -13.45 15.17 13.95
C GLY D 281 -13.00 13.93 14.71
N ALA D 282 -12.26 13.06 14.05
CA ALA D 282 -11.62 11.93 14.71
C ALA D 282 -10.39 12.43 15.43
N PHE D 283 -10.01 11.75 16.50
CA PHE D 283 -8.81 12.17 17.26
C PHE D 283 -7.54 11.51 16.74
N SER D 284 -7.53 10.18 16.68
CA SER D 284 -6.26 9.46 16.57
C SER D 284 -5.53 9.74 15.27
N GLY D 285 -4.21 9.70 15.35
CA GLY D 285 -3.34 9.95 14.20
C GLY D 285 -2.99 11.41 13.98
N LYS D 286 -3.42 12.29 14.88
CA LYS D 286 -3.24 13.73 14.71
C LYS D 286 -2.46 14.40 15.85
N ASP D 287 -1.67 15.42 15.48
CA ASP D 287 -0.95 16.26 16.46
C ASP D 287 -1.76 17.49 16.86
N TYR D 288 -1.29 18.22 17.86
CA TYR D 288 -2.07 19.32 18.44
C TYR D 288 -2.57 20.33 17.42
N THR D 289 -1.84 20.56 16.33
CA THR D 289 -2.25 21.58 15.35
C THR D 289 -3.58 21.24 14.68
N LYS D 290 -3.99 19.98 14.78
CA LYS D 290 -5.30 19.55 14.32
C LYS D 290 -6.27 19.74 15.48
N VAL D 291 -7.10 20.78 15.36
CA VAL D 291 -8.00 21.18 16.44
C VAL D 291 -9.12 20.18 16.65
N ASP D 292 -9.37 19.33 15.67
CA ASP D 292 -10.30 18.20 15.83
C ASP D 292 -10.05 17.55 17.17
N ARG D 293 -8.78 17.32 17.46
CA ARG D 293 -8.34 16.72 18.72
C ARG D 293 -8.15 17.76 19.83
N SER D 294 -7.20 18.68 19.64
CA SER D 294 -6.74 19.55 20.74
C SER D 294 -7.85 20.43 21.28
N ALA D 295 -8.68 20.98 20.39
CA ALA D 295 -9.81 21.81 20.83
C ALA D 295 -10.89 20.99 21.48
N ALA D 296 -11.07 19.76 21.02
CA ALA D 296 -11.99 18.80 21.65
C ALA D 296 -11.52 18.46 23.07
N TYR D 297 -10.23 18.13 23.22
CA TYR D 297 -9.65 17.92 24.56
C TYR D 297 -9.78 19.17 25.44
N ALA D 298 -9.48 20.34 24.88
CA ALA D 298 -9.70 21.61 25.61
C ALA D 298 -11.17 21.82 25.99
N ALA D 299 -12.10 21.50 25.10
CA ALA D 299 -13.52 21.63 25.45
C ALA D 299 -13.90 20.70 26.62
N ARG D 300 -13.45 19.46 26.59
CA ARG D 300 -13.64 18.54 27.73
C ARG D 300 -13.14 19.16 29.04
N TRP D 301 -11.88 19.60 29.03
CA TRP D 301 -11.25 20.27 30.17
C TRP D 301 -12.13 21.39 30.73
N VAL D 302 -12.55 22.27 29.83
CA VAL D 302 -13.43 23.40 30.19
C VAL D 302 -14.76 22.89 30.76
N ALA D 303 -15.43 22.00 30.05
CA ALA D 303 -16.70 21.44 30.53
C ALA D 303 -16.55 20.80 31.91
N LYS D 304 -15.49 20.03 32.10
CA LYS D 304 -15.27 19.32 33.37
C LYS D 304 -14.91 20.30 34.47
N SER D 305 -14.10 21.29 34.12
CA SER D 305 -13.72 22.35 35.06
C SER D 305 -14.94 23.03 35.65
N LEU D 306 -15.88 23.42 34.78
CA LEU D 306 -17.14 24.03 35.21
C LEU D 306 -17.91 23.17 36.20
N VAL D 307 -17.97 21.86 35.97
CA VAL D 307 -18.77 20.97 36.82
C VAL D 307 -18.07 20.74 38.15
N LYS D 308 -16.79 20.38 38.09
CA LYS D 308 -15.96 20.18 39.27
C LYS D 308 -15.79 21.48 40.07
N GLY D 309 -15.90 22.62 39.40
CA GLY D 309 -15.93 23.91 40.06
C GLY D 309 -17.31 24.29 40.58
N GLY D 310 -18.27 23.38 40.56
CA GLY D 310 -19.57 23.62 41.19
C GLY D 310 -20.49 24.62 40.49
N LEU D 311 -20.14 25.03 39.27
CA LEU D 311 -20.99 25.95 38.51
C LEU D 311 -22.11 25.22 37.78
N CYS D 312 -21.96 23.91 37.60
CA CYS D 312 -22.86 23.12 36.80
C CYS D 312 -23.07 21.77 37.42
N ARG D 313 -24.16 21.14 37.01
CA ARG D 313 -24.31 19.71 37.20
C ARG D 313 -24.01 19.02 35.88
N ARG D 314 -24.48 19.60 34.78
CA ARG D 314 -24.02 19.23 33.45
C ARG D 314 -23.95 20.42 32.53
N VAL D 315 -23.12 20.27 31.49
CA VAL D 315 -22.77 21.36 30.62
C VAL D 315 -22.32 20.83 29.26
N LEU D 316 -22.58 21.62 28.22
CA LEU D 316 -22.15 21.31 26.86
C LEU D 316 -21.46 22.54 26.33
N VAL D 317 -20.26 22.36 25.78
CA VAL D 317 -19.46 23.46 25.29
C VAL D 317 -19.26 23.24 23.80
N GLN D 318 -19.50 24.26 22.99
CA GLN D 318 -19.12 24.20 21.57
C GLN D 318 -18.09 25.26 21.28
N VAL D 319 -17.18 24.96 20.36
CA VAL D 319 -16.21 25.92 19.86
C VAL D 319 -15.98 25.64 18.40
N SER D 320 -15.56 26.66 17.65
CA SER D 320 -15.24 26.43 16.26
C SER D 320 -14.05 27.26 15.82
N TYR D 321 -13.46 26.82 14.70
CA TYR D 321 -12.25 27.44 14.18
C TYR D 321 -12.36 27.61 12.66
N ALA D 322 -11.40 28.33 12.10
CA ALA D 322 -11.15 28.31 10.66
C ALA D 322 -9.66 28.19 10.45
N ILE D 323 -9.28 27.44 9.42
CA ILE D 323 -7.88 27.20 9.12
C ILE D 323 -7.13 28.52 8.91
N GLY D 324 -6.04 28.68 9.63
CA GLY D 324 -5.18 29.87 9.54
C GLY D 324 -5.35 30.85 10.69
N VAL D 325 -6.39 30.62 11.49
CA VAL D 325 -6.84 31.54 12.52
C VAL D 325 -6.64 30.89 13.88
N SER D 326 -5.92 31.58 14.76
CA SER D 326 -5.61 31.05 16.08
C SER D 326 -6.79 31.12 17.05
N HIS D 327 -7.47 32.28 17.09
CA HIS D 327 -8.63 32.44 17.97
C HIS D 327 -9.82 31.66 17.45
N PRO D 328 -10.64 31.09 18.35
CA PRO D 328 -11.89 30.47 17.92
C PRO D 328 -12.86 31.46 17.29
N LEU D 329 -13.64 31.01 16.31
CA LEU D 329 -14.66 31.86 15.70
C LEU D 329 -15.90 32.00 16.59
N SER D 330 -16.15 30.98 17.40
CA SER D 330 -17.35 30.96 18.24
C SER D 330 -17.12 30.09 19.47
N ILE D 331 -17.84 30.41 20.55
CA ILE D 331 -17.78 29.66 21.79
C ILE D 331 -19.19 29.67 22.37
N SER D 332 -19.70 28.51 22.75
CA SER D 332 -21.04 28.41 23.31
C SER D 332 -21.07 27.48 24.49
N ILE D 333 -21.83 27.89 25.51
CA ILE D 333 -22.05 27.07 26.68
C ILE D 333 -23.54 26.77 26.80
N PHE D 334 -23.88 25.51 27.02
CA PHE D 334 -25.26 25.10 27.34
C PHE D 334 -25.21 24.35 28.64
N HIS D 335 -25.85 24.89 29.69
CA HIS D 335 -25.82 24.26 31.01
C HIS D 335 -27.09 23.49 31.34
N TYR D 336 -27.97 23.34 30.34
CA TYR D 336 -29.23 22.59 30.49
C TYR D 336 -30.05 23.05 31.70
N GLY D 337 -30.07 24.35 31.95
CA GLY D 337 -30.65 24.91 33.17
C GLY D 337 -30.20 24.30 34.50
N THR D 338 -28.93 23.90 34.58
CA THR D 338 -28.40 23.28 35.79
C THR D 338 -27.49 24.22 36.57
N SER D 339 -27.40 25.47 36.14
CA SER D 339 -26.62 26.49 36.85
C SER D 339 -27.51 27.63 37.31
N GLN D 340 -27.10 28.26 38.41
CA GLN D 340 -27.78 29.45 38.89
C GLN D 340 -27.40 30.63 38.00
N LYS D 341 -26.16 30.61 37.52
CA LYS D 341 -25.68 31.63 36.59
C LYS D 341 -26.21 31.38 35.20
N SER D 342 -26.34 32.44 34.42
CA SER D 342 -26.79 32.33 33.04
C SER D 342 -25.69 31.71 32.19
N GLU D 343 -26.04 31.31 30.98
CA GLU D 343 -25.05 30.79 30.04
C GLU D 343 -24.07 31.87 29.62
N ARG D 344 -24.54 33.13 29.60
CA ARG D 344 -23.67 34.28 29.30
C ARG D 344 -22.67 34.50 30.44
N GLU D 345 -23.10 34.36 31.69
CA GLU D 345 -22.19 34.46 32.86
C GLU D 345 -21.13 33.34 32.84
N LEU D 346 -21.52 32.12 32.47
CA LEU D 346 -20.55 31.03 32.31
C LEU D 346 -19.59 31.29 31.16
N LEU D 347 -20.10 31.75 30.03
CA LEU D 347 -19.25 32.10 28.91
C LEU D 347 -18.16 33.10 29.33
N GLU D 348 -18.56 34.20 29.98
CA GLU D 348 -17.59 35.19 30.51
C GLU D 348 -16.56 34.55 31.46
N ILE D 349 -17.00 33.56 32.24
CA ILE D 349 -16.11 32.84 33.15
C ILE D 349 -15.07 32.04 32.37
N VAL D 350 -15.51 31.43 31.27
CA VAL D 350 -14.64 30.62 30.43
C VAL D 350 -13.59 31.51 29.78
N LYS D 351 -14.07 32.56 29.12
CA LYS D 351 -13.19 33.54 28.45
C LYS D 351 -12.15 34.16 29.39
N LYS D 352 -12.53 34.37 30.65
CA LYS D 352 -11.59 34.90 31.65
C LYS D 352 -10.51 33.91 32.08
N ASN D 353 -10.81 32.61 32.08
CA ASN D 353 -9.90 31.60 32.64
C ASN D 353 -9.22 30.70 31.63
N PHE D 354 -9.63 30.78 30.36
CA PHE D 354 -9.07 29.94 29.32
C PHE D 354 -8.70 30.75 28.09
N ASP D 355 -7.65 30.30 27.42
CA ASP D 355 -7.29 30.77 26.11
C ASP D 355 -7.29 29.56 25.19
N LEU D 356 -8.21 29.54 24.24
CA LEU D 356 -8.45 28.35 23.42
C LEU D 356 -7.80 28.42 22.04
N ARG D 357 -6.58 28.92 22.02
CA ARG D 357 -5.79 28.88 20.81
C ARG D 357 -4.96 27.61 20.82
N PRO D 358 -4.83 26.95 19.67
CA PRO D 358 -4.01 25.74 19.63
C PRO D 358 -2.61 26.01 20.14
N GLY D 359 -2.07 27.17 19.80
CA GLY D 359 -0.76 27.59 20.29
C GLY D 359 -0.62 27.67 21.81
N VAL D 360 -1.73 27.91 22.49
CA VAL D 360 -1.75 27.93 23.96
C VAL D 360 -2.17 26.59 24.56
N ILE D 361 -3.19 25.96 23.96
CA ILE D 361 -3.73 24.71 24.48
C ILE D 361 -2.61 23.68 24.60
N VAL D 362 -1.80 23.55 23.56
CA VAL D 362 -0.64 22.66 23.60
C VAL D 362 0.18 22.78 24.88
N ARG D 363 0.33 24.00 25.38
CA ARG D 363 1.10 24.25 26.60
C ARG D 363 0.31 23.82 27.83
N ASP D 364 -0.91 24.33 27.95
CA ASP D 364 -1.76 23.97 29.08
C ASP D 364 -1.95 22.45 29.22
N LEU D 365 -2.17 21.76 28.10
CA LEU D 365 -2.49 20.33 28.13
C LEU D 365 -1.35 19.40 27.74
N ASP D 366 -0.22 19.96 27.32
CA ASP D 366 1.00 19.18 27.14
C ASP D 366 0.84 18.15 26.02
N LEU D 367 0.43 18.63 24.86
CA LEU D 367 0.03 17.78 23.74
C LEU D 367 1.17 17.32 22.82
N LYS D 368 2.41 17.67 23.16
CA LYS D 368 3.57 17.15 22.45
C LYS D 368 4.13 15.87 23.09
N LYS D 369 3.57 15.45 24.22
CA LYS D 369 4.05 14.25 24.88
C LYS D 369 3.63 12.99 24.11
N PRO D 370 4.55 12.03 23.97
CA PRO D 370 4.33 10.86 23.16
C PRO D 370 3.61 9.77 23.93
N ILE D 371 2.38 10.05 24.33
CA ILE D 371 1.54 9.03 24.99
C ILE D 371 0.09 9.06 24.49
N TYR D 372 -0.10 9.30 23.19
CA TYR D 372 -1.42 9.26 22.61
C TYR D 372 -1.92 7.83 22.41
N GLN D 373 -1.03 6.85 22.36
CA GLN D 373 -1.47 5.46 22.16
C GLN D 373 -2.41 4.97 23.28
N ARG D 374 -2.18 5.41 24.51
CA ARG D 374 -3.08 5.11 25.63
C ARG D 374 -4.51 5.58 25.38
N THR D 375 -4.68 6.63 24.56
CA THR D 375 -5.99 7.27 24.40
C THR D 375 -6.88 6.55 23.40
N ALA D 376 -6.25 5.74 22.54
CA ALA D 376 -6.90 5.24 21.32
C ALA D 376 -7.78 4.05 21.55
N ALA D 377 -7.92 3.64 22.82
CA ALA D 377 -8.93 2.67 23.22
C ALA D 377 -9.30 2.95 24.67
N TYR D 378 -10.57 2.71 25.00
CA TYR D 378 -11.17 2.87 26.33
C TYR D 378 -11.63 4.30 26.58
N GLY D 379 -11.66 5.10 25.52
CA GLY D 379 -12.22 6.44 25.60
C GLY D 379 -11.14 7.45 25.89
N HIS D 380 -11.31 8.64 25.33
CA HIS D 380 -10.37 9.74 25.50
C HIS D 380 -10.67 10.57 26.73
N PHE D 381 -11.83 10.34 27.33
CA PHE D 381 -12.31 11.16 28.44
C PHE D 381 -12.66 10.32 29.67
N GLY D 382 -12.69 10.96 30.84
CA GLY D 382 -12.97 10.27 32.10
C GLY D 382 -11.86 9.38 32.66
N ARG D 383 -10.62 9.61 32.25
CA ARG D 383 -9.51 8.76 32.70
C ARG D 383 -8.54 9.51 33.61
N ASP D 384 -7.96 8.76 34.56
CA ASP D 384 -7.19 9.34 35.67
C ASP D 384 -6.06 10.31 35.27
N SER D 385 -5.12 9.86 34.46
CA SER D 385 -3.86 10.58 34.29
C SER D 385 -3.79 11.67 33.20
N PHE D 386 -4.89 11.94 32.50
CA PHE D 386 -4.85 12.88 31.36
C PHE D 386 -4.94 14.34 31.80
N PRO D 387 -4.08 15.22 31.22
CA PRO D 387 -4.09 16.65 31.51
C PRO D 387 -5.48 17.30 31.45
N TRP D 388 -6.29 16.91 30.47
CA TRP D 388 -7.59 17.56 30.28
C TRP D 388 -8.65 17.03 31.23
N GLU D 389 -8.26 16.05 32.04
CA GLU D 389 -9.15 15.50 33.05
C GLU D 389 -8.89 16.08 34.44
N VAL D 390 -7.86 16.92 34.58
CA VAL D 390 -7.56 17.62 35.83
C VAL D 390 -8.18 19.01 35.81
N PRO D 391 -9.20 19.25 36.65
CA PRO D 391 -10.01 20.46 36.50
C PRO D 391 -9.24 21.72 36.88
N LYS D 392 -9.36 22.76 36.08
CA LYS D 392 -8.75 24.04 36.41
C LYS D 392 -9.61 24.78 37.46
N LYS D 393 -8.98 25.18 38.57
CA LYS D 393 -9.65 26.01 39.57
C LYS D 393 -9.88 27.37 38.94
N LEU D 394 -11.13 27.76 38.87
CA LEU D 394 -11.54 28.95 38.11
C LEU D 394 -11.57 30.19 39.01
N LYS D 395 -11.21 31.35 38.43
CA LYS D 395 -11.33 32.64 39.11
C LYS D 395 -12.45 33.47 38.49
N TYR D 396 -13.34 33.97 39.35
CA TYR D 396 -14.50 34.74 38.92
C TYR D 396 -15.04 35.50 40.13
N PRO E 20 -15.56 5.50 59.01
CA PRO E 20 -16.17 6.22 60.18
C PRO E 20 -16.93 5.24 61.07
N ASN E 21 -16.44 5.08 62.31
CA ASN E 21 -17.06 4.14 63.25
C ASN E 21 -18.37 4.66 63.84
N ARG E 22 -18.59 5.97 63.75
CA ARG E 22 -19.84 6.59 64.17
C ARG E 22 -20.90 6.36 63.08
N ARG E 23 -21.96 5.62 63.41
CA ARG E 23 -22.96 5.15 62.44
C ARG E 23 -24.35 5.73 62.71
N VAL E 24 -25.10 5.99 61.63
CA VAL E 24 -26.43 6.62 61.73
C VAL E 24 -27.37 6.13 60.63
N LEU E 25 -28.57 5.71 61.01
CA LEU E 25 -29.62 5.38 60.04
C LEU E 25 -30.61 6.52 59.91
N VAL E 26 -30.90 6.91 58.67
CA VAL E 26 -31.85 7.97 58.39
C VAL E 26 -33.03 7.41 57.60
N THR E 27 -34.21 7.38 58.20
CA THR E 27 -35.40 6.98 57.46
C THR E 27 -35.87 8.13 56.59
N GLY E 28 -36.71 7.83 55.61
CA GLY E 28 -37.28 8.83 54.71
C GLY E 28 -36.20 9.67 54.06
N ALA E 29 -35.08 9.02 53.73
CA ALA E 29 -33.91 9.69 53.17
C ALA E 29 -34.15 10.17 51.75
N THR E 30 -35.17 9.63 51.10
CA THR E 30 -35.65 10.14 49.80
C THR E 30 -36.33 11.49 49.95
N GLY E 31 -37.08 11.67 51.03
CA GLY E 31 -37.80 12.91 51.29
C GLY E 31 -36.92 14.12 51.54
N LEU E 32 -37.50 15.30 51.34
CA LEU E 32 -36.82 16.59 51.50
C LEU E 32 -35.91 16.66 52.72
N LEU E 33 -36.47 16.37 53.90
CA LEU E 33 -35.72 16.39 55.15
C LEU E 33 -34.70 15.24 55.26
N GLY E 34 -35.12 14.02 54.95
CA GLY E 34 -34.22 12.88 55.01
C GLY E 34 -32.93 13.07 54.23
N ARG E 35 -33.05 13.53 52.99
CA ARG E 35 -31.89 13.82 52.14
C ARG E 35 -30.92 14.80 52.82
N ALA E 36 -31.47 15.84 53.44
CA ALA E 36 -30.65 16.85 54.12
C ALA E 36 -29.95 16.27 55.35
N VAL E 37 -30.68 15.44 56.10
CA VAL E 37 -30.15 14.86 57.34
C VAL E 37 -29.09 13.82 56.98
N HIS E 38 -29.38 12.98 56.00
CA HIS E 38 -28.38 12.07 55.51
C HIS E 38 -27.08 12.80 55.20
N LYS E 39 -27.16 13.85 54.37
CA LYS E 39 -25.97 14.55 53.88
C LYS E 39 -25.21 15.26 54.99
N GLU E 40 -25.93 15.83 55.94
CA GLU E 40 -25.31 16.49 57.09
C GLU E 40 -24.39 15.55 57.85
N PHE E 41 -24.91 14.36 58.17
CA PHE E 41 -24.15 13.35 58.91
C PHE E 41 -23.00 12.78 58.07
N GLN E 42 -23.27 12.49 56.80
CA GLN E 42 -22.28 11.89 55.94
C GLN E 42 -21.08 12.81 55.73
N GLN E 43 -21.35 14.09 55.52
CA GLN E 43 -20.32 15.10 55.26
C GLN E 43 -19.57 15.54 56.53
N ASN E 44 -20.12 15.27 57.70
CA ASN E 44 -19.41 15.56 58.95
C ASN E 44 -18.94 14.28 59.64
N ASN E 45 -18.41 13.38 58.83
CA ASN E 45 -17.69 12.20 59.30
C ASN E 45 -18.54 11.26 60.14
N TRP E 46 -19.57 10.73 59.50
CA TRP E 46 -20.35 9.60 60.00
C TRP E 46 -20.53 8.59 58.87
N HIS E 47 -20.83 7.36 59.25
CA HIS E 47 -21.24 6.34 58.32
C HIS E 47 -22.76 6.39 58.30
N ALA E 48 -23.32 6.94 57.23
CA ALA E 48 -24.74 7.28 57.18
C ALA E 48 -25.46 6.48 56.12
N VAL E 49 -26.58 5.89 56.51
CA VAL E 49 -27.40 5.08 55.61
C VAL E 49 -28.83 5.61 55.55
N GLY E 50 -29.42 5.60 54.35
CA GLY E 50 -30.78 6.09 54.15
C GLY E 50 -31.77 5.02 53.73
N CYS E 51 -32.96 5.05 54.33
CA CYS E 51 -34.07 4.20 53.88
C CYS E 51 -35.02 5.01 53.02
N GLY E 52 -35.85 4.28 52.29
CA GLY E 52 -36.99 4.85 51.58
C GLY E 52 -37.67 3.70 50.88
N PHE E 53 -38.94 3.87 50.52
CA PHE E 53 -39.66 2.82 49.79
C PHE E 53 -39.54 3.06 48.28
N ARG E 54 -40.33 3.99 47.73
CA ARG E 54 -40.21 4.32 46.30
C ARG E 54 -39.05 5.28 46.08
N ARG E 55 -38.39 5.14 44.92
CA ARG E 55 -37.32 6.06 44.50
C ARG E 55 -36.07 6.04 45.40
N ALA E 56 -35.91 5.02 46.22
CA ALA E 56 -34.80 4.94 47.17
C ALA E 56 -33.54 4.47 46.47
N ARG E 57 -33.65 3.38 45.72
CA ARG E 57 -32.55 2.87 44.94
C ARG E 57 -32.33 3.83 43.78
N PRO E 58 -31.06 4.02 43.35
CA PRO E 58 -29.85 3.32 43.75
C PRO E 58 -29.07 3.95 44.89
N LYS E 59 -29.42 5.17 45.29
CA LYS E 59 -28.63 5.89 46.30
C LYS E 59 -28.93 5.44 47.73
N PHE E 60 -30.08 4.78 47.93
CA PHE E 60 -30.50 4.41 49.27
C PHE E 60 -31.01 2.97 49.37
N GLU E 61 -31.15 2.50 50.61
CA GLU E 61 -31.70 1.18 50.88
C GLU E 61 -33.21 1.23 50.74
N GLN E 62 -33.76 0.24 50.05
CA GLN E 62 -35.21 0.13 49.92
C GLN E 62 -35.75 -0.62 51.15
N VAL E 63 -36.60 0.05 51.92
CA VAL E 63 -37.18 -0.52 53.13
C VAL E 63 -38.63 -0.05 53.25
N ASN E 64 -39.52 -0.98 53.62
CA ASN E 64 -40.87 -0.63 54.05
C ASN E 64 -40.89 -0.52 55.58
N LEU E 65 -41.18 0.68 56.08
CA LEU E 65 -41.20 0.91 57.52
C LEU E 65 -42.35 0.19 58.23
N LEU E 66 -43.32 -0.31 57.46
CA LEU E 66 -44.40 -1.14 57.99
C LEU E 66 -43.99 -2.60 58.15
N ASP E 67 -43.02 -3.06 57.33
CA ASP E 67 -42.51 -4.44 57.41
C ASP E 67 -41.52 -4.59 58.58
N SER E 68 -41.96 -5.30 59.62
CA SER E 68 -41.18 -5.47 60.84
C SER E 68 -39.88 -6.19 60.56
N ASN E 69 -39.92 -7.20 59.68
CA ASN E 69 -38.73 -7.98 59.35
C ASN E 69 -37.70 -7.08 58.70
N ALA E 70 -38.10 -6.44 57.60
CA ALA E 70 -37.23 -5.56 56.85
C ALA E 70 -36.62 -4.48 57.73
N VAL E 71 -37.43 -3.95 58.65
CA VAL E 71 -36.98 -2.91 59.59
C VAL E 71 -36.01 -3.50 60.62
N HIS E 72 -36.35 -4.67 61.16
CA HIS E 72 -35.49 -5.38 62.09
C HIS E 72 -34.18 -5.77 61.42
N HIS E 73 -34.27 -6.23 60.19
CA HIS E 73 -33.12 -6.76 59.47
C HIS E 73 -32.04 -5.68 59.25
N ILE E 74 -32.46 -4.49 58.82
CA ILE E 74 -31.51 -3.39 58.55
C ILE E 74 -30.90 -2.79 59.82
N ILE E 75 -31.67 -2.75 60.90
CA ILE E 75 -31.19 -2.20 62.16
C ILE E 75 -30.14 -3.11 62.79
N HIS E 76 -30.50 -4.37 63.01
CA HIS E 76 -29.60 -5.35 63.63
C HIS E 76 -28.34 -5.63 62.79
N ASP E 77 -28.43 -5.48 61.47
CA ASP E 77 -27.26 -5.66 60.60
C ASP E 77 -26.33 -4.44 60.61
N PHE E 78 -26.91 -3.24 60.61
CA PHE E 78 -26.14 -1.99 60.50
C PHE E 78 -25.60 -1.54 61.86
N GLN E 79 -26.32 -1.86 62.94
CA GLN E 79 -25.94 -1.49 64.30
C GLN E 79 -25.80 0.03 64.46
N PRO E 80 -26.88 0.77 64.19
CA PRO E 80 -26.86 2.23 64.23
C PRO E 80 -26.83 2.82 65.64
N HIS E 81 -25.87 3.70 65.90
CA HIS E 81 -25.79 4.41 67.18
C HIS E 81 -26.88 5.48 67.28
N VAL E 82 -27.29 6.01 66.12
CA VAL E 82 -28.35 7.03 66.03
C VAL E 82 -29.34 6.66 64.92
N ILE E 83 -30.61 6.98 65.13
CA ILE E 83 -31.62 6.80 64.09
C ILE E 83 -32.49 8.06 63.94
N VAL E 84 -32.46 8.70 62.78
CA VAL E 84 -33.31 9.86 62.55
C VAL E 84 -34.52 9.45 61.71
N HIS E 85 -35.71 9.57 62.31
CA HIS E 85 -36.95 9.12 61.71
C HIS E 85 -37.66 10.29 61.05
N CYS E 86 -37.39 10.48 59.76
CA CYS E 86 -37.92 11.60 58.96
C CYS E 86 -39.14 11.25 58.12
N ALA E 87 -39.45 9.96 58.01
CA ALA E 87 -40.52 9.49 57.14
C ALA E 87 -41.87 9.61 57.84
N ALA E 88 -42.86 10.07 57.11
CA ALA E 88 -44.21 10.22 57.64
C ALA E 88 -45.15 10.70 56.54
N GLU E 89 -46.44 10.72 56.83
CA GLU E 89 -47.40 11.42 55.98
C GLU E 89 -47.55 12.85 56.52
N ARG E 90 -46.96 13.82 55.81
CA ARG E 90 -46.91 15.22 56.29
C ARG E 90 -47.92 16.17 55.63
N ARG E 91 -48.65 15.70 54.61
CA ARG E 91 -49.69 16.52 53.97
C ARG E 91 -51.01 16.30 54.71
N PRO E 92 -51.50 17.34 55.40
CA PRO E 92 -52.68 17.20 56.27
C PRO E 92 -53.96 16.90 55.51
N ASP E 93 -54.07 17.41 54.29
CA ASP E 93 -55.22 17.10 53.42
C ASP E 93 -55.30 15.61 53.08
N VAL E 94 -54.14 14.97 52.96
CA VAL E 94 -54.06 13.53 52.66
C VAL E 94 -54.32 12.65 53.90
N VAL E 95 -53.97 13.15 55.08
CA VAL E 95 -54.22 12.41 56.32
C VAL E 95 -55.73 12.32 56.55
N GLU E 96 -56.44 13.41 56.27
CA GLU E 96 -57.90 13.44 56.37
C GLU E 96 -58.53 12.45 55.39
N ASN E 97 -57.92 12.33 54.21
CA ASN E 97 -58.36 11.37 53.20
C ASN E 97 -57.96 9.91 53.51
N GLN E 98 -56.89 9.73 54.29
CA GLN E 98 -56.30 8.40 54.50
C GLN E 98 -56.03 8.03 55.97
N PRO E 99 -57.04 8.18 56.84
CA PRO E 99 -56.91 7.97 58.29
C PRO E 99 -56.02 6.79 58.75
N ASP E 100 -56.36 5.57 58.34
CA ASP E 100 -55.67 4.39 58.90
C ASP E 100 -54.27 4.18 58.35
N ALA E 101 -54.06 4.49 57.08
CA ALA E 101 -52.71 4.39 56.49
C ALA E 101 -51.79 5.42 57.15
N ALA E 102 -52.27 6.66 57.29
CA ALA E 102 -51.49 7.73 57.90
C ALA E 102 -51.08 7.43 59.34
N SER E 103 -52.02 6.99 60.17
CA SER E 103 -51.75 6.72 61.57
C SER E 103 -51.04 5.38 61.80
N GLN E 104 -50.97 4.56 60.77
CA GLN E 104 -50.16 3.35 60.80
C GLN E 104 -48.69 3.71 60.55
N LEU E 105 -48.48 4.65 59.62
CA LEU E 105 -47.14 5.11 59.25
C LEU E 105 -46.56 6.04 60.31
N ASN E 106 -47.36 7.02 60.71
CA ASN E 106 -46.91 8.06 61.63
C ASN E 106 -46.81 7.56 63.07
N VAL E 107 -47.68 6.62 63.47
CA VAL E 107 -47.69 6.11 64.84
C VAL E 107 -47.07 4.72 64.94
N ASP E 108 -47.74 3.73 64.37
CA ASP E 108 -47.36 2.34 64.62
C ASP E 108 -45.94 2.03 64.17
N ALA E 109 -45.58 2.47 62.97
CA ALA E 109 -44.22 2.25 62.44
C ALA E 109 -43.17 3.08 63.16
N SER E 110 -43.57 4.16 63.82
CA SER E 110 -42.67 4.97 64.65
C SER E 110 -42.47 4.29 65.99
N GLY E 111 -43.57 3.82 66.57
CA GLY E 111 -43.49 3.02 67.79
C GLY E 111 -42.61 1.79 67.60
N ASN E 112 -42.84 1.05 66.52
CA ASN E 112 -42.03 -0.13 66.21
C ASN E 112 -40.55 0.21 66.03
N LEU E 113 -40.29 1.36 65.40
CA LEU E 113 -38.94 1.82 65.18
C LEU E 113 -38.24 2.10 66.52
N ALA E 114 -39.01 2.57 67.50
CA ALA E 114 -38.49 2.82 68.83
C ALA E 114 -38.15 1.54 69.59
N LYS E 115 -38.90 0.46 69.33
CA LYS E 115 -38.59 -0.86 69.90
C LYS E 115 -37.19 -1.32 69.50
N GLU E 116 -36.99 -1.48 68.19
CA GLU E 116 -35.72 -1.99 67.65
C GLU E 116 -34.59 -0.98 67.78
N ALA E 117 -34.88 0.21 68.31
CA ALA E 117 -33.84 1.17 68.69
C ALA E 117 -33.30 0.81 70.07
N ALA E 118 -34.22 0.61 71.02
CA ALA E 118 -33.90 0.21 72.39
C ALA E 118 -33.12 -1.10 72.42
N ALA E 119 -33.55 -2.05 71.61
CA ALA E 119 -32.88 -3.34 71.47
C ALA E 119 -31.41 -3.21 71.03
N VAL E 120 -31.09 -2.17 70.27
CA VAL E 120 -29.74 -1.98 69.73
C VAL E 120 -28.97 -0.87 70.46
N GLY E 121 -29.55 -0.31 71.51
CA GLY E 121 -28.94 0.82 72.21
C GLY E 121 -28.80 2.01 71.27
N ALA E 122 -29.86 2.26 70.52
CA ALA E 122 -29.85 3.28 69.48
C ALA E 122 -30.60 4.52 69.94
N PHE E 123 -29.98 5.67 69.71
CA PHE E 123 -30.60 6.97 69.99
C PHE E 123 -31.58 7.32 68.87
N LEU E 124 -32.87 7.29 69.18
CA LEU E 124 -33.89 7.62 68.19
C LEU E 124 -34.26 9.10 68.31
N ILE E 125 -34.12 9.83 67.20
CA ILE E 125 -34.71 11.16 67.05
C ILE E 125 -36.02 11.03 66.25
N TYR E 126 -37.13 11.47 66.85
CA TYR E 126 -38.43 11.48 66.17
C TYR E 126 -38.79 12.89 65.74
N ILE E 127 -39.02 13.07 64.45
CA ILE E 127 -39.37 14.38 63.91
C ILE E 127 -40.88 14.61 64.05
N SER E 128 -41.26 15.54 64.91
CA SER E 128 -42.66 15.89 65.11
C SER E 128 -42.94 17.28 64.52
N SER E 129 -44.08 17.86 64.89
CA SER E 129 -44.62 19.04 64.22
C SER E 129 -45.17 20.08 65.18
N ASP E 130 -45.13 21.34 64.75
CA ASP E 130 -45.75 22.43 65.51
C ASP E 130 -47.27 22.27 65.57
N TYR E 131 -47.83 21.50 64.63
CA TYR E 131 -49.28 21.24 64.55
C TYR E 131 -49.86 20.40 65.69
N VAL E 132 -49.03 19.97 66.63
CA VAL E 132 -49.53 19.36 67.86
C VAL E 132 -50.10 20.41 68.80
N PHE E 133 -49.95 21.68 68.46
CA PHE E 133 -50.57 22.77 69.21
C PHE E 133 -51.74 23.41 68.43
N ASP E 134 -52.57 24.18 69.12
CA ASP E 134 -53.79 24.78 68.55
C ASP E 134 -53.58 26.19 68.00
N GLY E 135 -52.47 26.82 68.35
CA GLY E 135 -52.11 28.12 67.78
C GLY E 135 -52.66 29.34 68.51
N THR E 136 -53.45 29.13 69.57
CA THR E 136 -54.09 30.23 70.28
C THR E 136 -53.21 30.95 71.30
N ASN E 137 -52.17 30.27 71.82
CA ASN E 137 -51.33 30.87 72.86
C ASN E 137 -49.81 30.73 72.62
N PRO E 138 -49.31 31.34 71.55
CA PRO E 138 -47.87 31.34 71.29
C PRO E 138 -47.07 32.27 72.22
N PRO E 139 -45.75 32.06 72.33
CA PRO E 139 -44.98 30.99 71.71
C PRO E 139 -45.04 29.78 72.60
N TYR E 140 -44.82 28.59 72.04
CA TYR E 140 -45.05 27.33 72.76
C TYR E 140 -43.75 26.66 73.22
N ARG E 141 -43.66 26.37 74.51
CA ARG E 141 -42.51 25.70 75.08
C ARG E 141 -42.73 24.19 75.07
N GLU E 142 -41.67 23.43 75.33
CA GLU E 142 -41.71 21.96 75.28
C GLU E 142 -42.78 21.35 76.16
N GLU E 143 -42.89 21.83 77.40
CA GLU E 143 -43.83 21.26 78.38
C GLU E 143 -45.31 21.64 78.16
N ASP E 144 -45.58 22.71 77.40
CA ASP E 144 -46.96 23.15 77.13
C ASP E 144 -47.84 22.03 76.58
N ILE E 145 -49.14 22.06 76.92
CA ILE E 145 -50.06 20.95 76.64
C ILE E 145 -50.47 20.92 75.16
N PRO E 146 -50.28 19.78 74.49
CA PRO E 146 -50.74 19.68 73.11
C PRO E 146 -52.26 19.78 72.98
N ALA E 147 -52.72 20.22 71.82
CA ALA E 147 -54.13 20.30 71.49
C ALA E 147 -54.29 20.43 69.97
N PRO E 148 -54.12 19.30 69.24
CA PRO E 148 -54.23 19.32 67.78
C PRO E 148 -55.61 19.74 67.30
N LEU E 149 -55.67 20.52 66.22
CA LEU E 149 -56.95 20.90 65.59
C LEU E 149 -57.26 20.02 64.40
N ASN E 150 -56.24 19.34 63.89
CA ASN E 150 -56.37 18.48 62.72
C ASN E 150 -55.82 17.09 62.96
N LEU E 151 -56.13 16.19 62.05
CA LEU E 151 -55.78 14.78 62.18
C LEU E 151 -54.26 14.55 62.10
N TYR E 152 -53.59 15.37 61.30
CA TYR E 152 -52.14 15.30 61.15
C TYR E 152 -51.48 15.61 62.49
N GLY E 153 -51.95 16.67 63.12
CA GLY E 153 -51.50 17.04 64.46
C GLY E 153 -51.64 15.86 65.40
N LYS E 154 -52.83 15.28 65.43
CA LYS E 154 -53.12 14.14 66.30
C LYS E 154 -52.16 12.99 66.07
N THR E 155 -51.85 12.70 64.81
CA THR E 155 -50.98 11.57 64.47
C THR E 155 -49.51 11.81 64.85
N LYS E 156 -49.00 13.01 64.58
CA LYS E 156 -47.64 13.37 65.00
C LYS E 156 -47.53 13.38 66.53
N LEU E 157 -48.62 13.73 67.21
CA LEU E 157 -48.68 13.69 68.67
C LEU E 157 -48.61 12.25 69.15
N ASP E 158 -49.48 11.40 68.59
CA ASP E 158 -49.49 9.99 68.94
C ASP E 158 -48.13 9.34 68.74
N GLY E 159 -47.45 9.74 67.66
CA GLY E 159 -46.13 9.23 67.37
C GLY E 159 -45.17 9.44 68.52
N GLU E 160 -45.13 10.66 69.02
CA GLU E 160 -44.26 11.01 70.15
C GLU E 160 -44.48 10.03 71.28
N LYS E 161 -45.74 9.87 71.68
CA LYS E 161 -46.09 8.96 72.77
C LYS E 161 -45.76 7.52 72.42
N ALA E 162 -46.09 7.12 71.19
CA ALA E 162 -45.78 5.76 70.72
C ALA E 162 -44.28 5.49 70.84
N VAL E 163 -43.47 6.53 70.62
CA VAL E 163 -42.02 6.43 70.64
C VAL E 163 -41.46 6.45 72.06
N LEU E 164 -41.86 7.45 72.85
CA LEU E 164 -41.34 7.62 74.19
C LEU E 164 -41.72 6.46 75.13
N GLU E 165 -42.89 5.87 74.91
CA GLU E 165 -43.34 4.69 75.67
C GLU E 165 -42.43 3.51 75.41
N ASN E 166 -42.19 3.24 74.13
CA ASN E 166 -41.37 2.12 73.70
C ASN E 166 -39.85 2.40 73.77
N ASN E 167 -39.46 3.59 74.23
CA ASN E 167 -38.05 3.96 74.33
C ASN E 167 -37.84 5.13 75.27
N LEU E 168 -37.35 4.84 76.48
CA LEU E 168 -37.23 5.84 77.53
C LEU E 168 -35.92 6.66 77.47
N GLY E 169 -35.18 6.54 76.37
CA GLY E 169 -34.02 7.41 76.10
C GLY E 169 -34.10 8.17 74.79
N ALA E 170 -35.23 8.05 74.09
CA ALA E 170 -35.41 8.68 72.79
C ALA E 170 -35.59 10.18 72.91
N ALA E 171 -35.57 10.86 71.75
CA ALA E 171 -35.78 12.31 71.69
C ALA E 171 -36.87 12.68 70.68
N VAL E 172 -37.57 13.77 70.96
CA VAL E 172 -38.57 14.32 70.04
C VAL E 172 -38.08 15.69 69.58
N LEU E 173 -38.07 15.90 68.26
CA LEU E 173 -37.66 17.19 67.70
C LEU E 173 -38.81 17.81 66.93
N ARG E 174 -39.42 18.86 67.51
CA ARG E 174 -40.58 19.52 66.90
C ARG E 174 -40.12 20.61 65.94
N ILE E 175 -40.76 20.63 64.76
CA ILE E 175 -40.30 21.40 63.62
C ILE E 175 -41.50 22.04 62.90
N PRO E 176 -41.36 23.29 62.42
CA PRO E 176 -42.48 23.95 61.73
C PRO E 176 -42.53 23.62 60.23
N ILE E 177 -43.07 24.53 59.42
CA ILE E 177 -43.17 24.32 57.97
C ILE E 177 -41.79 24.33 57.30
N LEU E 178 -41.54 23.29 56.50
CA LEU E 178 -40.23 23.06 55.91
C LEU E 178 -40.10 23.54 54.45
N TYR E 179 -38.94 24.14 54.14
CA TYR E 179 -38.50 24.33 52.77
C TYR E 179 -37.04 23.88 52.66
N GLY E 180 -36.55 23.78 51.42
CA GLY E 180 -35.19 23.32 51.15
C GLY E 180 -34.98 23.16 49.67
N GLU E 181 -33.85 22.57 49.29
CA GLU E 181 -33.46 22.44 47.88
C GLU E 181 -34.23 21.29 47.26
N VAL E 182 -35.50 21.57 46.92
CA VAL E 182 -36.43 20.57 46.43
C VAL E 182 -36.14 20.04 45.02
N GLU E 183 -36.67 18.85 44.74
CA GLU E 183 -36.59 18.22 43.43
C GLU E 183 -37.88 18.46 42.66
N LYS E 184 -39.01 18.57 43.37
CA LYS E 184 -40.27 19.03 42.81
C LYS E 184 -40.79 20.16 43.67
N LEU E 185 -41.39 21.18 43.04
CA LEU E 185 -42.00 22.29 43.79
C LEU E 185 -43.05 21.86 44.82
N GLU E 186 -43.70 20.72 44.57
CA GLU E 186 -44.79 20.22 45.44
C GLU E 186 -44.29 19.54 46.71
N GLU E 187 -42.98 19.35 46.84
CA GLU E 187 -42.39 18.78 48.05
C GLU E 187 -42.58 19.64 49.30
N SER E 188 -42.60 20.95 49.13
CA SER E 188 -42.76 21.87 50.25
C SER E 188 -43.92 22.81 50.00
N ALA E 189 -44.66 23.10 51.07
CA ALA E 189 -45.80 24.02 51.00
C ALA E 189 -45.34 25.45 50.86
N VAL E 190 -44.04 25.69 51.03
CA VAL E 190 -43.44 26.99 50.76
C VAL E 190 -43.16 27.11 49.28
N THR E 191 -42.51 26.12 48.70
CA THR E 191 -42.05 26.17 47.33
C THR E 191 -43.17 26.12 46.30
N VAL E 192 -44.27 25.40 46.60
CA VAL E 192 -45.41 25.28 45.65
C VAL E 192 -45.92 26.62 45.12
N MET E 193 -45.83 27.66 45.95
CA MET E 193 -46.27 28.99 45.57
C MET E 193 -45.46 29.62 44.43
N PHE E 194 -44.40 28.96 43.97
CA PHE E 194 -43.40 29.64 43.17
C PHE E 194 -43.90 30.04 41.79
N ASP E 195 -44.74 29.21 41.18
CA ASP E 195 -45.28 29.54 39.86
C ASP E 195 -46.26 30.70 39.94
N LYS E 196 -46.96 30.80 41.07
CA LYS E 196 -47.85 31.93 41.30
C LYS E 196 -47.08 33.24 41.56
N VAL E 197 -45.81 33.14 41.95
CA VAL E 197 -44.95 34.32 42.11
C VAL E 197 -44.41 34.79 40.76
N GLN E 198 -44.10 33.82 39.90
CA GLN E 198 -43.43 34.10 38.64
C GLN E 198 -44.39 34.67 37.61
N PHE E 199 -45.56 34.07 37.50
CA PHE E 199 -46.59 34.56 36.59
C PHE E 199 -47.15 35.87 37.12
N SER E 200 -46.49 36.96 36.75
CA SER E 200 -46.89 38.31 37.10
C SER E 200 -48.15 38.76 36.33
N ASN E 201 -48.48 38.03 35.26
CA ASN E 201 -49.65 38.31 34.41
C ASN E 201 -50.99 38.04 35.08
N LYS E 202 -51.13 36.85 35.68
CA LYS E 202 -52.35 36.50 36.41
C LYS E 202 -52.24 36.97 37.84
N SER E 203 -53.36 36.94 38.55
CA SER E 203 -53.39 37.27 39.98
C SER E 203 -53.56 35.98 40.76
N ALA E 204 -53.21 36.02 42.05
CA ALA E 204 -53.26 34.85 42.92
C ALA E 204 -53.58 35.26 44.36
N ASN E 205 -54.48 34.48 44.98
CA ASN E 205 -54.91 34.75 46.35
C ASN E 205 -54.01 34.05 47.34
N MET E 206 -53.30 34.83 48.14
CA MET E 206 -52.37 34.31 49.12
C MET E 206 -52.90 34.47 50.55
N ASP E 207 -52.95 33.36 51.28
CA ASP E 207 -53.32 33.38 52.70
C ASP E 207 -52.47 34.41 53.43
N HIS E 208 -53.15 35.34 54.11
CA HIS E 208 -52.48 36.32 54.95
C HIS E 208 -53.02 36.28 56.38
N TRP E 209 -53.49 35.10 56.80
CA TRP E 209 -54.06 34.89 58.13
C TRP E 209 -53.15 34.03 59.03
N GLN E 210 -52.82 32.82 58.58
CA GLN E 210 -52.03 31.88 59.39
C GLN E 210 -50.56 32.30 59.55
N GLN E 211 -50.04 32.21 60.77
CA GLN E 211 -48.68 32.65 61.10
C GLN E 211 -47.68 31.50 61.08
N ARG E 212 -46.74 31.55 60.15
CA ARG E 212 -45.81 30.45 59.92
C ARG E 212 -44.38 30.88 60.14
N PHE E 213 -43.51 29.90 60.37
CA PHE E 213 -42.08 30.14 60.50
C PHE E 213 -41.32 29.19 59.59
N PRO E 214 -41.04 29.64 58.35
CA PRO E 214 -40.38 28.74 57.42
C PRO E 214 -39.02 28.34 57.97
N THR E 215 -38.79 27.04 58.05
CA THR E 215 -37.57 26.49 58.62
C THR E 215 -36.85 25.63 57.59
N HIS E 216 -35.59 25.96 57.30
CA HIS E 216 -34.79 25.23 56.32
C HIS E 216 -34.43 23.84 56.87
N VAL E 217 -34.61 22.82 56.03
CA VAL E 217 -34.32 21.44 56.41
C VAL E 217 -32.85 21.14 56.74
N LYS E 218 -31.91 21.84 56.10
CA LYS E 218 -30.49 21.67 56.39
C LYS E 218 -30.13 22.27 57.75
N ASP E 219 -30.83 23.31 58.17
CA ASP E 219 -30.70 23.77 59.55
C ASP E 219 -31.18 22.63 60.48
N VAL E 220 -32.32 22.03 60.16
CA VAL E 220 -32.85 20.93 60.95
C VAL E 220 -31.86 19.75 60.94
N ALA E 221 -31.33 19.45 59.77
CA ALA E 221 -30.27 18.46 59.62
C ALA E 221 -29.12 18.77 60.58
N THR E 222 -28.61 19.99 60.55
CA THR E 222 -27.54 20.42 61.45
C THR E 222 -27.92 20.20 62.93
N VAL E 223 -29.10 20.67 63.34
CA VAL E 223 -29.54 20.51 64.73
C VAL E 223 -29.58 19.02 65.08
N CYS E 224 -30.12 18.21 64.17
CA CYS E 224 -30.17 16.77 64.38
C CYS E 224 -28.78 16.18 64.65
N ARG E 225 -27.78 16.68 63.92
CA ARG E 225 -26.41 16.19 64.12
C ARG E 225 -25.84 16.64 65.46
N GLN E 226 -25.96 17.94 65.76
CA GLN E 226 -25.43 18.51 67.01
C GLN E 226 -25.98 17.81 68.23
N LEU E 227 -27.26 17.49 68.17
CA LEU E 227 -27.99 16.82 69.24
C LEU E 227 -27.52 15.37 69.36
N ALA E 228 -27.36 14.71 68.22
CA ALA E 228 -26.85 13.34 68.17
C ALA E 228 -25.45 13.25 68.77
N GLU E 229 -24.55 14.11 68.33
CA GLU E 229 -23.17 14.11 68.83
C GLU E 229 -23.05 14.41 70.34
N LYS E 230 -23.93 15.26 70.84
CA LYS E 230 -23.96 15.57 72.27
C LYS E 230 -24.46 14.38 73.11
N ARG E 231 -25.46 13.67 72.60
CA ARG E 231 -26.00 12.48 73.30
C ARG E 231 -24.96 11.36 73.36
N MET E 232 -24.08 11.30 72.36
CA MET E 232 -22.97 10.34 72.36
C MET E 232 -22.05 10.53 73.59
N LEU E 233 -22.08 11.71 74.21
CA LEU E 233 -21.30 11.98 75.42
C LEU E 233 -22.19 12.11 76.66
N ASP E 234 -23.24 12.91 76.55
CA ASP E 234 -24.09 13.28 77.66
C ASP E 234 -25.41 12.47 77.62
N PRO E 235 -25.52 11.41 78.43
CA PRO E 235 -26.74 10.59 78.37
C PRO E 235 -28.00 11.27 78.94
N SER E 236 -27.86 12.46 79.53
CA SER E 236 -29.02 13.22 79.99
C SER E 236 -29.86 13.74 78.81
N ILE E 237 -29.21 13.89 77.65
CA ILE E 237 -29.84 14.33 76.41
C ILE E 237 -30.96 13.37 75.97
N LYS E 238 -32.21 13.76 76.27
CA LYS E 238 -33.41 13.02 75.85
C LYS E 238 -34.68 13.80 76.22
N GLY E 239 -35.83 13.36 75.71
CA GLY E 239 -37.09 14.06 75.92
C GLY E 239 -37.50 14.87 74.70
N THR E 240 -38.18 15.98 74.92
CA THR E 240 -38.74 16.77 73.82
C THR E 240 -37.94 18.05 73.61
N PHE E 241 -37.82 18.45 72.35
CA PHE E 241 -37.09 19.66 71.94
C PHE E 241 -37.78 20.34 70.75
N HIS E 242 -37.77 21.66 70.74
CA HIS E 242 -38.27 22.43 69.59
C HIS E 242 -37.15 23.09 68.82
N TRP E 243 -37.25 23.03 67.49
CA TRP E 243 -36.46 23.91 66.64
C TRP E 243 -37.32 24.63 65.60
N SER E 244 -36.92 25.86 65.28
CA SER E 244 -37.65 26.67 64.33
C SER E 244 -36.76 27.78 63.84
N GLY E 245 -37.00 28.18 62.59
CA GLY E 245 -36.48 29.44 62.08
C GLY E 245 -37.21 30.54 62.80
N ASN E 246 -36.69 31.75 62.75
CA ASN E 246 -37.20 32.81 63.61
C ASN E 246 -37.83 33.96 62.83
N GLU E 247 -38.09 33.75 61.55
CA GLU E 247 -38.73 34.75 60.70
C GLU E 247 -40.20 34.40 60.57
N GLN E 248 -41.08 35.23 61.13
CA GLN E 248 -42.51 35.00 61.08
C GLN E 248 -43.13 35.46 59.76
N MET E 249 -43.93 34.60 59.14
CA MET E 249 -44.51 34.94 57.84
C MET E 249 -45.82 34.21 57.61
N THR E 250 -46.75 34.90 56.97
CA THR E 250 -47.89 34.22 56.35
C THR E 250 -47.40 33.80 54.98
N LYS E 251 -48.20 33.01 54.28
CA LYS E 251 -47.83 32.61 52.92
C LYS E 251 -47.70 33.84 52.03
N TYR E 252 -48.66 34.77 52.13
CA TYR E 252 -48.58 36.01 51.36
C TYR E 252 -47.23 36.69 51.53
N GLU E 253 -46.77 36.76 52.78
CA GLU E 253 -45.49 37.38 53.07
C GLU E 253 -44.37 36.55 52.48
N MET E 254 -44.41 35.23 52.69
CA MET E 254 -43.44 34.32 52.07
C MET E 254 -43.37 34.51 50.56
N ALA E 255 -44.52 34.61 49.93
CA ALA E 255 -44.62 34.79 48.48
C ALA E 255 -43.97 36.09 48.03
N CYS E 256 -44.14 37.16 48.81
CA CYS E 256 -43.51 38.43 48.45
C CYS E 256 -42.00 38.41 48.72
N ALA E 257 -41.57 37.67 49.74
CA ALA E 257 -40.14 37.56 50.06
C ALA E 257 -39.39 36.82 48.94
N ILE E 258 -40.10 35.86 48.33
CA ILE E 258 -39.59 35.12 47.19
C ILE E 258 -39.44 36.02 45.96
N ALA E 259 -40.48 36.81 45.69
CA ALA E 259 -40.43 37.78 44.60
C ALA E 259 -39.24 38.73 44.75
N ASP E 260 -39.00 39.24 45.95
CA ASP E 260 -37.85 40.13 46.17
C ASP E 260 -36.53 39.39 46.00
N ALA E 261 -36.47 38.17 46.51
CA ALA E 261 -35.26 37.35 46.40
C ALA E 261 -34.87 37.08 44.94
N PHE E 262 -35.88 36.92 44.09
CA PHE E 262 -35.62 36.67 42.67
C PHE E 262 -35.84 37.89 41.77
N ASN E 263 -35.90 39.08 42.37
CA ASN E 263 -36.13 40.33 41.62
C ASN E 263 -37.32 40.25 40.65
N LEU E 264 -38.46 39.80 41.17
CA LEU E 264 -39.70 39.71 40.40
C LEU E 264 -40.75 40.62 41.02
N PRO E 265 -41.74 41.07 40.22
CA PRO E 265 -42.79 41.91 40.79
C PRO E 265 -43.73 41.08 41.66
N SER E 266 -44.30 41.69 42.69
CA SER E 266 -45.17 40.99 43.65
C SER E 266 -46.55 41.62 43.82
N SER E 267 -46.85 42.64 43.02
CA SER E 267 -48.10 43.39 43.14
C SER E 267 -49.34 42.59 42.73
N HIS E 268 -49.13 41.53 41.96
CA HIS E 268 -50.23 40.68 41.48
C HIS E 268 -50.74 39.70 42.55
N LEU E 269 -50.07 39.64 43.70
CA LEU E 269 -50.47 38.74 44.76
C LEU E 269 -51.48 39.43 45.67
N ARG E 270 -52.74 38.97 45.61
CA ARG E 270 -53.78 39.55 46.46
C ARG E 270 -53.82 38.87 47.85
N PRO E 271 -53.49 39.60 48.92
CA PRO E 271 -53.61 39.04 50.28
C PRO E 271 -55.05 38.75 50.67
N ILE E 272 -55.24 37.79 51.57
CA ILE E 272 -56.57 37.49 52.09
C ILE E 272 -56.50 37.21 53.60
N THR E 273 -57.14 38.08 54.38
CA THR E 273 -56.99 38.08 55.84
C THR E 273 -57.97 37.18 56.61
N ASP E 274 -58.89 36.52 55.91
CA ASP E 274 -59.87 35.62 56.53
C ASP E 274 -59.29 34.21 56.74
N SER E 275 -60.06 33.34 57.38
CA SER E 275 -59.65 31.95 57.60
C SER E 275 -60.60 31.01 56.85
N PRO E 276 -60.13 30.39 55.75
CA PRO E 276 -61.01 29.62 54.87
C PRO E 276 -61.32 28.20 55.36
N VAL E 277 -62.37 28.08 56.18
CA VAL E 277 -62.81 26.78 56.73
C VAL E 277 -61.71 26.13 57.60
N LEU E 278 -61.18 26.91 58.54
CA LEU E 278 -60.08 26.49 59.41
C LEU E 278 -60.38 26.83 60.87
N GLN E 281 -59.40 24.11 62.04
CA GLN E 281 -58.59 22.98 61.57
C GLN E 281 -57.09 23.29 61.56
N ARG E 282 -56.74 24.54 61.25
CA ARG E 282 -55.34 24.98 61.24
C ARG E 282 -55.02 25.86 62.46
N PRO E 283 -53.84 25.66 63.10
CA PRO E 283 -53.41 26.53 64.19
C PRO E 283 -52.92 27.88 63.68
N ARG E 284 -53.45 28.96 64.24
CA ARG E 284 -53.23 30.28 63.69
C ARG E 284 -51.79 30.70 63.88
N ASN E 285 -51.22 30.35 65.03
CA ASN E 285 -49.82 30.67 65.31
C ASN E 285 -49.28 29.69 66.34
N ALA E 286 -48.89 28.50 65.87
CA ALA E 286 -48.25 27.50 66.72
C ALA E 286 -46.74 27.73 66.82
N GLN E 287 -46.33 28.96 67.16
CA GLN E 287 -44.91 29.29 67.24
C GLN E 287 -44.23 28.49 68.34
N LEU E 288 -43.14 27.83 67.98
CA LEU E 288 -42.33 27.07 68.91
C LEU E 288 -41.27 27.96 69.55
N ASP E 289 -41.10 27.81 70.86
CA ASP E 289 -40.04 28.45 71.62
C ASP E 289 -38.87 27.47 71.62
N CYS E 290 -37.69 27.93 71.21
CA CYS E 290 -36.53 27.06 71.11
C CYS E 290 -35.49 27.35 72.17
N SER E 291 -35.91 27.88 73.31
CA SER E 291 -34.97 28.26 74.37
C SER E 291 -34.19 27.06 74.86
N LYS E 292 -34.87 25.92 74.95
CA LYS E 292 -34.26 24.70 75.46
C LYS E 292 -33.00 24.36 74.65
N LEU E 293 -33.16 24.20 73.35
CA LEU E 293 -32.02 23.87 72.46
C LEU E 293 -31.01 24.99 72.32
N GLU E 294 -31.44 26.24 72.48
CA GLU E 294 -30.50 27.36 72.47
C GLU E 294 -29.65 27.37 73.75
N THR E 295 -30.25 26.93 74.86
CA THR E 295 -29.53 26.78 76.13
C THR E 295 -28.36 25.81 75.99
N LEU E 296 -28.56 24.73 75.22
CA LEU E 296 -27.51 23.74 74.97
C LEU E 296 -26.49 24.18 73.90
N GLY E 297 -26.63 25.41 73.40
CA GLY E 297 -25.74 25.93 72.36
C GLY E 297 -25.94 25.27 71.00
N ILE E 298 -27.14 24.76 70.79
CA ILE E 298 -27.51 24.04 69.58
C ILE E 298 -28.40 24.95 68.72
N GLY E 299 -28.22 24.87 67.41
CA GLY E 299 -29.03 25.66 66.49
C GLY E 299 -28.26 26.09 65.26
N GLN E 300 -29.00 26.20 64.14
CA GLN E 300 -28.53 26.84 62.90
C GLN E 300 -29.71 27.61 62.31
N ARG E 301 -29.44 28.82 61.81
CA ARG E 301 -30.52 29.65 61.24
C ARG E 301 -30.08 30.41 59.99
N THR E 302 -30.30 29.79 58.83
CA THR E 302 -30.00 30.41 57.55
C THR E 302 -31.11 31.40 57.23
N PRO E 303 -30.74 32.62 56.81
CA PRO E 303 -31.76 33.60 56.39
C PRO E 303 -32.68 33.05 55.31
N PHE E 304 -33.98 33.29 55.44
CA PHE E 304 -34.96 32.85 54.44
C PHE E 304 -34.59 33.34 53.04
N ARG E 305 -34.30 34.62 52.89
CA ARG E 305 -34.00 35.19 51.57
C ARG E 305 -32.87 34.45 50.88
N ILE E 306 -31.88 34.02 51.65
CA ILE E 306 -30.78 33.25 51.10
C ILE E 306 -31.23 31.82 50.79
N GLY E 307 -31.87 31.17 51.76
CA GLY E 307 -32.27 29.77 51.62
C GLY E 307 -33.19 29.51 50.44
N ILE E 308 -34.26 30.30 50.36
CA ILE E 308 -35.26 30.12 49.32
C ILE E 308 -34.70 30.47 47.94
N LYS E 309 -33.70 31.34 47.89
CA LYS E 309 -33.01 31.68 46.64
C LYS E 309 -32.13 30.51 46.21
N GLU E 310 -31.41 29.90 47.15
CA GLU E 310 -30.62 28.70 46.88
C GLU E 310 -31.55 27.55 46.45
N SER E 311 -32.72 27.51 47.08
CA SER E 311 -33.68 26.42 46.92
C SER E 311 -34.48 26.42 45.61
N LEU E 312 -34.82 27.60 45.07
CA LEU E 312 -35.80 27.71 43.97
C LEU E 312 -35.26 28.10 42.59
N TRP E 313 -34.03 28.61 42.52
CA TRP E 313 -33.47 29.00 41.22
C TRP E 313 -33.65 27.93 40.14
N PRO E 314 -33.49 26.63 40.49
CA PRO E 314 -33.69 25.59 39.44
C PRO E 314 -35.10 25.53 38.83
N PHE E 315 -36.06 26.22 39.43
CA PHE E 315 -37.44 26.19 38.96
C PHE E 315 -37.86 27.55 38.36
N LEU E 316 -36.89 28.38 37.99
CA LEU E 316 -37.21 29.57 37.20
C LEU E 316 -37.72 29.12 35.84
N ILE E 317 -38.57 29.92 35.21
CA ILE E 317 -39.21 29.53 33.96
C ILE E 317 -38.12 29.44 32.90
N ASP E 318 -37.20 30.41 32.95
CA ASP E 318 -36.06 30.49 32.03
C ASP E 318 -35.13 29.29 32.12
N LYS E 319 -34.96 28.75 33.32
CA LYS E 319 -34.11 27.59 33.52
C LYS E 319 -34.88 26.35 33.09
N ARG E 320 -36.12 26.25 33.58
CA ARG E 320 -37.03 25.14 33.27
C ARG E 320 -37.06 24.84 31.76
N TRP E 321 -37.14 25.89 30.95
CA TRP E 321 -37.19 25.76 29.48
C TRP E 321 -35.93 25.12 28.91
N ARG E 322 -34.82 25.23 29.63
CA ARG E 322 -33.53 24.66 29.21
C ARG E 322 -33.24 23.27 29.77
N GLN E 323 -34.13 22.76 30.62
CA GLN E 323 -33.86 21.51 31.34
C GLN E 323 -34.32 20.29 30.56
N THR E 324 -33.76 20.17 29.35
CA THR E 324 -34.00 19.06 28.43
C THR E 324 -32.74 18.21 28.38
N VAL E 325 -32.83 17.00 27.83
CA VAL E 325 -31.70 16.07 27.85
C VAL E 325 -30.65 16.43 26.79
N PHE E 326 -31.11 16.90 25.63
CA PHE E 326 -30.21 17.40 24.58
C PHE E 326 -30.45 18.88 24.28
N HIS E 327 -29.43 19.51 23.73
CA HIS E 327 -29.51 20.89 23.28
C HIS E 327 -30.41 20.99 22.05
N VAL F 24 44.75 5.20 -52.61
CA VAL F 24 44.94 3.86 -51.96
C VAL F 24 43.76 2.94 -52.26
N LEU F 25 43.66 2.51 -53.51
CA LEU F 25 42.56 1.65 -53.94
C LEU F 25 43.09 0.24 -54.14
N VAL F 26 42.37 -0.74 -53.59
CA VAL F 26 42.74 -2.15 -53.73
C VAL F 26 41.58 -2.94 -54.34
N THR F 27 41.84 -3.64 -55.43
CA THR F 27 40.83 -4.51 -56.02
C THR F 27 40.99 -5.90 -55.43
N GLY F 28 39.99 -6.74 -55.62
CA GLY F 28 39.96 -8.07 -55.01
C GLY F 28 40.23 -8.01 -53.51
N ALA F 29 39.80 -6.91 -52.89
CA ALA F 29 40.05 -6.66 -51.47
C ALA F 29 39.34 -7.64 -50.53
N THR F 30 38.33 -8.35 -51.05
CA THR F 30 37.66 -9.40 -50.30
C THR F 30 38.42 -10.73 -50.37
N GLY F 31 39.34 -10.85 -51.32
CA GLY F 31 40.15 -12.06 -51.48
C GLY F 31 41.31 -12.14 -50.51
N LEU F 32 41.90 -13.32 -50.38
CA LEU F 32 42.99 -13.57 -49.42
C LEU F 32 44.09 -12.52 -49.54
N LEU F 33 44.55 -12.35 -50.78
CA LEU F 33 45.59 -11.40 -51.13
C LEU F 33 45.18 -9.96 -50.85
N GLY F 34 44.01 -9.55 -51.36
CA GLY F 34 43.53 -8.17 -51.22
C GLY F 34 43.29 -7.71 -49.80
N ARG F 35 42.78 -8.61 -48.95
CA ARG F 35 42.60 -8.30 -47.53
C ARG F 35 43.94 -8.06 -46.87
N ALA F 36 44.97 -8.76 -47.35
CA ALA F 36 46.33 -8.60 -46.85
C ALA F 36 46.89 -7.24 -47.23
N VAL F 37 46.73 -6.88 -48.50
CA VAL F 37 47.17 -5.59 -49.02
C VAL F 37 46.53 -4.45 -48.22
N HIS F 38 45.20 -4.35 -48.28
CA HIS F 38 44.47 -3.27 -47.59
C HIS F 38 44.86 -3.11 -46.11
N LYS F 39 44.93 -4.23 -45.41
CA LYS F 39 45.39 -4.26 -44.02
C LYS F 39 46.73 -3.56 -43.91
N GLU F 40 47.68 -3.95 -44.75
CA GLU F 40 49.08 -3.51 -44.65
C GLU F 40 49.25 -2.01 -44.86
N PHE F 41 48.52 -1.46 -45.82
CA PHE F 41 48.53 -0.01 -46.05
C PHE F 41 47.91 0.72 -44.88
N GLN F 42 46.66 0.40 -44.59
CA GLN F 42 45.85 1.16 -43.62
C GLN F 42 46.47 1.28 -42.22
N GLN F 43 47.13 0.22 -41.76
CA GLN F 43 47.78 0.23 -40.44
C GLN F 43 49.00 1.15 -40.39
N ASN F 44 49.65 1.34 -41.53
CA ASN F 44 50.89 2.13 -41.59
C ASN F 44 50.77 3.38 -42.48
N ASN F 45 50.03 4.39 -41.98
CA ASN F 45 50.01 5.75 -42.54
C ASN F 45 49.40 5.92 -43.94
N TRP F 46 48.32 5.20 -44.21
CA TRP F 46 47.53 5.41 -45.42
C TRP F 46 46.04 5.40 -45.11
N HIS F 47 45.27 6.18 -45.87
CA HIS F 47 43.82 6.12 -45.84
C HIS F 47 43.39 5.13 -46.92
N ALA F 48 43.20 3.87 -46.52
CA ALA F 48 43.02 2.75 -47.46
C ALA F 48 41.55 2.45 -47.74
N VAL F 49 41.24 2.12 -49.01
CA VAL F 49 39.87 1.82 -49.42
C VAL F 49 39.87 0.68 -50.44
N GLY F 50 39.37 -0.48 -50.03
CA GLY F 50 39.33 -1.66 -50.88
C GLY F 50 37.99 -1.84 -51.57
N CYS F 51 37.94 -2.75 -52.54
CA CYS F 51 36.69 -3.09 -53.23
C CYS F 51 36.71 -4.51 -53.78
N GLY F 52 35.55 -4.96 -54.24
CA GLY F 52 35.39 -6.28 -54.83
C GLY F 52 33.96 -6.46 -55.32
N PHE F 53 33.74 -7.46 -56.17
CA PHE F 53 32.40 -7.73 -56.72
C PHE F 53 31.50 -8.41 -55.69
N ARG F 54 31.89 -9.62 -55.30
CA ARG F 54 31.07 -10.47 -54.42
C ARG F 54 31.24 -10.06 -52.95
N ARG F 55 30.14 -9.61 -52.34
CA ARG F 55 30.04 -9.42 -50.89
C ARG F 55 31.15 -8.52 -50.34
N ALA F 56 31.18 -7.28 -50.84
CA ALA F 56 32.23 -6.33 -50.48
C ALA F 56 31.89 -5.56 -49.22
N ARG F 57 30.68 -4.98 -49.17
CA ARG F 57 30.19 -4.33 -47.94
C ARG F 57 29.99 -5.40 -46.86
N PRO F 58 30.18 -5.05 -45.59
CA PRO F 58 30.34 -3.69 -45.02
C PRO F 58 31.76 -3.09 -45.00
N LYS F 59 32.81 -3.89 -45.13
CA LYS F 59 34.18 -3.38 -44.91
C LYS F 59 34.83 -2.70 -46.13
N PHE F 60 34.23 -2.85 -47.31
CA PHE F 60 34.83 -2.40 -48.57
C PHE F 60 33.78 -1.91 -49.59
N GLU F 61 33.94 -0.69 -50.08
CA GLU F 61 33.04 -0.12 -51.09
C GLU F 61 32.92 -1.06 -52.30
N GLN F 62 31.70 -1.54 -52.56
CA GLN F 62 31.47 -2.57 -53.59
C GLN F 62 31.60 -2.03 -55.01
N VAL F 63 32.33 -2.76 -55.86
CA VAL F 63 32.56 -2.39 -57.25
C VAL F 63 32.85 -3.63 -58.10
N ASN F 64 32.19 -3.74 -59.26
CA ASN F 64 32.53 -4.74 -60.26
C ASN F 64 33.58 -4.18 -61.22
N LEU F 65 34.56 -5.00 -61.58
CA LEU F 65 35.63 -4.58 -62.48
C LEU F 65 35.11 -4.38 -63.90
N LEU F 66 34.30 -5.33 -64.38
CA LEU F 66 33.78 -5.29 -65.76
C LEU F 66 32.66 -4.26 -65.98
N ASP F 67 32.15 -3.63 -64.92
CA ASP F 67 31.25 -2.50 -65.05
C ASP F 67 32.08 -1.22 -65.18
N SER F 68 32.04 -0.60 -66.36
CA SER F 68 32.94 0.49 -66.70
C SER F 68 32.67 1.80 -65.96
N ASN F 69 31.39 2.15 -65.82
CA ASN F 69 31.00 3.39 -65.13
C ASN F 69 31.22 3.28 -63.62
N ALA F 70 31.05 2.08 -63.07
CA ALA F 70 31.31 1.83 -61.66
C ALA F 70 32.79 2.06 -61.31
N VAL F 71 33.66 1.44 -62.10
CA VAL F 71 35.11 1.62 -61.96
C VAL F 71 35.45 3.11 -62.08
N HIS F 72 34.88 3.76 -63.09
CA HIS F 72 35.11 5.18 -63.34
C HIS F 72 34.76 6.05 -62.14
N HIS F 73 33.55 5.85 -61.61
CA HIS F 73 33.05 6.69 -60.51
C HIS F 73 34.05 6.78 -59.35
N ILE F 74 34.34 5.63 -58.74
CA ILE F 74 35.14 5.59 -57.51
C ILE F 74 36.56 6.13 -57.67
N ILE F 75 37.19 5.86 -58.81
CA ILE F 75 38.53 6.39 -59.07
C ILE F 75 38.46 7.91 -59.21
N HIS F 76 37.55 8.38 -60.06
CA HIS F 76 37.35 9.80 -60.30
C HIS F 76 36.72 10.53 -59.10
N ASP F 77 36.26 9.78 -58.11
CA ASP F 77 35.65 10.33 -56.91
C ASP F 77 36.59 10.26 -55.68
N PHE F 78 37.47 9.25 -55.64
CA PHE F 78 38.30 9.00 -54.45
C PHE F 78 39.59 9.82 -54.39
N GLN F 79 40.23 10.03 -55.54
CA GLN F 79 41.56 10.65 -55.62
C GLN F 79 42.60 9.73 -54.96
N PRO F 80 42.94 8.61 -55.64
CA PRO F 80 43.87 7.63 -55.11
C PRO F 80 45.32 7.98 -55.38
N HIS F 81 46.17 7.79 -54.38
CA HIS F 81 47.62 7.94 -54.57
C HIS F 81 48.16 6.76 -55.39
N VAL F 82 47.71 5.55 -55.05
CA VAL F 82 48.19 4.30 -55.69
C VAL F 82 47.07 3.26 -55.80
N ILE F 83 47.16 2.41 -56.83
CA ILE F 83 46.17 1.35 -57.07
C ILE F 83 46.86 -0.01 -57.11
N VAL F 84 46.15 -1.06 -56.65
CA VAL F 84 46.67 -2.44 -56.68
C VAL F 84 45.61 -3.44 -57.17
N HIS F 85 45.78 -3.92 -58.39
CA HIS F 85 44.83 -4.86 -58.97
C HIS F 85 45.21 -6.31 -58.62
N CYS F 86 44.48 -6.90 -57.68
CA CYS F 86 44.77 -8.24 -57.20
C CYS F 86 43.96 -9.30 -57.94
N ALA F 87 44.65 -10.22 -58.60
CA ALA F 87 44.03 -11.39 -59.23
C ALA F 87 43.67 -12.41 -58.14
N ALA F 88 42.37 -12.68 -57.98
CA ALA F 88 41.83 -13.38 -56.80
C ALA F 88 41.51 -14.87 -57.02
N GLU F 89 41.56 -15.63 -55.92
CA GLU F 89 41.13 -17.03 -55.84
C GLU F 89 42.03 -18.03 -56.61
N ARG F 90 42.22 -19.22 -56.00
CA ARG F 90 43.10 -20.28 -56.49
C ARG F 90 42.34 -21.62 -56.66
N ARG F 91 43.11 -22.69 -56.88
CA ARG F 91 42.73 -24.10 -56.62
C ARG F 91 42.76 -25.02 -57.87
N PRO F 92 42.40 -24.49 -59.06
CA PRO F 92 42.77 -25.14 -60.34
C PRO F 92 43.89 -24.34 -61.05
N ASP F 93 45.12 -24.84 -61.18
CA ASP F 93 45.56 -26.26 -61.04
C ASP F 93 44.81 -27.19 -62.00
N VAL F 94 44.73 -26.74 -63.26
CA VAL F 94 44.27 -27.53 -64.40
C VAL F 94 45.11 -27.15 -65.61
N VAL F 107 38.19 -13.87 -71.19
CA VAL F 107 37.99 -13.88 -69.75
C VAL F 107 38.14 -12.46 -69.18
N ASP F 108 39.37 -11.94 -69.16
CA ASP F 108 39.68 -10.69 -68.46
C ASP F 108 40.18 -9.59 -69.41
N ALA F 109 39.63 -8.38 -69.22
CA ALA F 109 40.16 -7.16 -69.82
C ALA F 109 40.54 -6.21 -68.68
N SER F 110 41.83 -6.13 -68.37
CA SER F 110 42.34 -5.28 -67.28
C SER F 110 42.92 -3.96 -67.78
N GLY F 111 42.78 -3.71 -69.08
CA GLY F 111 43.28 -2.48 -69.70
C GLY F 111 42.49 -1.27 -69.22
N ASN F 112 41.18 -1.45 -69.10
CA ASN F 112 40.29 -0.42 -68.56
C ASN F 112 40.93 0.32 -67.40
N LEU F 113 41.53 -0.47 -66.50
CA LEU F 113 42.09 0.03 -65.24
C LEU F 113 43.25 1.00 -65.47
N ALA F 114 44.19 0.60 -66.31
CA ALA F 114 45.40 1.41 -66.54
C ALA F 114 45.09 2.78 -67.17
N LYS F 115 44.13 2.80 -68.10
CA LYS F 115 43.69 4.05 -68.71
C LYS F 115 43.33 5.11 -67.67
N GLU F 116 42.47 4.71 -66.73
CA GLU F 116 41.98 5.64 -65.70
C GLU F 116 42.79 5.60 -64.41
N ALA F 117 43.68 4.61 -64.27
CA ALA F 117 44.65 4.58 -63.17
C ALA F 117 45.65 5.71 -63.36
N ALA F 118 46.19 5.80 -64.58
CA ALA F 118 47.13 6.85 -64.94
C ALA F 118 46.44 8.19 -65.20
N ALA F 119 45.15 8.16 -65.56
CA ALA F 119 44.38 9.39 -65.76
C ALA F 119 44.56 10.32 -64.56
N VAL F 120 44.42 9.76 -63.36
CA VAL F 120 44.75 10.48 -62.11
C VAL F 120 46.20 10.17 -61.75
N GLY F 121 46.82 11.04 -60.96
CA GLY F 121 48.22 10.86 -60.55
C GLY F 121 48.44 9.64 -59.66
N ALA F 122 48.55 8.47 -60.28
CA ALA F 122 48.76 7.19 -59.56
C ALA F 122 49.15 6.09 -60.55
N PHE F 123 49.94 5.11 -60.08
CA PHE F 123 50.39 4.02 -60.96
C PHE F 123 49.82 2.64 -60.55
N LEU F 124 49.50 1.83 -61.57
CA LEU F 124 48.89 0.52 -61.39
C LEU F 124 49.94 -0.55 -61.15
N ILE F 125 49.62 -1.50 -60.29
CA ILE F 125 50.45 -2.68 -60.05
C ILE F 125 49.65 -3.95 -60.34
N TYR F 126 49.78 -4.45 -61.57
CA TYR F 126 49.10 -5.67 -61.98
C TYR F 126 49.79 -6.90 -61.41
N ILE F 127 49.10 -7.61 -60.51
CA ILE F 127 49.61 -8.84 -59.92
C ILE F 127 49.54 -9.94 -60.98
N SER F 128 50.56 -10.79 -61.04
CA SER F 128 50.57 -11.89 -62.01
C SER F 128 51.20 -13.18 -61.48
N SER F 129 51.19 -14.22 -62.32
CA SER F 129 51.52 -15.57 -61.90
C SER F 129 52.76 -16.12 -62.60
N ASP F 130 53.45 -17.01 -61.90
CA ASP F 130 54.57 -17.75 -62.49
C ASP F 130 54.10 -18.70 -63.62
N TYR F 131 52.78 -18.89 -63.76
CA TYR F 131 52.21 -19.65 -64.88
C TYR F 131 52.24 -18.81 -66.17
N VAL F 132 53.45 -18.46 -66.57
CA VAL F 132 53.74 -17.76 -67.83
C VAL F 132 54.99 -18.37 -68.48
N PHE F 133 55.96 -18.77 -67.65
CA PHE F 133 57.15 -19.47 -68.10
C PHE F 133 56.91 -20.99 -68.15
N ASP F 134 57.74 -21.69 -68.91
CA ASP F 134 57.56 -23.12 -69.17
C ASP F 134 58.00 -23.99 -67.99
N GLY F 135 58.89 -23.48 -67.16
CA GLY F 135 59.41 -24.24 -66.03
C GLY F 135 60.47 -25.25 -66.46
N THR F 136 61.59 -24.73 -66.96
CA THR F 136 62.73 -25.54 -67.42
C THR F 136 64.09 -24.89 -67.13
N ASN F 137 64.21 -23.59 -67.39
CA ASN F 137 65.45 -22.84 -67.18
C ASN F 137 65.38 -21.88 -65.99
N PRO F 138 65.33 -22.42 -64.76
CA PRO F 138 65.25 -21.54 -63.58
C PRO F 138 66.59 -20.91 -63.21
N PRO F 139 66.58 -19.79 -62.47
CA PRO F 139 65.40 -19.03 -62.08
C PRO F 139 65.01 -18.06 -63.20
N TYR F 140 63.75 -18.13 -63.65
CA TYR F 140 63.29 -17.28 -64.76
C TYR F 140 63.43 -15.79 -64.43
N ARG F 141 64.05 -15.06 -65.36
CA ARG F 141 64.41 -13.66 -65.15
C ARG F 141 63.21 -12.74 -65.38
N GLU F 142 63.31 -11.51 -64.89
CA GLU F 142 62.32 -10.48 -65.20
C GLU F 142 62.15 -10.32 -66.71
N GLU F 143 63.27 -10.25 -67.43
CA GLU F 143 63.25 -9.97 -68.88
C GLU F 143 63.19 -11.24 -69.74
N ASP F 144 63.10 -12.41 -69.10
CA ASP F 144 62.89 -13.66 -69.83
C ASP F 144 61.60 -13.62 -70.63
N ILE F 145 61.53 -14.51 -71.62
CA ILE F 145 60.41 -14.60 -72.54
C ILE F 145 59.47 -15.71 -72.05
N PRO F 146 58.16 -15.42 -71.97
CA PRO F 146 57.18 -16.38 -71.46
C PRO F 146 56.71 -17.43 -72.49
N ALA F 147 56.44 -18.65 -72.02
CA ALA F 147 55.96 -19.74 -72.87
C ALA F 147 55.17 -20.79 -72.06
N PRO F 148 53.90 -20.47 -71.72
CA PRO F 148 53.06 -21.35 -70.90
C PRO F 148 52.13 -22.23 -71.75
N LEU F 149 51.20 -22.93 -71.10
CA LEU F 149 50.30 -23.85 -71.80
C LEU F 149 48.86 -23.80 -71.28
N ASN F 150 47.92 -23.48 -72.17
CA ASN F 150 46.48 -23.66 -71.92
C ASN F 150 45.92 -22.75 -70.80
N LEU F 151 44.74 -23.13 -70.27
CA LEU F 151 44.00 -22.36 -69.26
C LEU F 151 44.90 -21.83 -68.14
N TYR F 152 44.85 -20.50 -67.95
CA TYR F 152 45.65 -19.76 -66.96
C TYR F 152 47.08 -19.45 -67.41
N GLY F 153 47.55 -20.10 -68.47
CA GLY F 153 48.90 -19.88 -68.99
C GLY F 153 49.05 -18.49 -69.58
N LYS F 154 48.87 -18.39 -70.89
CA LYS F 154 49.02 -17.11 -71.60
C LYS F 154 47.94 -16.11 -71.23
N THR F 155 46.79 -16.60 -70.77
CA THR F 155 45.68 -15.75 -70.35
C THR F 155 46.07 -14.71 -69.29
N LYS F 156 47.21 -14.90 -68.62
CA LYS F 156 47.77 -13.86 -67.75
C LYS F 156 48.54 -12.80 -68.55
N LEU F 157 49.21 -13.22 -69.62
CA LEU F 157 49.97 -12.28 -70.47
C LEU F 157 49.10 -11.22 -71.14
N ASP F 158 47.93 -11.64 -71.66
CA ASP F 158 47.01 -10.71 -72.32
C ASP F 158 46.66 -9.51 -71.41
N GLY F 159 46.53 -9.78 -70.12
CA GLY F 159 46.34 -8.74 -69.12
C GLY F 159 47.56 -7.88 -68.92
N GLU F 160 48.75 -8.48 -69.06
CA GLU F 160 50.00 -7.76 -68.94
C GLU F 160 50.23 -6.87 -70.16
N LYS F 161 49.95 -7.43 -71.35
CA LYS F 161 49.96 -6.65 -72.59
C LYS F 161 49.08 -5.42 -72.42
N ALA F 162 47.82 -5.66 -72.07
CA ALA F 162 46.81 -4.60 -71.94
C ALA F 162 47.15 -3.56 -70.87
N VAL F 163 47.82 -4.00 -69.80
CA VAL F 163 48.25 -3.09 -68.75
C VAL F 163 49.49 -2.32 -69.20
N LEU F 164 50.50 -3.05 -69.70
CA LEU F 164 51.77 -2.44 -70.06
C LEU F 164 51.61 -1.45 -71.22
N GLU F 165 50.98 -1.89 -72.32
CA GLU F 165 50.68 -0.98 -73.44
C GLU F 165 49.50 -0.09 -73.02
N ASN F 166 49.69 1.22 -73.21
CA ASN F 166 48.93 2.27 -72.51
C ASN F 166 49.38 2.47 -71.05
N ASN F 167 50.60 2.00 -70.74
CA ASN F 167 51.26 2.25 -69.47
C ASN F 167 50.42 1.81 -68.26
N ALA F 171 53.25 -1.22 -63.53
CA ALA F 171 54.05 -2.34 -63.05
C ALA F 171 53.35 -3.67 -63.33
N VAL F 172 54.13 -4.74 -63.34
CA VAL F 172 53.59 -6.10 -63.46
C VAL F 172 54.32 -7.00 -62.45
N LEU F 173 53.82 -7.03 -61.22
CA LEU F 173 54.47 -7.75 -60.12
C LEU F 173 54.03 -9.21 -60.03
N ARG F 174 54.84 -10.10 -60.61
CA ARG F 174 54.54 -11.54 -60.60
C ARG F 174 54.79 -12.14 -59.22
N ILE F 175 54.04 -13.21 -58.93
CA ILE F 175 54.17 -13.93 -57.66
C ILE F 175 53.86 -15.41 -57.87
N PRO F 176 54.41 -16.28 -57.01
CA PRO F 176 54.19 -17.71 -57.09
C PRO F 176 52.88 -18.12 -56.41
N ILE F 177 52.74 -19.40 -56.08
CA ILE F 177 51.58 -19.88 -55.34
C ILE F 177 51.51 -19.22 -53.96
N LEU F 178 50.30 -18.87 -53.55
CA LEU F 178 50.06 -18.06 -52.36
C LEU F 178 49.38 -18.85 -51.25
N TYR F 179 49.78 -18.51 -50.02
CA TYR F 179 49.04 -18.89 -48.82
C TYR F 179 48.85 -17.64 -47.97
N GLY F 180 48.18 -17.81 -46.84
CA GLY F 180 47.94 -16.72 -45.92
C GLY F 180 46.84 -17.08 -44.95
N GLU F 181 46.37 -16.10 -44.18
CA GLU F 181 45.34 -16.32 -43.17
C GLU F 181 43.95 -16.35 -43.83
N VAL F 182 43.55 -17.56 -44.22
CA VAL F 182 42.35 -17.78 -45.03
C VAL F 182 41.07 -17.93 -44.18
N GLU F 183 39.98 -17.38 -44.70
CA GLU F 183 38.66 -17.54 -44.08
C GLU F 183 38.03 -18.90 -44.44
N LYS F 184 38.45 -19.46 -45.57
CA LYS F 184 38.05 -20.80 -45.98
C LYS F 184 39.24 -21.48 -46.64
N LEU F 185 39.42 -22.76 -46.36
CA LEU F 185 40.57 -23.54 -46.84
C LEU F 185 40.82 -23.45 -48.35
N GLU F 186 39.76 -23.27 -49.13
CA GLU F 186 39.84 -23.22 -50.59
C GLU F 186 40.36 -21.88 -51.16
N GLU F 187 40.55 -20.88 -50.30
CA GLU F 187 41.13 -19.60 -50.72
C GLU F 187 42.61 -19.68 -51.12
N SER F 188 43.28 -20.78 -50.76
CA SER F 188 44.67 -20.99 -51.14
C SER F 188 44.87 -22.42 -51.55
N ALA F 189 45.74 -22.61 -52.55
CA ALA F 189 46.10 -23.94 -53.04
C ALA F 189 46.98 -24.69 -52.05
N VAL F 190 47.55 -23.96 -51.09
CA VAL F 190 48.33 -24.54 -50.00
C VAL F 190 47.38 -25.04 -48.90
N THR F 191 46.43 -24.20 -48.51
CA THR F 191 45.57 -24.48 -47.36
C THR F 191 44.55 -25.61 -47.58
N VAL F 192 44.11 -25.85 -48.83
CA VAL F 192 43.15 -26.96 -49.13
C VAL F 192 43.60 -28.31 -48.62
N MET F 193 44.92 -28.52 -48.60
CA MET F 193 45.52 -29.80 -48.21
C MET F 193 45.28 -30.14 -46.73
N PHE F 194 45.07 -29.13 -45.90
CA PHE F 194 45.05 -29.32 -44.44
C PHE F 194 44.16 -30.47 -43.99
N ASP F 195 42.97 -30.61 -44.58
CA ASP F 195 42.08 -31.72 -44.25
C ASP F 195 42.80 -33.05 -44.47
N LYS F 196 43.36 -33.22 -45.65
CA LYS F 196 44.08 -34.46 -45.99
C LYS F 196 45.24 -34.75 -45.03
N VAL F 197 45.88 -33.70 -44.53
CA VAL F 197 46.96 -33.85 -43.53
C VAL F 197 46.41 -34.37 -42.19
N GLN F 198 45.22 -33.91 -41.80
CA GLN F 198 44.63 -34.30 -40.52
C GLN F 198 44.09 -35.73 -40.53
N PHE F 199 43.30 -36.06 -41.55
CA PHE F 199 42.62 -37.35 -41.59
C PHE F 199 43.56 -38.48 -42.01
N SER F 200 44.17 -39.13 -41.02
CA SER F 200 45.01 -40.31 -41.24
C SER F 200 44.16 -41.49 -41.72
N ASN F 201 43.04 -41.73 -41.02
CA ASN F 201 42.09 -42.81 -41.34
C ASN F 201 41.93 -43.14 -42.84
N LYS F 202 42.08 -42.15 -43.71
CA LYS F 202 42.19 -42.38 -45.16
C LYS F 202 43.42 -41.67 -45.72
N SER F 203 44.26 -42.43 -46.42
CA SER F 203 45.50 -41.90 -46.97
C SER F 203 45.23 -41.12 -48.25
N ALA F 204 46.19 -40.25 -48.59
CA ALA F 204 46.12 -39.47 -49.81
C ALA F 204 47.50 -39.30 -50.42
N ASN F 205 47.52 -39.02 -51.72
CA ASN F 205 48.75 -38.85 -52.48
C ASN F 205 49.00 -37.37 -52.78
N MET F 206 50.22 -36.91 -52.54
CA MET F 206 50.61 -35.51 -52.78
C MET F 206 51.60 -35.42 -53.93
N ASP F 207 51.47 -34.37 -54.73
CA ASP F 207 52.30 -34.17 -55.92
C ASP F 207 53.71 -33.70 -55.54
N HIS F 208 54.71 -34.53 -55.82
CA HIS F 208 56.12 -34.16 -55.61
C HIS F 208 56.78 -33.69 -56.91
N TRP F 209 56.01 -33.67 -58.00
CA TRP F 209 56.50 -33.24 -59.31
C TRP F 209 56.90 -31.76 -59.32
N GLN F 210 55.96 -30.90 -58.93
CA GLN F 210 56.08 -29.46 -59.15
C GLN F 210 56.76 -28.72 -57.99
N GLN F 211 57.93 -28.17 -58.27
CA GLN F 211 58.64 -27.27 -57.34
C GLN F 211 57.92 -25.92 -57.31
N ARG F 212 57.66 -25.40 -56.11
CA ARG F 212 57.02 -24.11 -55.94
C ARG F 212 57.60 -23.38 -54.72
N PHE F 213 57.28 -22.09 -54.62
CA PHE F 213 57.71 -21.26 -53.48
C PHE F 213 56.49 -20.65 -52.78
N PRO F 214 55.93 -21.35 -51.78
CA PRO F 214 54.74 -20.83 -51.13
C PRO F 214 55.03 -19.48 -50.49
N THR F 215 54.27 -18.46 -50.89
CA THR F 215 54.55 -17.09 -50.44
C THR F 215 53.36 -16.48 -49.66
N HIS F 216 53.63 -16.08 -48.42
CA HIS F 216 52.63 -15.45 -47.56
C HIS F 216 52.13 -14.15 -48.22
N VAL F 217 50.83 -14.09 -48.54
CA VAL F 217 50.23 -12.88 -49.10
C VAL F 217 50.61 -11.63 -48.30
N LYS F 218 50.82 -11.79 -46.99
CA LYS F 218 51.25 -10.72 -46.11
C LYS F 218 52.66 -10.22 -46.43
N ASP F 219 53.53 -11.13 -46.87
CA ASP F 219 54.86 -10.76 -47.35
C ASP F 219 54.73 -9.97 -48.64
N VAL F 220 53.81 -10.37 -49.51
CA VAL F 220 53.50 -9.63 -50.74
C VAL F 220 52.84 -8.28 -50.42
N ALA F 221 52.04 -8.25 -49.35
CA ALA F 221 51.35 -7.04 -48.94
C ALA F 221 52.33 -5.91 -48.64
N THR F 222 53.46 -6.28 -48.02
CA THR F 222 54.49 -5.31 -47.68
C THR F 222 55.29 -4.94 -48.93
N VAL F 223 55.73 -5.94 -49.68
CA VAL F 223 56.38 -5.70 -50.97
C VAL F 223 55.60 -4.67 -51.79
N CYS F 224 54.28 -4.83 -51.85
CA CYS F 224 53.42 -3.89 -52.57
C CYS F 224 53.40 -2.50 -51.94
N ARG F 225 53.47 -2.44 -50.60
CA ARG F 225 53.56 -1.15 -49.90
C ARG F 225 54.91 -0.47 -50.15
N GLN F 226 55.95 -1.27 -50.39
CA GLN F 226 57.30 -0.75 -50.61
C GLN F 226 57.51 -0.23 -52.03
N LEU F 227 56.91 -0.90 -53.02
CA LEU F 227 56.98 -0.46 -54.42
C LEU F 227 56.09 0.77 -54.69
N ALA F 228 55.26 1.14 -53.71
CA ALA F 228 54.45 2.34 -53.78
C ALA F 228 55.06 3.48 -52.96
N GLU F 229 55.45 3.17 -51.71
CA GLU F 229 56.10 4.14 -50.81
C GLU F 229 57.29 4.84 -51.46
N LYS F 230 57.97 4.15 -52.38
CA LYS F 230 59.15 4.69 -53.06
C LYS F 230 58.88 5.33 -54.42
N ARG F 231 58.11 4.65 -55.27
CA ARG F 231 57.89 5.10 -56.66
C ARG F 231 57.34 6.53 -56.75
N MET F 232 56.55 6.94 -55.76
CA MET F 232 56.03 8.31 -55.72
C MET F 232 57.18 9.32 -55.57
N LEU F 233 58.26 8.90 -54.91
CA LEU F 233 59.48 9.71 -54.75
C LEU F 233 60.50 9.45 -55.85
N ASP F 234 60.80 8.16 -56.08
CA ASP F 234 61.80 7.75 -57.07
C ASP F 234 61.17 7.04 -58.26
N PRO F 235 60.67 7.82 -59.24
CA PRO F 235 60.38 7.21 -60.54
C PRO F 235 61.66 6.61 -61.17
N SER F 236 61.57 6.02 -62.36
CA SER F 236 60.29 5.68 -62.99
C SER F 236 60.18 4.17 -62.89
N ILE F 237 59.72 3.72 -61.73
CA ILE F 237 59.68 2.30 -61.40
C ILE F 237 58.52 1.62 -62.10
N LYS F 238 58.82 0.90 -63.18
CA LYS F 238 57.83 0.11 -63.91
C LYS F 238 58.52 -1.02 -64.68
N GLY F 239 57.77 -1.71 -65.54
CA GLY F 239 58.27 -2.91 -66.22
C GLY F 239 58.00 -4.13 -65.36
N THR F 240 58.23 -5.32 -65.91
CA THR F 240 57.86 -6.57 -65.23
C THR F 240 58.77 -6.86 -64.02
N PHE F 241 58.14 -7.18 -62.89
CA PHE F 241 58.84 -7.40 -61.62
C PHE F 241 58.55 -8.80 -61.06
N HIS F 242 59.39 -9.26 -60.14
CA HIS F 242 59.32 -10.60 -59.60
C HIS F 242 59.47 -10.58 -58.09
N TRP F 243 58.51 -11.19 -57.36
CA TRP F 243 58.70 -11.48 -55.93
C TRP F 243 58.41 -12.94 -55.60
N SER F 244 59.07 -13.44 -54.56
CA SER F 244 58.85 -14.79 -54.04
C SER F 244 59.56 -14.97 -52.70
N GLY F 245 59.04 -15.88 -51.86
CA GLY F 245 59.74 -16.28 -50.64
C GLY F 245 60.93 -17.12 -50.99
N ASN F 246 61.79 -17.41 -50.00
CA ASN F 246 63.04 -18.15 -50.25
C ASN F 246 63.00 -19.67 -50.01
N GLU F 247 61.82 -20.22 -49.74
CA GLU F 247 61.68 -21.64 -49.37
C GLU F 247 61.12 -22.46 -50.52
N GLN F 248 61.92 -23.40 -51.04
CA GLN F 248 61.52 -24.24 -52.15
C GLN F 248 60.81 -25.48 -51.63
N MET F 249 59.59 -25.72 -52.09
CA MET F 249 58.81 -26.87 -51.66
C MET F 249 57.91 -27.42 -52.77
N THR F 250 57.50 -28.67 -52.59
CA THR F 250 56.50 -29.32 -53.43
C THR F 250 55.24 -29.55 -52.59
N LYS F 251 54.15 -29.95 -53.23
CA LYS F 251 52.90 -30.25 -52.53
C LYS F 251 53.15 -31.19 -51.35
N TYR F 252 53.81 -32.31 -51.60
CA TYR F 252 54.10 -33.31 -50.57
C TYR F 252 54.93 -32.73 -49.42
N GLU F 253 55.93 -31.93 -49.76
CA GLU F 253 56.81 -31.35 -48.73
C GLU F 253 56.07 -30.30 -47.89
N MET F 254 55.14 -29.60 -48.53
CA MET F 254 54.29 -28.64 -47.84
C MET F 254 53.36 -29.34 -46.85
N ALA F 255 52.76 -30.45 -47.30
CA ALA F 255 51.92 -31.29 -46.43
C ALA F 255 52.69 -31.76 -45.19
N CYS F 256 53.92 -32.23 -45.38
CA CYS F 256 54.74 -32.71 -44.28
C CYS F 256 55.29 -31.57 -43.42
N ALA F 257 55.48 -30.40 -44.03
CA ALA F 257 55.87 -29.20 -43.29
C ALA F 257 54.75 -28.77 -42.35
N ILE F 258 53.51 -28.86 -42.84
CA ILE F 258 52.30 -28.53 -42.07
C ILE F 258 52.08 -29.51 -40.92
N ALA F 259 52.16 -30.81 -41.21
CA ALA F 259 52.01 -31.85 -40.20
C ALA F 259 53.01 -31.64 -39.06
N ASP F 260 54.28 -31.46 -39.42
CA ASP F 260 55.35 -31.31 -38.43
C ASP F 260 55.26 -29.99 -37.67
N ALA F 261 54.59 -29.00 -38.24
CA ALA F 261 54.31 -27.75 -37.54
C ALA F 261 53.26 -27.96 -36.44
N PHE F 262 52.28 -28.82 -36.70
CA PHE F 262 51.22 -29.12 -35.74
C PHE F 262 51.48 -30.41 -34.96
N ASN F 263 52.67 -31.00 -35.14
CA ASN F 263 53.05 -32.25 -34.47
C ASN F 263 52.09 -33.39 -34.82
N LEU F 264 51.82 -33.53 -36.11
CA LEU F 264 50.85 -34.51 -36.62
C LEU F 264 51.53 -35.61 -37.43
N PRO F 265 50.86 -36.78 -37.57
CA PRO F 265 51.42 -37.88 -38.36
C PRO F 265 51.26 -37.64 -39.87
N SER F 266 52.36 -37.76 -40.60
CA SER F 266 52.38 -37.56 -42.05
C SER F 266 52.58 -38.86 -42.83
N SER F 267 52.69 -39.98 -42.12
CA SER F 267 52.99 -41.28 -42.74
C SER F 267 51.96 -41.71 -43.79
N HIS F 268 50.72 -41.25 -43.62
CA HIS F 268 49.63 -41.56 -44.56
C HIS F 268 49.74 -40.80 -45.89
N LEU F 269 50.59 -39.78 -45.96
CA LEU F 269 50.82 -39.07 -47.20
C LEU F 269 51.75 -39.88 -48.11
N ARG F 270 51.47 -39.84 -49.41
CA ARG F 270 52.20 -40.62 -50.42
C ARG F 270 52.72 -39.70 -51.53
N PRO F 271 54.04 -39.66 -51.73
CA PRO F 271 54.53 -38.83 -52.85
C PRO F 271 54.24 -39.50 -54.20
N ILE F 272 54.06 -38.67 -55.23
CA ILE F 272 53.99 -39.16 -56.61
C ILE F 272 54.82 -38.23 -57.50
N GLN F 281 50.40 -30.32 -67.99
CA GLN F 281 50.47 -29.10 -68.79
C GLN F 281 51.02 -27.91 -68.00
N ARG F 282 51.67 -28.18 -66.87
CA ARG F 282 52.09 -27.14 -65.93
C ARG F 282 53.61 -27.10 -65.81
N PRO F 283 54.17 -25.92 -65.48
CA PRO F 283 55.63 -25.83 -65.37
C PRO F 283 56.20 -26.72 -64.29
N ARG F 284 57.34 -27.36 -64.59
CA ARG F 284 57.99 -28.28 -63.65
C ARG F 284 58.60 -27.47 -62.50
N ASN F 285 59.31 -26.41 -62.85
CA ASN F 285 59.87 -25.49 -61.86
C ASN F 285 60.09 -24.12 -62.49
N ALA F 286 59.16 -23.21 -62.24
CA ALA F 286 59.24 -21.87 -62.79
C ALA F 286 59.64 -20.86 -61.73
N GLN F 287 60.70 -21.15 -60.97
CA GLN F 287 61.13 -20.27 -59.88
C GLN F 287 61.27 -18.83 -60.40
N LEU F 288 60.83 -17.88 -59.58
CA LEU F 288 60.83 -16.48 -59.97
C LEU F 288 62.10 -15.80 -59.46
N ASP F 289 62.96 -15.41 -60.41
CA ASP F 289 64.22 -14.74 -60.10
C ASP F 289 63.92 -13.37 -59.50
N CYS F 290 63.81 -13.33 -58.18
CA CYS F 290 63.48 -12.10 -57.48
C CYS F 290 64.73 -11.24 -57.34
N SER F 291 64.97 -10.43 -58.38
CA SER F 291 66.20 -9.65 -58.48
C SER F 291 65.98 -8.16 -58.28
N LYS F 292 65.20 -7.53 -59.16
CA LYS F 292 65.00 -6.07 -59.15
C LYS F 292 64.65 -5.49 -57.78
N LEU F 293 63.55 -5.96 -57.19
CA LEU F 293 63.05 -5.41 -55.91
C LEU F 293 63.94 -5.84 -54.75
N GLU F 294 64.54 -7.02 -54.89
CA GLU F 294 65.54 -7.48 -53.93
C GLU F 294 66.82 -6.67 -54.10
N THR F 295 67.15 -6.31 -55.36
CA THR F 295 68.30 -5.45 -55.68
C THR F 295 68.17 -4.07 -55.03
N LEU F 296 66.96 -3.52 -55.03
CA LEU F 296 66.73 -2.26 -54.33
C LEU F 296 66.92 -2.44 -52.82
N GLY F 297 66.02 -3.21 -52.20
CA GLY F 297 66.04 -3.43 -50.75
C GLY F 297 64.72 -3.05 -50.10
N GLY F 299 61.84 -5.74 -49.23
CA GLY F 299 61.04 -6.96 -49.16
C GLY F 299 60.78 -7.44 -47.74
N GLN F 300 60.24 -8.65 -47.62
CA GLN F 300 59.93 -9.25 -46.32
C GLN F 300 59.72 -10.76 -46.48
N ARG F 301 60.16 -11.53 -45.48
CA ARG F 301 60.04 -12.98 -45.52
C ARG F 301 59.63 -13.58 -44.17
N THR F 302 58.51 -14.30 -44.18
CA THR F 302 58.01 -15.02 -43.01
C THR F 302 58.29 -16.50 -43.23
N PRO F 303 59.02 -17.15 -42.29
CA PRO F 303 59.26 -18.59 -42.42
C PRO F 303 57.95 -19.38 -42.55
N PHE F 304 57.93 -20.34 -43.48
CA PHE F 304 56.74 -21.12 -43.80
C PHE F 304 56.14 -21.82 -42.58
N ARG F 305 56.99 -22.51 -41.82
CA ARG F 305 56.55 -23.29 -40.65
C ARG F 305 55.87 -22.45 -39.56
N ILE F 306 56.14 -21.15 -39.55
CA ILE F 306 55.48 -20.22 -38.63
C ILE F 306 54.23 -19.59 -39.26
N GLY F 307 54.35 -19.21 -40.53
CA GLY F 307 53.27 -18.53 -41.25
C GLY F 307 52.08 -19.42 -41.56
N ILE F 308 52.36 -20.69 -41.88
CA ILE F 308 51.30 -21.66 -42.18
C ILE F 308 50.62 -22.16 -40.89
N LYS F 309 51.37 -22.18 -39.80
CA LYS F 309 50.85 -22.54 -38.49
C LYS F 309 49.90 -21.45 -38.01
N GLU F 310 50.33 -20.20 -38.13
CA GLU F 310 49.49 -19.04 -37.83
C GLU F 310 48.21 -18.99 -38.67
N SER F 311 48.29 -19.45 -39.91
CA SER F 311 47.17 -19.40 -40.85
C SER F 311 46.17 -20.55 -40.70
N LEU F 312 46.64 -21.74 -40.34
CA LEU F 312 45.82 -22.96 -40.40
C LEU F 312 45.30 -23.48 -39.08
N TRP F 313 45.69 -22.87 -37.96
CA TRP F 313 45.23 -23.35 -36.67
C TRP F 313 43.70 -23.27 -36.47
N PRO F 314 43.03 -22.25 -37.07
CA PRO F 314 41.58 -22.23 -36.88
C PRO F 314 40.83 -23.32 -37.64
N PHE F 315 41.52 -24.07 -38.49
CA PHE F 315 40.90 -25.17 -39.22
C PHE F 315 41.30 -26.53 -38.66
N LEU F 316 41.90 -26.52 -37.47
CA LEU F 316 42.14 -27.75 -36.73
C LEU F 316 40.79 -28.37 -36.38
N ILE F 317 40.64 -29.66 -36.67
CA ILE F 317 39.42 -30.42 -36.39
C ILE F 317 38.75 -29.96 -35.08
N ASP F 318 39.51 -29.99 -33.99
CA ASP F 318 38.98 -29.72 -32.66
C ASP F 318 38.41 -28.31 -32.54
N LYS F 319 39.02 -27.35 -33.25
CA LYS F 319 38.56 -25.97 -33.19
C LYS F 319 37.27 -25.83 -33.99
N ARG F 320 37.24 -26.44 -35.17
CA ARG F 320 36.08 -26.41 -36.06
C ARG F 320 34.81 -26.95 -35.39
N TRP F 321 34.95 -28.04 -34.64
CA TRP F 321 33.86 -28.57 -33.80
C TRP F 321 33.32 -27.51 -32.85
N ARG F 322 34.21 -26.70 -32.28
CA ARG F 322 33.85 -25.69 -31.29
C ARG F 322 33.26 -24.40 -31.87
N GLN F 323 33.34 -24.25 -33.20
CA GLN F 323 32.96 -23.00 -33.87
C GLN F 323 31.48 -22.98 -34.25
N THR F 324 30.66 -22.88 -33.23
CA THR F 324 29.23 -22.73 -33.40
C THR F 324 28.83 -21.35 -32.88
N VAL F 325 27.66 -20.88 -33.29
CA VAL F 325 27.18 -19.58 -32.85
C VAL F 325 26.83 -19.61 -31.36
N PHE F 326 26.21 -20.70 -30.91
CA PHE F 326 25.86 -20.86 -29.51
C PHE F 326 26.60 -22.05 -28.95
N HIS F 327 26.93 -21.95 -27.67
CA HIS F 327 27.55 -23.04 -26.92
C HIS F 327 26.61 -24.23 -26.84
#